data_2ZPA
#
_entry.id   2ZPA
#
_cell.length_a   61.298
_cell.length_b   100.990
_cell.length_c   263.116
_cell.angle_alpha   90.00
_cell.angle_beta   90.00
_cell.angle_gamma   90.00
#
_symmetry.space_group_name_H-M   'P 21 21 21'
#
loop_
_entity.id
_entity.type
_entity.pdbx_description
1 polymer 'Uncharacterized protein ypfI'
2 non-polymer 'ACETYL COENZYME *A'
3 non-polymer "ADENOSINE-5'-DIPHOSPHATE"
4 non-polymer 'SULFATE ION'
5 water water
#
_entity_poly.entity_id   1
_entity_poly.type   'polypeptide(L)'
_entity_poly.pdbx_seq_one_letter_code
;(MSE)AELTALHTLTAQ(MSE)KREGIRRLLVLSGEEGWCFEHTLKLRDALPGDWLWISPRPDAENHCSPSALQTLLGRE
FRHAVFDARHGFDAAAFAALSGTLKAGSWLVLLLPVWEEWENQPDADSLRWSDCPDPIATPHFVQHLKRVLTADNEAILW
RQNQPFSLAHFTPRTDWYPATGAPQPEQQQLLKQL(MSE)T(MSE)PPGVAAVTAARGRGKSALAGQLISRIAGRAIVTA
PAKASTDVLAQFAGEKFRFIAPDALLASDEQADWLVVDEAAAIPAPLLHQLVSRFPRTLLTTTVQGYEGTGRGFLLKFCA
RFPHLHRFELQQPIRWAQGCPLEK(MSE)VSEALVFDDENFTHTPQGNIVISAFEQTLWQSDPETPLKVYQLLSGAHYRT
SPLDLRR(MSE)(MSE)DAPGQHFLQAAGENEIAGALWLVDEGGLSQQLSQAVWAGFRRPRGNLVAQSLAAHGNNPLAAT
LRGRRVSRIAVHPARQREGTGRQLIAGALQYTQDLDYLSVSFGYTGELWRFWQRCGFVLVR(MSE)GNHREASSGCYTA
(MSE)ALLP(MSE)SDAGKQLAEREHYRLRRDAQALAQWNGETLPVDPLNDAVLSDDDWLELAGFAFAHRPLLTSLGCLL
RLLQTSELALPALRGRLQKNASDAQLCTTLKLSGRK(MSE)LLVRQREEAAQALFALNDVRTERLRDRITQWQLFH
;
_entity_poly.pdbx_strand_id   A,B
#
# COMPACT_ATOMS: atom_id res chain seq x y z
N ALA A 2 1.19 -55.74 -60.74
CA ALA A 2 0.56 -56.56 -59.69
C ALA A 2 0.02 -55.68 -58.54
N GLU A 3 0.96 -55.19 -57.67
CA GLU A 3 0.86 -54.27 -56.49
C GLU A 3 0.44 -52.81 -56.89
N LEU A 4 1.09 -52.32 -58.00
CA LEU A 4 0.81 -50.99 -58.58
C LEU A 4 -0.56 -51.01 -59.25
N THR A 5 -0.86 -52.13 -59.91
CA THR A 5 -2.13 -52.29 -60.59
C THR A 5 -3.29 -52.24 -59.59
N ALA A 6 -3.10 -52.88 -58.44
CA ALA A 6 -4.11 -52.88 -57.40
C ALA A 6 -4.15 -51.49 -56.76
N LEU A 7 -2.99 -50.82 -56.76
CA LEU A 7 -2.88 -49.48 -56.18
C LEU A 7 -3.57 -48.45 -57.07
N HIS A 8 -3.64 -48.73 -58.37
CA HIS A 8 -4.28 -47.84 -59.33
C HIS A 8 -5.81 -47.95 -59.16
N THR A 9 -6.29 -49.16 -58.94
CA THR A 9 -7.71 -49.41 -58.77
C THR A 9 -8.23 -48.79 -57.47
N LEU A 10 -7.47 -48.95 -56.38
CA LEU A 10 -7.86 -48.40 -55.08
C LEU A 10 -7.97 -46.88 -55.14
N THR A 11 -7.10 -46.27 -55.94
CA THR A 11 -7.10 -44.82 -56.07
C THR A 11 -8.40 -44.30 -56.66
N ALA A 12 -8.94 -45.04 -57.63
CA ALA A 12 -10.20 -44.66 -58.27
C ALA A 12 -11.29 -44.76 -57.23
N GLN A 13 -11.24 -45.81 -56.43
CA GLN A 13 -12.25 -45.99 -55.38
C GLN A 13 -12.16 -44.80 -54.42
N LYS A 15 -10.87 -41.82 -54.74
CA LYS A 15 -11.33 -40.58 -55.35
C LYS A 15 -12.85 -40.55 -55.47
N ARG A 16 -13.44 -41.71 -55.71
CA ARG A 16 -14.89 -41.81 -55.85
C ARG A 16 -15.57 -41.63 -54.49
N GLU A 17 -14.94 -42.16 -53.45
CA GLU A 17 -15.48 -42.08 -52.10
C GLU A 17 -15.19 -40.73 -51.45
N GLY A 18 -14.33 -39.94 -52.09
CA GLY A 18 -13.98 -38.63 -51.59
C GLY A 18 -13.00 -38.64 -50.42
N ILE A 19 -12.19 -39.68 -50.31
CA ILE A 19 -11.23 -39.77 -49.22
C ILE A 19 -9.79 -39.74 -49.70
N ARG A 20 -8.86 -39.63 -48.75
CA ARG A 20 -7.42 -39.63 -49.05
C ARG A 20 -6.88 -40.79 -48.24
N ARG A 21 -5.67 -41.25 -48.56
CA ARG A 21 -5.11 -42.35 -47.79
C ARG A 21 -3.60 -42.22 -47.58
N LEU A 22 -3.10 -42.88 -46.54
CA LEU A 22 -1.67 -42.86 -46.21
C LEU A 22 -0.95 -44.12 -46.70
N LEU A 23 0.14 -43.92 -47.43
CA LEU A 23 0.97 -45.01 -47.93
C LEU A 23 2.35 -44.83 -47.32
N VAL A 24 2.78 -45.78 -46.51
CA VAL A 24 4.07 -45.69 -45.87
C VAL A 24 5.08 -46.54 -46.60
N LEU A 25 6.24 -45.94 -46.82
CA LEU A 25 7.35 -46.60 -47.48
C LEU A 25 8.47 -46.60 -46.44
N SER A 26 8.76 -47.78 -45.90
CA SER A 26 9.81 -47.88 -44.91
C SER A 26 10.88 -48.85 -45.41
N GLY A 27 12.09 -48.35 -45.53
CA GLY A 27 13.20 -49.16 -46.01
C GLY A 27 14.37 -48.25 -46.28
N GLU A 28 15.41 -48.78 -46.92
CA GLU A 28 16.61 -48.00 -47.22
C GLU A 28 16.24 -46.78 -48.06
N GLU A 29 17.03 -45.72 -47.97
CA GLU A 29 16.73 -44.51 -48.72
C GLU A 29 16.53 -44.78 -50.21
N GLY A 30 17.49 -45.50 -50.80
CA GLY A 30 17.42 -45.82 -52.22
C GLY A 30 16.14 -46.55 -52.59
N TRP A 31 15.80 -47.58 -51.81
CA TRP A 31 14.60 -48.36 -52.05
C TRP A 31 13.37 -47.42 -51.98
N CYS A 32 13.29 -46.64 -50.91
CA CYS A 32 12.16 -45.71 -50.76
C CYS A 32 11.99 -44.84 -51.99
N PHE A 33 13.09 -44.24 -52.45
CA PHE A 33 13.00 -43.37 -53.60
C PHE A 33 12.54 -44.02 -54.91
N GLU A 34 13.03 -45.23 -55.17
CA GLU A 34 12.68 -45.93 -56.39
C GLU A 34 11.18 -46.20 -56.39
N HIS A 35 10.61 -46.37 -55.21
CA HIS A 35 9.19 -46.62 -55.14
C HIS A 35 8.34 -45.38 -55.38
N THR A 36 8.89 -44.19 -55.10
CA THR A 36 8.14 -42.96 -55.34
C THR A 36 8.12 -42.71 -56.84
N LEU A 37 9.19 -43.15 -57.50
CA LEU A 37 9.34 -43.00 -58.95
C LEU A 37 8.28 -43.88 -59.61
N LYS A 38 8.19 -45.13 -59.17
CA LYS A 38 7.22 -46.08 -59.72
C LYS A 38 5.79 -45.68 -59.39
N LEU A 39 5.59 -45.11 -58.21
CA LEU A 39 4.26 -44.68 -57.77
C LEU A 39 3.73 -43.47 -58.52
N ARG A 40 4.59 -42.54 -58.91
CA ARG A 40 4.09 -41.36 -59.61
C ARG A 40 3.66 -41.60 -61.05
N ASP A 41 4.42 -42.38 -61.81
CA ASP A 41 4.03 -42.63 -63.19
C ASP A 41 2.86 -43.62 -63.25
N ALA A 42 2.65 -44.37 -62.18
CA ALA A 42 1.54 -45.32 -62.13
C ALA A 42 0.25 -44.58 -61.73
N LEU A 43 0.38 -43.61 -60.83
CA LEU A 43 -0.75 -42.79 -60.37
C LEU A 43 -0.42 -41.33 -60.70
N PRO A 44 -0.78 -40.89 -61.91
CA PRO A 44 -0.46 -39.50 -62.27
C PRO A 44 -1.16 -38.45 -61.42
N GLY A 45 -0.44 -37.39 -61.13
CA GLY A 45 -0.97 -36.32 -60.32
C GLY A 45 0.09 -35.25 -60.20
N ASP A 46 -0.07 -34.36 -59.22
CA ASP A 46 0.88 -33.29 -59.01
C ASP A 46 2.12 -33.80 -58.25
N TRP A 47 1.89 -34.72 -57.32
CA TRP A 47 2.96 -35.27 -56.51
C TRP A 47 3.91 -34.23 -55.91
N LEU A 48 3.35 -33.34 -55.10
CA LEU A 48 4.16 -32.35 -54.41
C LEU A 48 5.11 -33.08 -53.48
N TRP A 49 6.38 -32.69 -53.47
CA TRP A 49 7.34 -33.30 -52.58
C TRP A 49 7.63 -32.30 -51.48
N ILE A 50 7.56 -32.73 -50.24
CA ILE A 50 7.87 -31.84 -49.14
C ILE A 50 8.93 -32.51 -48.27
N SER A 51 10.03 -31.77 -48.06
CA SER A 51 11.19 -32.21 -47.24
C SER A 51 11.80 -31.09 -46.31
N PRO A 52 12.54 -31.50 -45.22
CA PRO A 52 13.19 -30.57 -44.19
C PRO A 52 14.40 -29.64 -44.41
N ARG A 53 14.45 -28.38 -43.95
CA ARG A 53 15.68 -27.61 -43.97
C ARG A 53 15.50 -26.24 -43.34
N PRO A 54 16.50 -25.43 -42.84
CA PRO A 54 16.16 -24.10 -42.20
C PRO A 54 15.22 -23.20 -42.99
N GLN A 66 5.80 -21.63 -49.05
CA GLN A 66 5.02 -22.79 -48.65
C GLN A 66 4.15 -23.28 -49.80
N THR A 67 3.67 -24.46 -50.02
CA THR A 67 2.54 -24.04 -50.91
C THR A 67 1.19 -24.08 -50.21
N LEU A 68 1.06 -24.05 -48.89
CA LEU A 68 -0.33 -24.07 -48.38
C LEU A 68 -0.99 -22.66 -48.46
N LEU A 69 -1.00 -22.11 -49.68
CA LEU A 69 -1.71 -20.91 -50.03
C LEU A 69 -3.07 -21.54 -50.24
N GLY A 70 -3.84 -21.13 -51.21
CA GLY A 70 -5.07 -21.84 -51.35
C GLY A 70 -4.78 -23.08 -52.20
N ARG A 71 -3.55 -23.52 -52.23
CA ARG A 71 -3.31 -24.60 -53.14
C ARG A 71 -3.72 -25.97 -52.67
N GLU A 72 -4.16 -26.72 -53.62
CA GLU A 72 -4.55 -28.11 -53.43
C GLU A 72 -3.69 -28.92 -54.41
N PHE A 73 -3.33 -30.14 -54.03
CA PHE A 73 -2.52 -30.98 -54.89
C PHE A 73 -3.07 -32.39 -54.92
N ARG A 74 -2.83 -33.08 -56.03
CA ARG A 74 -3.26 -34.45 -56.15
C ARG A 74 -2.01 -35.29 -55.91
N HIS A 75 -2.01 -36.04 -54.80
CA HIS A 75 -0.88 -36.89 -54.44
C HIS A 75 0.31 -36.08 -53.96
N ALA A 76 0.99 -36.60 -52.94
CA ALA A 76 2.19 -35.97 -52.42
C ALA A 76 3.13 -36.93 -51.72
N VAL A 77 4.37 -36.51 -51.56
CA VAL A 77 5.36 -37.31 -50.87
C VAL A 77 5.90 -36.51 -49.72
N PHE A 78 5.94 -37.12 -48.55
CA PHE A 78 6.49 -36.45 -47.37
C PHE A 78 7.74 -37.23 -46.96
N ASP A 79 8.90 -36.60 -47.15
CA ASP A 79 10.18 -37.23 -46.85
C ASP A 79 10.63 -37.10 -45.39
N ALA A 80 10.40 -38.17 -44.65
CA ALA A 80 10.77 -38.26 -43.23
C ALA A 80 11.84 -39.32 -43.03
N ARG A 81 12.73 -39.48 -44.01
CA ARG A 81 13.79 -40.48 -43.90
C ARG A 81 14.86 -40.02 -42.93
N HIS A 82 14.96 -38.72 -42.70
CA HIS A 82 15.97 -38.20 -41.79
C HIS A 82 15.44 -37.17 -40.78
N GLY A 83 14.14 -36.98 -40.76
CA GLY A 83 13.57 -36.01 -39.82
C GLY A 83 12.06 -35.92 -40.01
N PHE A 84 11.34 -35.70 -38.92
CA PHE A 84 9.90 -35.62 -39.02
C PHE A 84 9.33 -34.30 -38.47
N ASP A 85 9.00 -33.41 -39.40
CA ASP A 85 8.42 -32.09 -39.07
C ASP A 85 6.89 -32.29 -39.01
N ALA A 86 6.40 -32.55 -37.80
CA ALA A 86 4.99 -32.84 -37.57
C ALA A 86 4.03 -31.77 -38.10
N ALA A 87 4.37 -30.51 -37.90
CA ALA A 87 3.50 -29.45 -38.36
C ALA A 87 3.35 -29.49 -39.87
N ALA A 88 4.48 -29.62 -40.56
CA ALA A 88 4.48 -29.67 -42.01
C ALA A 88 3.68 -30.88 -42.47
N PHE A 89 3.87 -32.01 -41.80
CA PHE A 89 3.12 -33.20 -42.15
C PHE A 89 1.61 -32.89 -42.10
N ALA A 90 1.15 -32.41 -40.95
CA ALA A 90 -0.26 -32.08 -40.78
C ALA A 90 -0.74 -31.06 -41.82
N ALA A 91 0.06 -30.03 -42.06
CA ALA A 91 -0.33 -29.02 -43.05
C ALA A 91 -0.51 -29.66 -44.43
N LEU A 92 0.45 -30.50 -44.83
CA LEU A 92 0.39 -31.16 -46.13
C LEU A 92 -0.90 -31.97 -46.31
N SER A 93 -1.21 -32.81 -45.34
CA SER A 93 -2.39 -33.64 -45.42
C SER A 93 -3.69 -32.88 -45.74
N GLY A 94 -3.89 -31.74 -45.07
CA GLY A 94 -5.11 -30.97 -45.28
C GLY A 94 -5.14 -30.24 -46.61
N THR A 95 -4.13 -30.47 -47.43
CA THR A 95 -4.04 -29.81 -48.72
C THR A 95 -4.24 -30.78 -49.92
N LEU A 96 -4.38 -32.07 -49.61
CA LEU A 96 -4.54 -33.08 -50.65
C LEU A 96 -5.97 -33.28 -51.19
N LYS A 97 -6.11 -33.22 -52.50
CA LYS A 97 -7.42 -33.42 -53.13
C LYS A 97 -7.96 -34.83 -52.84
N ALA A 98 -9.27 -35.00 -52.93
CA ALA A 98 -9.87 -36.32 -52.73
C ALA A 98 -9.25 -37.33 -53.70
N GLY A 99 -9.01 -38.55 -53.21
CA GLY A 99 -8.40 -39.56 -54.05
C GLY A 99 -6.88 -39.50 -54.00
N SER A 100 -6.36 -38.53 -53.25
CA SER A 100 -4.92 -38.35 -53.11
C SER A 100 -4.33 -39.33 -52.11
N TRP A 101 -3.05 -39.59 -52.33
CA TRP A 101 -2.27 -40.44 -51.47
C TRP A 101 -1.26 -39.56 -50.71
N LEU A 102 -0.96 -39.87 -49.52
CA LEU A 102 0.06 -39.14 -48.85
C LEU A 102 1.17 -40.15 -48.70
N VAL A 103 2.22 -40.02 -49.50
CA VAL A 103 3.31 -40.99 -49.44
C VAL A 103 4.38 -40.56 -48.46
N LEU A 104 4.38 -41.24 -47.33
CA LEU A 104 5.31 -41.00 -46.24
C LEU A 104 6.55 -41.90 -46.29
N LEU A 105 7.71 -41.27 -46.42
CA LEU A 105 8.96 -42.00 -46.45
C LEU A 105 9.57 -42.01 -45.05
N LEU A 106 9.96 -43.20 -44.57
CA LEU A 106 10.58 -43.39 -43.27
C LEU A 106 11.80 -44.31 -43.35
N PRO A 107 12.62 -44.35 -42.29
CA PRO A 107 13.94 -44.99 -42.32
C PRO A 107 13.59 -46.45 -42.17
N VAL A 108 14.59 -47.32 -42.07
CA VAL A 108 14.31 -48.75 -41.90
C VAL A 108 13.45 -48.87 -40.64
N TRP A 109 12.30 -49.55 -40.76
CA TRP A 109 11.38 -49.72 -39.66
C TRP A 109 12.00 -50.13 -38.32
N GLU A 110 12.93 -51.07 -38.31
CA GLU A 110 13.54 -51.51 -37.05
C GLU A 110 14.60 -50.53 -36.52
N GLU A 111 14.92 -49.51 -37.30
CA GLU A 111 15.94 -48.53 -36.87
C GLU A 111 15.31 -47.15 -36.68
N TRP A 112 14.02 -47.05 -36.96
CA TRP A 112 13.31 -45.79 -36.86
C TRP A 112 13.40 -45.16 -35.48
N GLU A 113 13.04 -45.92 -34.46
CA GLU A 113 13.05 -45.40 -33.09
C GLU A 113 14.33 -44.78 -32.58
N ASN A 114 15.49 -45.30 -32.97
CA ASN A 114 16.75 -44.76 -32.47
C ASN A 114 17.48 -43.83 -33.43
N GLN A 115 16.90 -43.61 -34.60
CA GLN A 115 17.55 -42.74 -35.55
C GLN A 115 17.32 -41.25 -35.28
N PRO A 116 18.40 -40.48 -35.17
CA PRO A 116 18.30 -39.04 -34.91
C PRO A 116 17.34 -38.35 -35.89
N ASP A 117 16.62 -37.35 -35.38
CA ASP A 117 15.65 -36.59 -36.16
C ASP A 117 16.22 -35.22 -36.47
N ALA A 118 16.53 -34.94 -37.72
CA ALA A 118 17.09 -33.64 -38.06
C ALA A 118 16.18 -32.51 -37.60
N ASP A 119 14.87 -32.70 -37.73
CA ASP A 119 13.91 -31.67 -37.33
C ASP A 119 13.96 -31.35 -35.85
N SER A 120 14.36 -32.33 -35.04
CA SER A 120 14.38 -32.17 -33.60
C SER A 120 15.04 -30.87 -33.19
N LEU A 121 15.96 -30.36 -34.02
CA LEU A 121 16.66 -29.12 -33.71
C LEU A 121 15.71 -27.94 -33.47
N ARG A 122 14.62 -27.88 -34.22
CA ARG A 122 13.70 -26.76 -34.07
C ARG A 122 12.97 -26.69 -32.72
N TRP A 123 12.99 -27.77 -31.94
CA TRP A 123 12.27 -27.77 -30.67
C TRP A 123 12.91 -28.46 -29.47
N SER A 124 14.10 -29.02 -29.62
CA SER A 124 14.71 -29.72 -28.50
C SER A 124 15.61 -28.88 -27.61
N ASP A 125 16.06 -27.74 -28.11
CA ASP A 125 16.97 -26.90 -27.35
C ASP A 125 18.27 -27.67 -27.09
N CYS A 126 18.59 -28.57 -28.02
CA CYS A 126 19.81 -29.36 -27.96
C CYS A 126 20.68 -28.87 -29.13
N PRO A 127 22.01 -29.05 -29.03
CA PRO A 127 22.94 -28.62 -30.08
C PRO A 127 22.93 -29.52 -31.31
N ASP A 128 22.58 -30.79 -31.12
CA ASP A 128 22.54 -31.76 -32.22
C ASP A 128 21.25 -32.57 -32.27
N PRO A 129 20.97 -33.22 -33.41
CA PRO A 129 19.78 -34.03 -33.57
C PRO A 129 19.65 -35.11 -32.50
N ILE A 130 18.43 -35.36 -32.05
CA ILE A 130 18.22 -36.39 -31.04
C ILE A 130 17.22 -37.39 -31.57
N ALA A 131 17.26 -38.61 -31.05
CA ALA A 131 16.28 -39.62 -31.45
C ALA A 131 14.99 -39.24 -30.74
N THR A 132 13.85 -39.69 -31.26
CA THR A 132 12.58 -39.37 -30.63
C THR A 132 11.78 -40.65 -30.63
N PRO A 133 12.21 -41.64 -29.82
CA PRO A 133 11.54 -42.94 -29.75
C PRO A 133 10.10 -42.94 -29.28
N HIS A 134 9.78 -42.12 -28.29
CA HIS A 134 8.40 -42.10 -27.80
C HIS A 134 7.46 -41.72 -28.94
N PHE A 135 7.86 -40.74 -29.73
CA PHE A 135 7.07 -40.30 -30.87
C PHE A 135 6.92 -41.46 -31.87
N VAL A 136 8.04 -42.11 -32.20
CA VAL A 136 7.96 -43.23 -33.12
C VAL A 136 7.06 -44.32 -32.55
N GLN A 137 7.26 -44.65 -31.28
CA GLN A 137 6.44 -45.67 -30.63
C GLN A 137 4.99 -45.36 -30.85
N HIS A 138 4.59 -44.12 -30.55
CA HIS A 138 3.21 -43.68 -30.72
C HIS A 138 2.75 -43.85 -32.18
N LEU A 139 3.60 -43.44 -33.11
CA LEU A 139 3.30 -43.53 -34.54
C LEU A 139 3.05 -44.98 -34.98
N LYS A 140 3.91 -45.88 -34.53
CA LYS A 140 3.75 -47.29 -34.84
C LYS A 140 2.42 -47.85 -34.31
N ARG A 141 2.00 -47.40 -33.13
CA ARG A 141 0.75 -47.89 -32.57
C ARG A 141 -0.46 -47.43 -33.38
N VAL A 142 -0.47 -46.17 -33.80
CA VAL A 142 -1.60 -45.66 -34.58
C VAL A 142 -1.67 -46.43 -35.89
N LEU A 143 -0.50 -46.77 -36.44
CA LEU A 143 -0.10 -46.97 -37.81
C LEU A 143 -0.57 -48.42 -37.95
N THR A 144 -0.34 -49.22 -36.92
CA THR A 144 -0.70 -50.63 -36.92
C THR A 144 -1.87 -51.02 -36.03
N ALA A 145 -2.77 -50.10 -35.76
CA ALA A 145 -3.94 -50.41 -34.91
C ALA A 145 -5.11 -50.81 -35.80
N ASP A 146 -4.95 -50.57 -37.09
CA ASP A 146 -5.98 -50.91 -38.05
C ASP A 146 -5.28 -51.13 -39.39
N ASN A 147 -6.05 -51.21 -40.47
CA ASN A 147 -5.46 -51.43 -41.78
C ASN A 147 -5.68 -50.26 -42.74
N GLU A 148 -6.19 -49.14 -42.22
CA GLU A 148 -6.47 -47.97 -43.05
C GLU A 148 -5.25 -47.43 -43.76
N ALA A 149 -4.09 -47.55 -43.12
CA ALA A 149 -2.86 -47.06 -43.73
C ALA A 149 -2.14 -48.23 -44.39
N ILE A 150 -1.64 -47.99 -45.61
CA ILE A 150 -0.93 -49.02 -46.33
C ILE A 150 0.53 -48.95 -45.91
N LEU A 151 1.02 -50.02 -45.27
CA LEU A 151 2.40 -50.08 -44.81
C LEU A 151 3.25 -50.89 -45.80
N TRP A 152 4.15 -50.23 -46.51
CA TRP A 152 5.00 -50.93 -47.46
C TRP A 152 6.42 -50.96 -46.94
N ARG A 153 6.84 -52.10 -46.42
CA ARG A 153 8.20 -52.23 -45.89
C ARG A 153 9.11 -53.09 -46.76
N GLN A 154 10.37 -52.68 -46.84
CA GLN A 154 11.33 -53.41 -47.66
C GLN A 154 11.54 -54.84 -47.14
N ASN A 155 11.57 -55.79 -48.07
CA ASN A 155 11.77 -57.20 -47.76
C ASN A 155 10.77 -57.78 -46.78
N GLN A 156 9.53 -57.29 -46.88
CA GLN A 156 8.45 -57.74 -46.04
C GLN A 156 7.33 -58.03 -47.02
N PRO A 157 6.47 -59.01 -46.70
CA PRO A 157 5.39 -59.29 -47.65
C PRO A 157 4.49 -58.07 -47.82
N PHE A 158 4.06 -57.82 -49.04
CA PHE A 158 3.18 -56.70 -49.31
C PHE A 158 1.94 -57.14 -50.06
N SER A 159 0.79 -56.80 -49.50
CA SER A 159 -0.48 -57.16 -50.11
C SER A 159 -1.51 -56.08 -49.85
N LEU A 160 -1.89 -55.36 -50.89
CA LEU A 160 -2.89 -54.31 -50.75
C LEU A 160 -4.11 -54.94 -50.11
N ALA A 161 -4.62 -54.36 -49.03
CA ALA A 161 -5.82 -54.88 -48.37
C ALA A 161 -7.01 -54.41 -49.20
N HIS A 162 -8.19 -54.94 -48.89
CA HIS A 162 -9.38 -54.56 -49.63
C HIS A 162 -10.34 -53.93 -48.62
N PHE A 163 -10.73 -52.68 -48.89
CA PHE A 163 -11.59 -51.92 -47.99
C PHE A 163 -13.07 -51.90 -48.36
N THR A 164 -13.92 -52.13 -47.36
CA THR A 164 -15.36 -52.10 -47.58
C THR A 164 -15.61 -50.69 -48.09
N PRO A 165 -16.31 -50.55 -49.22
CA PRO A 165 -16.59 -49.24 -49.80
C PRO A 165 -17.54 -48.36 -48.99
N ARG A 166 -17.46 -47.06 -49.29
CA ARG A 166 -18.28 -46.06 -48.65
C ARG A 166 -18.96 -45.28 -49.77
N THR A 167 -20.08 -44.65 -49.45
CA THR A 167 -20.85 -43.91 -50.42
C THR A 167 -20.08 -42.94 -51.31
N ASP A 168 -20.56 -42.78 -52.54
CA ASP A 168 -19.96 -41.86 -53.50
C ASP A 168 -19.97 -40.47 -52.89
N TRP A 169 -18.92 -39.70 -53.16
CA TRP A 169 -18.80 -38.37 -52.63
C TRP A 169 -18.68 -37.37 -53.77
N TYR A 170 -19.22 -36.17 -53.58
CA TYR A 170 -19.12 -35.17 -54.60
C TYR A 170 -18.62 -33.84 -54.05
N PRO A 171 -17.71 -33.19 -54.77
CA PRO A 171 -17.12 -31.91 -54.39
C PRO A 171 -18.10 -30.75 -54.33
N ALA A 172 -17.67 -29.69 -53.67
CA ALA A 172 -18.45 -28.49 -53.53
C ALA A 172 -18.27 -27.65 -54.77
N THR A 173 -19.38 -27.05 -55.22
CA THR A 173 -19.41 -26.23 -56.43
C THR A 173 -18.99 -24.80 -56.15
N GLY A 174 -19.54 -24.23 -55.09
CA GLY A 174 -19.26 -22.85 -54.72
C GLY A 174 -20.45 -22.37 -53.92
N ALA A 175 -21.58 -23.02 -54.13
CA ALA A 175 -22.80 -22.68 -53.41
C ALA A 175 -22.56 -23.17 -51.99
N PRO A 176 -23.04 -22.42 -50.98
CA PRO A 176 -22.78 -22.94 -49.64
C PRO A 176 -23.32 -24.34 -49.41
N GLN A 177 -22.50 -25.18 -48.79
CA GLN A 177 -22.90 -26.55 -48.48
C GLN A 177 -24.00 -26.51 -47.43
N PRO A 178 -24.71 -27.63 -47.20
CA PRO A 178 -25.80 -27.64 -46.22
C PRO A 178 -25.53 -27.00 -44.86
N GLU A 179 -24.47 -27.45 -44.18
CA GLU A 179 -24.17 -26.86 -42.88
C GLU A 179 -23.90 -25.35 -42.98
N GLN A 180 -23.32 -24.92 -44.10
CA GLN A 180 -23.04 -23.51 -44.26
C GLN A 180 -24.35 -22.76 -44.48
N GLN A 181 -25.16 -23.24 -45.42
CA GLN A 181 -26.44 -22.62 -45.76
C GLN A 181 -27.30 -22.42 -44.52
N GLN A 182 -27.32 -23.43 -43.65
CA GLN A 182 -28.12 -23.32 -42.44
C GLN A 182 -27.56 -22.27 -41.50
N LEU A 183 -26.25 -22.25 -41.33
CA LEU A 183 -25.62 -21.27 -40.46
C LEU A 183 -25.81 -19.87 -41.04
N LEU A 184 -25.83 -19.81 -42.37
CA LEU A 184 -25.99 -18.57 -43.09
C LEU A 184 -27.35 -17.94 -42.81
N LYS A 185 -28.38 -18.79 -42.66
CA LYS A 185 -29.73 -18.32 -42.38
C LYS A 185 -29.89 -17.77 -40.97
N GLN A 186 -29.28 -18.43 -40.00
CA GLN A 186 -29.35 -17.97 -38.62
C GLN A 186 -28.58 -16.69 -38.44
N LEU A 187 -27.46 -16.59 -39.14
CA LEU A 187 -26.63 -15.41 -39.08
C LEU A 187 -27.37 -14.21 -39.65
N THR A 189 -30.60 -13.70 -39.72
CA THR A 189 -31.86 -13.41 -39.03
C THR A 189 -31.65 -13.07 -37.55
N PRO A 191 -30.66 -11.01 -34.22
CA PRO A 191 -30.72 -9.58 -33.89
C PRO A 191 -29.30 -9.10 -33.62
N PRO A 192 -29.11 -7.80 -33.40
CA PRO A 192 -27.74 -7.32 -33.14
C PRO A 192 -27.03 -8.12 -32.04
N GLY A 193 -25.74 -8.39 -32.26
CA GLY A 193 -24.98 -9.15 -31.28
C GLY A 193 -23.69 -9.74 -31.84
N VAL A 194 -23.27 -10.85 -31.24
CA VAL A 194 -22.04 -11.51 -31.63
C VAL A 194 -22.26 -13.00 -31.87
N ALA A 195 -21.66 -13.48 -32.95
CA ALA A 195 -21.79 -14.88 -33.27
C ALA A 195 -20.39 -15.46 -33.45
N ALA A 196 -20.19 -16.68 -32.94
CA ALA A 196 -18.91 -17.36 -33.08
C ALA A 196 -19.08 -18.73 -33.76
N VAL A 197 -18.35 -18.93 -34.86
CA VAL A 197 -18.40 -20.18 -35.59
C VAL A 197 -17.09 -20.89 -35.34
N THR A 198 -17.15 -22.00 -34.62
CA THR A 198 -15.96 -22.74 -34.28
C THR A 198 -15.95 -24.04 -35.06
N ALA A 199 -14.76 -24.52 -35.40
CA ALA A 199 -14.63 -25.76 -36.17
C ALA A 199 -13.20 -26.18 -36.47
N ALA A 200 -13.04 -27.47 -36.74
CA ALA A 200 -11.74 -28.04 -37.12
C ALA A 200 -11.37 -27.40 -38.47
N ARG A 201 -10.09 -27.39 -38.80
CA ARG A 201 -9.63 -26.80 -40.05
C ARG A 201 -10.28 -27.53 -41.24
N GLY A 202 -10.52 -26.79 -42.33
CA GLY A 202 -11.13 -27.36 -43.52
C GLY A 202 -12.64 -27.59 -43.48
N ARG A 203 -13.35 -26.90 -42.59
CA ARG A 203 -14.79 -27.04 -42.50
C ARG A 203 -15.56 -25.90 -43.16
N GLY A 204 -14.82 -25.00 -43.82
CA GLY A 204 -15.48 -23.91 -44.50
C GLY A 204 -15.87 -22.69 -43.67
N LYS A 205 -15.16 -22.44 -42.59
CA LYS A 205 -15.46 -21.29 -41.74
C LYS A 205 -15.17 -19.97 -42.48
N SER A 206 -13.99 -19.85 -43.08
CA SER A 206 -13.63 -18.62 -43.79
C SER A 206 -14.55 -18.37 -44.99
N ALA A 207 -14.97 -19.44 -45.66
CA ALA A 207 -15.86 -19.31 -46.80
C ALA A 207 -17.24 -18.87 -46.29
N LEU A 208 -17.67 -19.45 -45.18
CA LEU A 208 -18.95 -19.07 -44.60
C LEU A 208 -18.95 -17.58 -44.31
N ALA A 209 -17.85 -17.05 -43.79
CA ALA A 209 -17.80 -15.62 -43.50
C ALA A 209 -17.87 -14.81 -44.78
N GLY A 210 -17.19 -15.29 -45.82
CA GLY A 210 -17.20 -14.59 -47.09
C GLY A 210 -18.56 -14.70 -47.74
N GLN A 211 -19.20 -15.86 -47.59
CA GLN A 211 -20.50 -16.05 -48.17
C GLN A 211 -21.47 -15.10 -47.49
N LEU A 212 -21.22 -14.85 -46.21
CA LEU A 212 -22.08 -13.97 -45.44
C LEU A 212 -21.93 -12.54 -45.94
N ILE A 213 -20.70 -12.04 -45.97
CA ILE A 213 -20.46 -10.67 -46.41
C ILE A 213 -20.99 -10.49 -47.83
N SER A 214 -20.98 -11.57 -48.59
CA SER A 214 -21.42 -11.54 -49.96
C SER A 214 -22.95 -11.40 -50.10
N ARG A 215 -23.68 -11.98 -49.16
CA ARG A 215 -25.14 -11.96 -49.22
C ARG A 215 -25.94 -10.96 -48.38
N ILE A 216 -25.28 -10.17 -47.55
CA ILE A 216 -26.01 -9.17 -46.74
C ILE A 216 -26.10 -7.91 -47.56
N ALA A 217 -27.16 -7.13 -47.38
CA ALA A 217 -27.34 -5.90 -48.13
C ALA A 217 -26.38 -4.81 -47.71
N GLY A 218 -25.83 -4.92 -46.51
CA GLY A 218 -24.92 -3.92 -46.02
C GLY A 218 -23.42 -4.18 -46.18
N ARG A 219 -22.63 -3.22 -45.72
CA ARG A 219 -21.18 -3.28 -45.78
C ARG A 219 -20.65 -4.17 -44.64
N ALA A 220 -19.42 -4.64 -44.79
CA ALA A 220 -18.83 -5.47 -43.77
C ALA A 220 -17.35 -5.22 -43.74
N ILE A 221 -16.79 -5.18 -42.54
CA ILE A 221 -15.35 -4.98 -42.39
C ILE A 221 -14.75 -6.27 -41.81
N VAL A 222 -13.71 -6.77 -42.45
CA VAL A 222 -13.06 -7.97 -41.95
C VAL A 222 -11.72 -7.59 -41.33
N THR A 223 -11.32 -8.33 -40.30
CA THR A 223 -10.05 -8.11 -39.64
C THR A 223 -9.50 -9.49 -39.25
N ALA A 224 -8.22 -9.56 -38.90
CA ALA A 224 -7.55 -10.81 -38.55
C ALA A 224 -6.13 -10.50 -38.01
N PRO A 225 -5.64 -11.34 -37.08
CA PRO A 225 -4.32 -11.20 -36.44
C PRO A 225 -3.19 -10.94 -37.44
N ALA A 226 -2.76 -11.99 -38.10
CA ALA A 226 -1.76 -11.84 -39.16
C ALA A 226 -2.87 -11.95 -40.17
N LYS A 227 -2.64 -11.61 -41.43
CA LYS A 227 -3.75 -11.82 -42.33
C LYS A 227 -3.64 -13.30 -42.70
N ALA A 228 -3.99 -14.15 -41.74
CA ALA A 228 -3.98 -15.60 -41.96
C ALA A 228 -4.72 -15.67 -43.29
N SER A 229 -4.36 -16.59 -44.17
CA SER A 229 -5.06 -16.64 -45.43
C SER A 229 -6.46 -16.06 -45.22
N THR A 230 -6.67 -14.88 -45.78
CA THR A 230 -7.97 -14.23 -45.70
C THR A 230 -8.42 -14.37 -47.13
N ASP A 231 -7.57 -15.02 -47.91
CA ASP A 231 -7.79 -15.27 -49.33
C ASP A 231 -9.09 -16.02 -49.59
N VAL A 232 -9.28 -17.16 -48.94
CA VAL A 232 -10.52 -17.91 -49.15
C VAL A 232 -11.71 -17.03 -48.78
N LEU A 233 -11.57 -16.27 -47.71
CA LEU A 233 -12.63 -15.39 -47.26
C LEU A 233 -12.91 -14.33 -48.33
N ALA A 234 -11.85 -13.73 -48.87
CA ALA A 234 -11.98 -12.70 -49.90
C ALA A 234 -12.64 -13.26 -51.16
N GLN A 235 -12.26 -14.49 -51.53
CA GLN A 235 -12.81 -15.15 -52.69
C GLN A 235 -14.33 -15.22 -52.63
N PHE A 236 -14.88 -15.61 -51.49
CA PHE A 236 -16.35 -15.71 -51.37
C PHE A 236 -17.00 -14.35 -51.12
N ALA A 237 -16.20 -13.38 -50.66
CA ALA A 237 -16.72 -12.04 -50.39
C ALA A 237 -16.79 -11.23 -51.68
N GLY A 238 -15.91 -11.55 -52.62
CA GLY A 238 -15.89 -10.84 -53.88
C GLY A 238 -15.44 -9.41 -53.77
N GLU A 239 -16.13 -8.52 -54.50
CA GLU A 239 -15.83 -7.11 -54.52
C GLU A 239 -16.15 -6.46 -53.17
N LYS A 240 -17.03 -7.10 -52.41
CA LYS A 240 -17.41 -6.60 -51.10
C LYS A 240 -16.38 -6.83 -50.00
N PHE A 241 -15.20 -7.32 -50.37
CA PHE A 241 -14.16 -7.60 -49.38
C PHE A 241 -13.40 -6.34 -48.97
N ARG A 242 -13.36 -6.08 -47.67
CA ARG A 242 -12.64 -4.91 -47.13
C ARG A 242 -11.92 -5.28 -45.84
N PHE A 243 -10.59 -5.31 -45.89
CA PHE A 243 -9.80 -5.68 -44.72
C PHE A 243 -9.06 -4.53 -44.07
N ILE A 244 -9.07 -4.53 -42.75
CA ILE A 244 -8.39 -3.53 -41.95
C ILE A 244 -7.76 -4.28 -40.80
N ALA A 245 -6.44 -4.16 -40.66
CA ALA A 245 -5.75 -4.82 -39.56
C ALA A 245 -6.42 -4.35 -38.27
N PRO A 246 -6.46 -5.21 -37.25
CA PRO A 246 -7.09 -4.90 -35.95
C PRO A 246 -6.74 -3.56 -35.30
N ASP A 247 -5.46 -3.26 -35.10
CA ASP A 247 -5.10 -2.00 -34.45
C ASP A 247 -5.48 -0.75 -35.26
N ALA A 248 -5.32 -0.80 -36.58
CA ALA A 248 -5.68 0.34 -37.41
C ALA A 248 -7.21 0.54 -37.47
N LEU A 249 -7.96 -0.52 -37.14
CA LEU A 249 -9.41 -0.44 -37.15
C LEU A 249 -9.90 0.22 -35.87
N LEU A 250 -9.25 -0.11 -34.77
CA LEU A 250 -9.63 0.47 -33.48
C LEU A 250 -9.39 1.98 -33.55
N ALA A 251 -8.27 2.36 -34.15
CA ALA A 251 -7.88 3.75 -34.27
C ALA A 251 -8.72 4.55 -35.26
N SER A 252 -9.28 3.86 -36.24
CA SER A 252 -10.09 4.50 -37.27
C SER A 252 -11.51 4.78 -36.79
N ASP A 253 -12.30 5.47 -37.60
CA ASP A 253 -13.70 5.77 -37.28
C ASP A 253 -14.63 5.04 -38.26
N GLU A 254 -14.05 4.13 -39.04
CA GLU A 254 -14.81 3.38 -40.02
C GLU A 254 -15.90 2.56 -39.37
N GLN A 255 -17.04 2.45 -40.06
CA GLN A 255 -18.16 1.67 -39.56
C GLN A 255 -18.70 0.76 -40.64
N ALA A 256 -19.46 -0.24 -40.19
CA ALA A 256 -20.03 -1.21 -41.09
C ALA A 256 -21.22 -1.87 -40.42
N ASP A 257 -21.99 -2.61 -41.19
CA ASP A 257 -23.14 -3.34 -40.66
C ASP A 257 -22.65 -4.53 -39.86
N TRP A 258 -21.59 -5.15 -40.40
CA TRP A 258 -21.00 -6.32 -39.78
C TRP A 258 -19.51 -6.22 -39.60
N LEU A 259 -19.04 -6.79 -38.51
CA LEU A 259 -17.62 -6.87 -38.23
C LEU A 259 -17.41 -8.37 -38.40
N VAL A 260 -16.49 -8.75 -39.29
CA VAL A 260 -16.20 -10.16 -39.49
C VAL A 260 -14.74 -10.44 -39.10
N VAL A 261 -14.55 -11.27 -38.08
CA VAL A 261 -13.21 -11.60 -37.60
C VAL A 261 -12.84 -13.10 -37.66
N ASP A 262 -11.94 -13.51 -38.55
CA ASP A 262 -11.61 -14.93 -38.49
C ASP A 262 -10.29 -15.13 -37.73
N GLU A 263 -10.27 -16.18 -36.92
CA GLU A 263 -9.15 -16.50 -36.05
C GLU A 263 -9.13 -15.38 -35.04
N ALA A 264 -10.32 -15.08 -34.52
CA ALA A 264 -10.48 -14.03 -33.53
C ALA A 264 -9.76 -14.37 -32.24
N ALA A 265 -9.58 -15.66 -31.97
CA ALA A 265 -8.90 -16.11 -30.77
C ALA A 265 -7.43 -15.65 -30.72
N ALA A 266 -6.81 -15.48 -31.88
CA ALA A 266 -5.42 -15.06 -31.96
C ALA A 266 -5.26 -13.54 -31.80
N ILE A 267 -6.36 -12.84 -31.54
CA ILE A 267 -6.33 -11.38 -31.39
C ILE A 267 -6.51 -11.02 -29.92
N PRO A 268 -5.74 -10.06 -29.41
CA PRO A 268 -5.90 -9.70 -28.00
C PRO A 268 -7.34 -9.37 -27.63
N ALA A 269 -7.86 -10.10 -26.64
CA ALA A 269 -9.23 -9.95 -26.14
C ALA A 269 -9.68 -8.53 -25.83
N PRO A 270 -8.85 -7.75 -25.11
CA PRO A 270 -9.29 -6.38 -24.83
C PRO A 270 -9.55 -5.58 -26.11
N LEU A 271 -8.74 -5.78 -27.13
CA LEU A 271 -8.89 -5.06 -28.38
C LEU A 271 -10.18 -5.54 -29.10
N LEU A 272 -10.39 -6.85 -29.06
CA LEU A 272 -11.54 -7.46 -29.70
C LEU A 272 -12.87 -7.02 -29.06
N HIS A 273 -12.92 -7.01 -27.73
CA HIS A 273 -14.13 -6.61 -27.03
C HIS A 273 -14.48 -5.16 -27.34
N GLN A 274 -13.46 -4.36 -27.58
CA GLN A 274 -13.66 -2.95 -27.89
C GLN A 274 -14.20 -2.80 -29.32
N LEU A 275 -13.57 -3.48 -30.27
CA LEU A 275 -13.98 -3.43 -31.67
C LEU A 275 -15.42 -3.87 -31.84
N VAL A 276 -15.77 -5.00 -31.22
CA VAL A 276 -17.12 -5.54 -31.30
C VAL A 276 -18.23 -4.57 -30.87
N SER A 277 -17.99 -3.79 -29.82
CA SER A 277 -19.01 -2.85 -29.33
C SER A 277 -19.26 -1.71 -30.31
N ARG A 278 -18.46 -1.65 -31.38
CA ARG A 278 -18.62 -0.61 -32.38
C ARG A 278 -19.54 -1.05 -33.54
N PHE A 279 -19.78 -2.34 -33.65
CA PHE A 279 -20.59 -2.87 -34.74
C PHE A 279 -21.84 -3.58 -34.28
N PRO A 280 -22.96 -3.30 -34.94
CA PRO A 280 -24.21 -3.94 -34.56
C PRO A 280 -24.14 -5.46 -34.59
N ARG A 281 -23.41 -6.02 -35.56
CA ARG A 281 -23.28 -7.47 -35.63
C ARG A 281 -21.86 -7.91 -35.90
N THR A 282 -21.45 -9.00 -35.24
CA THR A 282 -20.09 -9.50 -35.39
C THR A 282 -20.03 -11.01 -35.57
N LEU A 283 -19.21 -11.44 -36.53
CA LEU A 283 -19.01 -12.86 -36.76
C LEU A 283 -17.56 -13.18 -36.36
N LEU A 284 -17.41 -14.13 -35.44
CA LEU A 284 -16.09 -14.59 -35.00
C LEU A 284 -15.88 -16.03 -35.48
N THR A 285 -14.73 -16.32 -36.10
CA THR A 285 -14.47 -17.70 -36.49
C THR A 285 -13.13 -18.08 -35.85
N THR A 286 -12.92 -19.37 -35.63
CA THR A 286 -11.70 -19.82 -35.03
C THR A 286 -11.56 -21.30 -35.28
N THR A 287 -10.40 -21.76 -35.71
CA THR A 287 -10.28 -23.18 -35.94
C THR A 287 -9.88 -23.80 -34.61
N VAL A 288 -10.38 -25.00 -34.35
CA VAL A 288 -10.10 -25.68 -33.10
C VAL A 288 -9.04 -26.77 -33.30
N GLN A 289 -7.98 -26.70 -32.50
CA GLN A 289 -6.88 -27.66 -32.54
C GLN A 289 -6.18 -27.79 -33.91
N GLY A 290 -5.42 -28.89 -34.11
CA GLY A 290 -4.68 -29.13 -35.38
C GLY A 290 -3.49 -28.20 -35.40
N TYR A 291 -2.79 -28.17 -36.49
CA TYR A 291 -1.66 -27.30 -36.53
C TYR A 291 -2.11 -25.84 -36.66
N GLU A 292 -1.49 -25.07 -35.79
CA GLU A 292 -1.87 -23.67 -35.58
C GLU A 292 -3.38 -23.46 -35.40
N GLY A 293 -3.92 -24.08 -34.36
CA GLY A 293 -5.32 -23.91 -34.05
C GLY A 293 -5.40 -23.32 -32.66
N THR A 294 -6.53 -23.47 -32.00
CA THR A 294 -6.64 -22.96 -30.66
C THR A 294 -7.30 -24.04 -29.81
N GLY A 295 -6.97 -24.07 -28.52
CA GLY A 295 -7.53 -25.08 -27.64
C GLY A 295 -9.01 -24.94 -27.38
N ARG A 296 -9.68 -26.07 -27.27
CA ARG A 296 -11.10 -26.06 -27.02
C ARG A 296 -11.35 -25.45 -25.65
N GLY A 297 -10.52 -25.82 -24.68
CA GLY A 297 -10.65 -25.26 -23.34
C GLY A 297 -10.48 -23.75 -23.36
N PHE A 298 -9.50 -23.29 -24.12
CA PHE A 298 -9.25 -21.86 -24.24
C PHE A 298 -10.47 -21.19 -24.87
N LEU A 299 -11.01 -21.80 -25.93
CA LEU A 299 -12.20 -21.28 -26.62
C LEU A 299 -13.38 -21.04 -25.67
N LEU A 300 -13.61 -21.99 -24.78
CA LEU A 300 -14.68 -21.91 -23.79
C LEU A 300 -14.55 -20.62 -23.01
N LYS A 301 -13.35 -20.37 -22.52
CA LYS A 301 -13.04 -19.19 -21.73
C LYS A 301 -13.16 -17.92 -22.58
N PHE A 302 -12.74 -18.01 -23.84
CA PHE A 302 -12.79 -16.88 -24.77
C PHE A 302 -14.25 -16.45 -25.01
N CYS A 303 -15.08 -17.41 -25.41
CA CYS A 303 -16.49 -17.15 -25.68
C CYS A 303 -17.20 -16.62 -24.43
N ALA A 304 -16.85 -17.15 -23.26
CA ALA A 304 -17.47 -16.73 -22.02
C ALA A 304 -17.33 -15.21 -21.81
N ARG A 305 -16.32 -14.61 -22.42
CA ARG A 305 -16.09 -13.17 -22.28
C ARG A 305 -17.08 -12.32 -23.09
N PHE A 306 -17.85 -12.96 -23.96
CA PHE A 306 -18.84 -12.25 -24.76
C PHE A 306 -20.20 -12.69 -24.25
N PRO A 307 -20.88 -11.82 -23.50
CA PRO A 307 -22.20 -12.16 -22.96
C PRO A 307 -23.24 -12.26 -24.06
N HIS A 308 -24.04 -13.32 -24.01
CA HIS A 308 -25.08 -13.52 -25.01
C HIS A 308 -24.49 -13.87 -26.37
N LEU A 309 -23.34 -14.54 -26.35
CA LEU A 309 -22.68 -14.97 -27.56
C LEU A 309 -23.49 -16.12 -28.19
N HIS A 310 -23.64 -16.09 -29.50
CA HIS A 310 -24.35 -17.17 -30.15
C HIS A 310 -23.29 -18.11 -30.73
N ARG A 311 -23.10 -19.27 -30.09
CA ARG A 311 -22.12 -20.22 -30.60
C ARG A 311 -22.69 -21.17 -31.64
N PHE A 312 -21.92 -21.35 -32.71
CA PHE A 312 -22.29 -22.23 -33.81
C PHE A 312 -21.08 -23.08 -34.17
N GLU A 313 -21.33 -24.23 -34.76
CA GLU A 313 -20.26 -25.14 -35.16
C GLU A 313 -20.43 -25.63 -36.59
N LEU A 314 -19.35 -26.15 -37.15
CA LEU A 314 -19.32 -26.68 -38.49
C LEU A 314 -18.60 -28.01 -38.33
N GLN A 315 -19.18 -29.10 -38.83
CA GLN A 315 -18.55 -30.40 -38.65
C GLN A 315 -18.08 -31.10 -39.91
N GLN A 316 -18.81 -30.93 -41.00
CA GLN A 316 -18.48 -31.59 -42.25
C GLN A 316 -17.29 -30.98 -42.98
N PRO A 317 -16.23 -31.77 -43.24
CA PRO A 317 -15.07 -31.22 -43.96
C PRO A 317 -15.57 -30.96 -45.39
N ILE A 318 -15.10 -29.91 -46.04
CA ILE A 318 -15.60 -29.61 -47.38
C ILE A 318 -14.87 -30.17 -48.59
N ARG A 319 -13.56 -30.41 -48.48
CA ARG A 319 -12.82 -30.94 -49.61
C ARG A 319 -12.58 -32.46 -49.57
N TRP A 320 -13.20 -33.12 -48.60
CA TRP A 320 -13.13 -34.56 -48.47
C TRP A 320 -14.26 -35.06 -47.58
N ALA A 321 -14.55 -36.35 -47.65
CA ALA A 321 -15.62 -36.94 -46.86
C ALA A 321 -15.30 -37.04 -45.39
N GLN A 322 -16.33 -36.81 -44.58
CA GLN A 322 -16.17 -36.93 -43.16
C GLN A 322 -15.90 -38.40 -42.91
N GLY A 323 -14.68 -38.73 -42.53
CA GLY A 323 -14.34 -40.11 -42.27
C GLY A 323 -13.01 -40.47 -42.90
N CYS A 324 -12.50 -39.57 -43.71
CA CYS A 324 -11.22 -39.78 -44.35
C CYS A 324 -10.21 -40.39 -43.38
N PRO A 325 -9.71 -41.59 -43.69
CA PRO A 325 -8.74 -42.20 -42.76
C PRO A 325 -7.42 -41.48 -42.68
N LEU A 326 -7.14 -40.61 -43.65
CA LEU A 326 -5.89 -39.86 -43.62
C LEU A 326 -6.00 -38.81 -42.51
N GLU A 327 -7.13 -38.12 -42.48
CA GLU A 327 -7.34 -37.11 -41.45
C GLU A 327 -7.37 -37.77 -40.08
N LYS A 328 -7.98 -38.95 -40.00
CA LYS A 328 -8.05 -39.65 -38.72
C LYS A 328 -6.66 -40.03 -38.23
N VAL A 330 -3.73 -38.60 -38.99
CA VAL A 330 -3.01 -37.40 -38.58
C VAL A 330 -3.53 -36.94 -37.21
N SER A 331 -4.85 -36.96 -37.04
CA SER A 331 -5.39 -36.52 -35.76
C SER A 331 -4.97 -37.41 -34.63
N GLU A 332 -4.88 -38.71 -34.89
CA GLU A 332 -4.48 -39.68 -33.87
C GLU A 332 -2.99 -39.60 -33.60
N ALA A 333 -2.20 -39.54 -34.67
CA ALA A 333 -0.76 -39.49 -34.53
C ALA A 333 -0.27 -38.22 -33.82
N LEU A 334 -0.97 -37.11 -34.06
CA LEU A 334 -0.61 -35.82 -33.50
C LEU A 334 -1.49 -35.38 -32.31
N VAL A 335 -2.44 -36.22 -31.92
CA VAL A 335 -3.33 -35.94 -30.79
C VAL A 335 -4.11 -34.64 -30.87
N PHE A 336 -4.91 -34.51 -31.91
CA PHE A 336 -5.73 -33.32 -32.12
C PHE A 336 -7.13 -33.49 -31.51
N ASP A 337 -7.49 -34.69 -31.08
CA ASP A 337 -8.83 -34.91 -30.53
C ASP A 337 -8.97 -34.29 -29.15
N ASP A 338 -10.14 -33.70 -28.88
CA ASP A 338 -10.38 -33.01 -27.60
C ASP A 338 -11.73 -33.26 -26.93
N GLU A 339 -12.27 -34.46 -27.05
CA GLU A 339 -13.57 -34.77 -26.45
C GLU A 339 -13.64 -34.69 -24.93
N ASN A 340 -12.48 -34.69 -24.27
CA ASN A 340 -12.43 -34.62 -22.81
C ASN A 340 -13.06 -33.32 -22.25
N PHE A 341 -12.95 -32.22 -23.00
CA PHE A 341 -13.52 -30.95 -22.56
C PHE A 341 -15.05 -31.04 -22.49
N THR A 342 -15.60 -32.15 -22.93
CA THR A 342 -17.05 -32.36 -22.91
C THR A 342 -17.50 -32.96 -21.59
N HIS A 343 -16.70 -33.91 -21.07
CA HIS A 343 -17.02 -34.58 -19.82
C HIS A 343 -16.46 -33.83 -18.61
N THR A 344 -17.12 -33.97 -17.48
CA THR A 344 -16.73 -33.29 -16.24
C THR A 344 -16.04 -34.23 -15.26
N PRO A 345 -14.74 -34.04 -15.01
CA PRO A 345 -14.09 -34.95 -14.05
C PRO A 345 -14.82 -34.93 -12.71
N GLN A 346 -15.02 -36.12 -12.16
CA GLN A 346 -15.75 -36.28 -10.91
C GLN A 346 -14.92 -36.60 -9.66
N GLY A 347 -15.48 -36.27 -8.50
CA GLY A 347 -14.87 -36.57 -7.22
C GLY A 347 -13.65 -35.84 -6.69
N ASN A 348 -13.00 -36.44 -5.71
CA ASN A 348 -11.80 -35.87 -5.10
C ASN A 348 -10.64 -35.89 -6.10
N ILE A 349 -9.89 -34.80 -6.14
CA ILE A 349 -8.74 -34.64 -7.02
C ILE A 349 -7.50 -35.22 -6.33
N VAL A 350 -6.76 -36.06 -7.03
CA VAL A 350 -5.54 -36.66 -6.48
C VAL A 350 -4.34 -36.24 -7.33
N ILE A 351 -3.35 -35.65 -6.68
CA ILE A 351 -2.13 -35.17 -7.35
C ILE A 351 -1.06 -36.23 -7.36
N SER A 352 -0.37 -36.38 -8.48
CA SER A 352 0.74 -37.31 -8.61
C SER A 352 1.73 -36.81 -9.68
N ALA A 353 2.95 -37.29 -9.64
CA ALA A 353 3.97 -36.88 -10.60
C ALA A 353 4.43 -38.03 -11.47
N PHE A 354 4.95 -37.72 -12.64
CA PHE A 354 5.46 -38.76 -13.51
C PHE A 354 6.49 -38.17 -14.46
N GLU A 355 7.32 -39.05 -14.99
CA GLU A 355 8.38 -38.64 -15.88
C GLU A 355 8.07 -39.01 -17.33
N GLN A 356 8.89 -38.51 -18.23
CA GLN A 356 8.72 -38.75 -19.64
C GLN A 356 8.80 -40.24 -20.05
N THR A 357 9.32 -41.09 -19.16
CA THR A 357 9.42 -42.53 -19.47
C THR A 357 8.05 -43.19 -19.52
N LEU A 358 7.06 -42.59 -18.88
CA LEU A 358 5.72 -43.16 -18.90
C LEU A 358 5.18 -43.30 -20.30
N TRP A 359 5.59 -42.35 -21.22
CA TRP A 359 5.24 -42.60 -22.61
C TRP A 359 5.49 -44.05 -22.99
N GLN A 360 6.69 -44.50 -22.77
CA GLN A 360 6.95 -45.90 -23.19
C GLN A 360 6.06 -46.98 -22.56
N SER A 361 5.84 -46.91 -21.25
CA SER A 361 5.06 -47.94 -20.55
C SER A 361 3.58 -47.73 -20.28
N ASP A 362 3.10 -46.49 -20.29
CA ASP A 362 1.69 -46.20 -20.03
C ASP A 362 1.35 -44.88 -20.72
N PRO A 363 1.41 -44.86 -22.06
CA PRO A 363 1.13 -43.69 -22.88
C PRO A 363 -0.21 -42.99 -22.70
N GLU A 364 -1.23 -43.72 -22.26
CA GLU A 364 -2.51 -43.06 -22.07
C GLU A 364 -2.49 -41.93 -21.04
N THR A 365 -1.72 -42.05 -19.96
CA THR A 365 -1.74 -40.94 -19.03
C THR A 365 -1.09 -39.68 -19.60
N PRO A 366 0.10 -39.79 -20.22
CA PRO A 366 0.70 -38.56 -20.78
C PRO A 366 -0.10 -38.09 -21.98
N LEU A 367 -0.79 -39.02 -22.64
CA LEU A 367 -1.63 -38.64 -23.80
C LEU A 367 -2.77 -37.77 -23.27
N LYS A 368 -3.47 -38.23 -22.25
CA LYS A 368 -4.57 -37.44 -21.67
C LYS A 368 -4.08 -36.09 -21.12
N VAL A 369 -2.90 -36.10 -20.50
CA VAL A 369 -2.34 -34.87 -19.95
C VAL A 369 -2.07 -33.87 -21.09
N TYR A 370 -1.56 -34.37 -22.21
CA TYR A 370 -1.30 -33.49 -23.35
C TYR A 370 -2.61 -32.92 -23.88
N GLN A 371 -3.66 -33.74 -23.90
CA GLN A 371 -4.96 -33.30 -24.37
C GLN A 371 -5.43 -32.09 -23.58
N LEU A 372 -5.28 -32.16 -22.27
CA LEU A 372 -5.71 -31.05 -21.43
C LEU A 372 -4.77 -29.84 -21.60
N LEU A 373 -3.47 -30.06 -21.46
CA LEU A 373 -2.51 -28.97 -21.63
C LEU A 373 -2.72 -28.28 -22.99
N SER A 374 -2.75 -29.09 -24.05
CA SER A 374 -2.96 -28.57 -25.40
C SER A 374 -4.31 -27.86 -25.57
N GLY A 375 -5.35 -28.41 -24.97
CA GLY A 375 -6.66 -27.79 -25.11
C GLY A 375 -6.87 -26.51 -24.35
N ALA A 376 -6.01 -26.21 -23.38
CA ALA A 376 -6.18 -25.00 -22.59
C ALA A 376 -5.41 -23.81 -23.13
N HIS A 377 -4.55 -24.06 -24.10
CA HIS A 377 -3.71 -23.01 -24.68
C HIS A 377 -4.40 -22.31 -25.85
N TYR A 378 -4.01 -21.06 -26.10
CA TYR A 378 -4.61 -20.31 -27.20
C TYR A 378 -4.10 -20.83 -28.54
N ARG A 379 -2.95 -21.50 -28.55
CA ARG A 379 -2.41 -22.05 -29.79
C ARG A 379 -2.06 -23.51 -29.62
N THR A 380 -2.42 -24.33 -30.60
CA THR A 380 -2.10 -25.76 -30.54
C THR A 380 -1.09 -26.06 -31.64
N SER A 381 -0.15 -26.96 -31.37
CA SER A 381 0.85 -27.31 -32.37
C SER A 381 1.64 -28.58 -31.98
N PRO A 382 1.81 -29.50 -32.94
CA PRO A 382 2.54 -30.74 -32.68
C PRO A 382 3.97 -30.52 -32.21
N LEU A 383 4.47 -29.29 -32.33
CA LEU A 383 5.80 -29.00 -31.83
C LEU A 383 5.77 -29.27 -30.32
N ASP A 384 4.68 -28.88 -29.67
CA ASP A 384 4.55 -29.09 -28.25
C ASP A 384 4.56 -30.57 -27.88
N LEU A 385 3.82 -31.36 -28.67
CA LEU A 385 3.74 -32.80 -28.46
C LEU A 385 5.12 -33.45 -28.59
N ARG A 386 5.87 -33.03 -29.61
CA ARG A 386 7.19 -33.58 -29.84
C ARG A 386 8.08 -33.29 -28.64
N ARG A 387 7.97 -32.06 -28.15
CA ARG A 387 8.72 -31.59 -27.03
C ARG A 387 8.39 -32.41 -25.79
N ASP A 390 9.78 -36.23 -26.38
CA ASP A 390 11.19 -36.59 -26.37
C ASP A 390 12.26 -35.57 -25.95
N ALA A 391 11.90 -34.30 -25.80
CA ALA A 391 12.91 -33.33 -25.37
C ALA A 391 13.32 -33.72 -23.96
N PRO A 392 14.59 -33.46 -23.58
CA PRO A 392 15.06 -33.80 -22.24
C PRO A 392 14.75 -32.66 -21.25
N GLY A 393 14.72 -32.99 -19.97
CA GLY A 393 14.47 -31.97 -18.97
C GLY A 393 13.00 -31.64 -18.70
N GLN A 394 12.09 -32.43 -19.25
CA GLN A 394 10.66 -32.24 -19.07
C GLN A 394 10.17 -33.11 -17.88
N HIS A 395 9.27 -32.55 -17.07
CA HIS A 395 8.74 -33.27 -15.90
C HIS A 395 7.25 -32.94 -15.75
N PHE A 396 6.47 -33.90 -15.28
CA PHE A 396 5.04 -33.66 -15.18
C PHE A 396 4.40 -33.97 -13.83
N LEU A 397 3.23 -33.37 -13.63
CA LEU A 397 2.41 -33.56 -12.45
C LEU A 397 0.98 -33.61 -13.00
N GLN A 398 0.13 -34.44 -12.41
CA GLN A 398 -1.25 -34.48 -12.87
C GLN A 398 -2.20 -34.44 -11.69
N ALA A 399 -3.40 -33.93 -11.94
CA ALA A 399 -4.47 -33.84 -10.96
C ALA A 399 -5.57 -34.71 -11.59
N ALA A 400 -5.82 -35.85 -10.98
CA ALA A 400 -6.80 -36.79 -11.50
C ALA A 400 -8.11 -36.89 -10.71
N GLY A 401 -9.20 -36.95 -11.46
CA GLY A 401 -10.52 -37.13 -10.88
C GLY A 401 -10.71 -38.64 -10.92
N GLU A 402 -11.92 -39.12 -10.69
CA GLU A 402 -12.15 -40.56 -10.69
C GLU A 402 -11.78 -41.22 -12.01
N ASN A 403 -12.29 -40.72 -13.12
CA ASN A 403 -12.00 -41.32 -14.42
C ASN A 403 -11.51 -40.33 -15.49
N GLU A 404 -11.02 -39.17 -15.04
CA GLU A 404 -10.52 -38.17 -15.98
C GLU A 404 -9.57 -37.15 -15.33
N ILE A 405 -8.66 -36.62 -16.12
CA ILE A 405 -7.69 -35.64 -15.67
C ILE A 405 -8.35 -34.28 -15.40
N ALA A 406 -8.14 -33.75 -14.21
CA ALA A 406 -8.72 -32.46 -13.82
C ALA A 406 -7.70 -31.35 -14.00
N GLY A 407 -6.43 -31.73 -14.02
CA GLY A 407 -5.37 -30.75 -14.20
C GLY A 407 -4.03 -31.38 -14.54
N ALA A 408 -3.10 -30.56 -14.98
CA ALA A 408 -1.76 -31.02 -15.31
C ALA A 408 -0.75 -29.88 -15.24
N LEU A 409 0.50 -30.23 -14.94
CA LEU A 409 1.58 -29.27 -14.84
C LEU A 409 2.77 -29.80 -15.66
N TRP A 410 3.33 -28.93 -16.48
CA TRP A 410 4.46 -29.27 -17.36
C TRP A 410 5.66 -28.42 -16.93
N LEU A 411 6.68 -29.08 -16.42
CA LEU A 411 7.88 -28.39 -15.95
C LEU A 411 9.10 -28.69 -16.82
N VAL A 412 10.02 -27.72 -16.93
CA VAL A 412 11.23 -27.93 -17.70
C VAL A 412 12.46 -27.46 -16.90
N ASP A 413 13.49 -28.30 -16.86
CA ASP A 413 14.72 -27.96 -16.14
C ASP A 413 15.48 -26.77 -16.75
N GLU A 414 15.97 -25.87 -15.88
CA GLU A 414 16.72 -24.72 -16.35
C GLU A 414 17.82 -24.29 -15.39
N GLY A 415 18.83 -23.64 -15.94
CA GLY A 415 19.91 -23.12 -15.14
C GLY A 415 21.08 -24.05 -15.06
N GLY A 416 21.89 -23.87 -14.02
CA GLY A 416 23.06 -24.70 -13.87
C GLY A 416 24.18 -24.24 -14.78
N LEU A 417 24.05 -23.02 -15.33
CA LEU A 417 25.07 -22.50 -16.23
C LEU A 417 26.35 -22.18 -15.47
N SER A 418 27.49 -22.26 -16.15
CA SER A 418 28.75 -21.95 -15.49
C SER A 418 28.74 -20.47 -15.12
N GLN A 419 29.61 -20.12 -14.19
CA GLN A 419 29.73 -18.77 -13.69
C GLN A 419 30.08 -17.85 -14.86
N GLN A 420 31.08 -18.25 -15.63
CA GLN A 420 31.55 -17.50 -16.79
C GLN A 420 30.44 -17.20 -17.79
N LEU A 421 29.67 -18.23 -18.17
CA LEU A 421 28.60 -18.03 -19.11
C LEU A 421 27.52 -17.09 -18.53
N SER A 422 27.07 -17.34 -17.30
CA SER A 422 26.03 -16.49 -16.69
C SER A 422 26.42 -15.01 -16.83
N GLN A 423 27.65 -14.70 -16.45
CA GLN A 423 28.16 -13.34 -16.53
C GLN A 423 28.10 -12.85 -17.97
N ALA A 424 28.45 -13.72 -18.90
CA ALA A 424 28.45 -13.35 -20.32
C ALA A 424 27.02 -13.02 -20.74
N VAL A 425 26.07 -13.80 -20.27
CA VAL A 425 24.66 -13.56 -20.58
C VAL A 425 24.24 -12.26 -19.93
N TRP A 426 24.65 -12.04 -18.68
CA TRP A 426 24.29 -10.82 -17.95
C TRP A 426 24.72 -9.61 -18.73
N ALA A 427 25.96 -9.64 -19.19
CA ALA A 427 26.50 -8.52 -19.96
C ALA A 427 25.90 -8.45 -21.36
N GLY A 428 25.21 -9.51 -21.74
CA GLY A 428 24.63 -9.55 -23.07
C GLY A 428 25.69 -9.85 -24.10
N PHE A 429 26.82 -10.43 -23.69
CA PHE A 429 27.88 -10.77 -24.64
C PHE A 429 27.56 -12.09 -25.31
N ARG A 430 26.62 -12.83 -24.74
CA ARG A 430 26.28 -14.15 -25.28
C ARG A 430 24.84 -14.51 -24.95
N ARG A 431 24.13 -15.06 -25.92
CA ARG A 431 22.76 -15.49 -25.70
C ARG A 431 22.38 -16.72 -26.51
N PRO A 432 22.71 -17.91 -26.00
CA PRO A 432 22.43 -19.20 -26.62
C PRO A 432 20.99 -19.51 -26.23
N ARG A 433 20.47 -20.68 -26.58
CA ARG A 433 19.11 -20.94 -26.19
C ARG A 433 18.86 -22.03 -25.17
N GLY A 434 17.58 -22.13 -24.80
CA GLY A 434 17.16 -23.06 -23.78
C GLY A 434 17.27 -22.18 -22.54
N ASN A 435 16.91 -22.71 -21.38
CA ASN A 435 17.02 -21.93 -20.15
C ASN A 435 16.40 -20.55 -20.27
N LEU A 436 15.16 -20.49 -20.75
CA LEU A 436 14.45 -19.24 -20.93
C LEU A 436 14.56 -18.32 -19.71
N VAL A 437 13.92 -18.69 -18.60
CA VAL A 437 13.92 -17.87 -17.42
C VAL A 437 15.31 -17.73 -16.77
N ALA A 438 16.05 -18.83 -16.69
CA ALA A 438 17.39 -18.79 -16.07
C ALA A 438 18.22 -17.68 -16.69
N GLN A 439 18.38 -17.72 -18.01
CA GLN A 439 19.13 -16.70 -18.73
C GLN A 439 18.53 -15.30 -18.61
N SER A 440 17.20 -15.23 -18.62
CA SER A 440 16.50 -13.95 -18.48
C SER A 440 16.82 -13.30 -17.12
N LEU A 441 16.90 -14.13 -16.09
CA LEU A 441 17.23 -13.63 -14.76
C LEU A 441 18.55 -12.89 -14.82
N ALA A 442 19.50 -13.45 -15.56
CA ALA A 442 20.82 -12.85 -15.69
C ALA A 442 20.83 -11.65 -16.64
N ALA A 443 20.29 -11.83 -17.84
CA ALA A 443 20.25 -10.78 -18.85
C ALA A 443 19.40 -9.57 -18.46
N HIS A 444 18.42 -9.77 -17.58
CA HIS A 444 17.56 -8.66 -17.19
C HIS A 444 17.55 -8.42 -15.69
N GLY A 445 18.40 -9.14 -14.97
CA GLY A 445 18.45 -8.97 -13.53
C GLY A 445 19.73 -8.29 -13.11
N ASN A 446 19.89 -8.11 -11.81
CA ASN A 446 21.07 -7.44 -11.33
C ASN A 446 22.18 -8.37 -10.91
N ASN A 447 21.87 -9.65 -10.78
CA ASN A 447 22.89 -10.59 -10.35
C ASN A 447 23.53 -11.32 -11.51
N PRO A 448 24.77 -10.95 -11.88
CA PRO A 448 25.41 -11.63 -13.01
C PRO A 448 25.58 -13.14 -12.88
N LEU A 449 25.26 -13.68 -11.71
CA LEU A 449 25.37 -15.13 -11.43
C LEU A 449 23.99 -15.81 -11.35
N ALA A 450 22.94 -15.06 -11.67
CA ALA A 450 21.58 -15.59 -11.60
C ALA A 450 21.38 -16.89 -12.38
N ALA A 451 22.06 -17.02 -13.52
CA ALA A 451 21.90 -18.21 -14.34
C ALA A 451 22.64 -19.45 -13.85
N THR A 452 23.44 -19.33 -12.78
CA THR A 452 24.15 -20.51 -12.26
C THR A 452 23.20 -21.32 -11.38
N LEU A 453 22.13 -20.68 -10.91
CA LEU A 453 21.14 -21.33 -10.05
C LEU A 453 20.30 -22.36 -10.85
N ARG A 454 19.77 -23.35 -10.14
CA ARG A 454 18.97 -24.39 -10.76
C ARG A 454 17.50 -24.31 -10.35
N GLY A 455 16.63 -24.56 -11.31
CA GLY A 455 15.22 -24.54 -11.05
C GLY A 455 14.43 -25.18 -12.18
N ARG A 456 13.13 -25.13 -12.07
CA ARG A 456 12.28 -25.67 -13.09
C ARG A 456 11.28 -24.62 -13.43
N ARG A 457 11.08 -24.40 -14.72
CA ARG A 457 10.13 -23.43 -15.20
C ARG A 457 8.80 -24.10 -15.50
N VAL A 458 7.73 -23.37 -15.20
CA VAL A 458 6.38 -23.84 -15.47
C VAL A 458 6.12 -23.54 -16.95
N SER A 459 6.24 -24.57 -17.77
CA SER A 459 6.02 -24.44 -19.19
C SER A 459 4.53 -24.27 -19.51
N ARG A 460 3.70 -25.05 -18.81
CA ARG A 460 2.25 -25.03 -18.98
C ARG A 460 1.57 -25.57 -17.72
N ILE A 461 0.45 -24.95 -17.37
CA ILE A 461 -0.35 -25.42 -16.26
C ILE A 461 -1.78 -25.30 -16.77
N ALA A 462 -2.60 -26.32 -16.50
CA ALA A 462 -3.97 -26.27 -16.95
C ALA A 462 -4.90 -27.10 -16.07
N VAL A 463 -6.06 -26.53 -15.80
CA VAL A 463 -7.05 -27.19 -14.99
C VAL A 463 -8.30 -27.29 -15.86
N HIS A 464 -8.98 -28.43 -15.80
CA HIS A 464 -10.20 -28.62 -16.56
C HIS A 464 -11.13 -27.46 -16.23
N PRO A 465 -11.75 -26.85 -17.25
CA PRO A 465 -12.67 -25.70 -17.06
C PRO A 465 -13.84 -25.92 -16.11
N ALA A 466 -14.26 -27.17 -15.94
CA ALA A 466 -15.35 -27.50 -15.03
C ALA A 466 -14.80 -27.77 -13.63
N ARG A 467 -13.48 -27.66 -13.47
CA ARG A 467 -12.86 -27.93 -12.18
C ARG A 467 -11.97 -26.81 -11.67
N GLN A 468 -12.12 -25.64 -12.26
CA GLN A 468 -11.32 -24.50 -11.86
C GLN A 468 -11.84 -23.85 -10.58
N ARG A 469 -10.97 -23.10 -9.93
CA ARG A 469 -11.30 -22.37 -8.70
C ARG A 469 -11.68 -23.23 -7.51
N GLU A 470 -11.00 -24.38 -7.38
CA GLU A 470 -11.23 -25.32 -6.29
C GLU A 470 -9.90 -25.59 -5.61
N GLY A 471 -8.83 -24.99 -6.12
CA GLY A 471 -7.52 -25.19 -5.54
C GLY A 471 -6.63 -26.20 -6.25
N THR A 472 -7.13 -26.86 -7.28
CA THR A 472 -6.31 -27.86 -7.96
C THR A 472 -5.09 -27.25 -8.62
N GLY A 473 -5.23 -26.01 -9.08
CA GLY A 473 -4.11 -25.33 -9.69
C GLY A 473 -3.02 -25.09 -8.64
N ARG A 474 -3.41 -24.67 -7.44
CA ARG A 474 -2.43 -24.43 -6.39
C ARG A 474 -1.89 -25.77 -5.84
N GLN A 475 -2.73 -26.80 -5.82
CA GLN A 475 -2.29 -28.09 -5.34
C GLN A 475 -1.28 -28.71 -6.31
N LEU A 476 -1.42 -28.38 -7.59
CA LEU A 476 -0.49 -28.87 -8.60
C LEU A 476 0.90 -28.30 -8.26
N ILE A 477 0.95 -27.00 -7.99
CA ILE A 477 2.18 -26.33 -7.66
C ILE A 477 2.73 -26.91 -6.37
N ALA A 478 1.86 -27.15 -5.39
CA ALA A 478 2.30 -27.71 -4.12
C ALA A 478 2.95 -29.07 -4.39
N GLY A 479 2.37 -29.81 -5.32
CA GLY A 479 2.93 -31.12 -5.64
C GLY A 479 4.32 -31.02 -6.26
N ALA A 480 4.55 -30.02 -7.10
CA ALA A 480 5.86 -29.88 -7.73
C ALA A 480 6.93 -29.61 -6.65
N LEU A 481 6.56 -28.84 -5.63
CA LEU A 481 7.45 -28.52 -4.53
C LEU A 481 7.69 -29.82 -3.75
N GLN A 482 6.60 -30.56 -3.57
CA GLN A 482 6.64 -31.81 -2.84
C GLN A 482 7.56 -32.86 -3.45
N TYR A 483 7.29 -33.23 -4.69
CA TYR A 483 8.05 -34.28 -5.36
C TYR A 483 9.43 -34.00 -5.93
N THR A 484 10.02 -32.85 -5.61
CA THR A 484 11.36 -32.59 -6.10
C THR A 484 12.24 -31.82 -5.12
N GLN A 485 13.54 -31.93 -5.28
CA GLN A 485 14.41 -31.22 -4.37
C GLN A 485 15.68 -30.80 -5.07
N ASP A 486 16.64 -30.31 -4.29
CA ASP A 486 17.89 -29.88 -4.86
C ASP A 486 17.60 -28.90 -5.99
N LEU A 487 16.75 -27.93 -5.70
CA LEU A 487 16.41 -26.90 -6.68
C LEU A 487 16.40 -25.56 -5.97
N ASP A 488 16.84 -24.52 -6.68
CA ASP A 488 16.87 -23.19 -6.12
C ASP A 488 15.52 -22.49 -6.24
N TYR A 489 14.72 -22.85 -7.24
CA TYR A 489 13.41 -22.19 -7.39
C TYR A 489 12.52 -22.79 -8.46
N LEU A 490 11.28 -22.31 -8.46
CA LEU A 490 10.30 -22.66 -9.47
C LEU A 490 10.09 -21.29 -10.14
N SER A 491 9.93 -21.28 -11.45
CA SER A 491 9.75 -20.02 -12.14
C SER A 491 8.63 -20.11 -13.15
N VAL A 492 8.17 -18.94 -13.56
CA VAL A 492 7.12 -18.86 -14.53
C VAL A 492 7.20 -17.53 -15.30
N SER A 493 6.97 -17.62 -16.60
CA SER A 493 6.97 -16.47 -17.50
C SER A 493 5.57 -16.46 -18.10
N PHE A 494 4.84 -15.36 -17.94
CA PHE A 494 3.48 -15.29 -18.44
C PHE A 494 3.02 -13.93 -18.93
N GLY A 495 2.00 -13.92 -19.80
CA GLY A 495 1.44 -12.67 -20.29
C GLY A 495 0.75 -12.10 -19.07
N TYR A 496 1.02 -10.85 -18.71
CA TYR A 496 0.45 -10.27 -17.51
C TYR A 496 -1.00 -9.74 -17.53
N THR A 497 -1.77 -10.13 -16.51
CA THR A 497 -3.15 -9.68 -16.25
C THR A 497 -3.23 -9.82 -14.72
N GLY A 498 -4.00 -8.95 -14.07
CA GLY A 498 -4.14 -9.01 -12.63
C GLY A 498 -4.68 -10.34 -12.13
N GLU A 499 -5.60 -10.95 -12.87
CA GLU A 499 -6.17 -12.23 -12.46
C GLU A 499 -5.12 -13.33 -12.42
N LEU A 500 -4.37 -13.46 -13.52
CA LEU A 500 -3.34 -14.49 -13.64
C LEU A 500 -2.21 -14.28 -12.63
N TRP A 501 -1.82 -13.04 -12.40
CA TRP A 501 -0.78 -12.75 -11.44
C TRP A 501 -1.24 -13.15 -10.03
N ARG A 502 -2.48 -12.81 -9.72
CA ARG A 502 -3.03 -13.11 -8.40
C ARG A 502 -2.94 -14.62 -8.17
N PHE A 503 -3.19 -15.39 -9.22
CA PHE A 503 -3.10 -16.85 -9.09
C PHE A 503 -1.68 -17.23 -8.70
N TRP A 504 -0.69 -16.69 -9.42
CA TRP A 504 0.70 -17.02 -9.13
C TRP A 504 1.12 -16.49 -7.77
N GLN A 505 0.61 -15.33 -7.38
CA GLN A 505 0.95 -14.78 -6.09
C GLN A 505 0.49 -15.72 -4.96
N ARG A 506 -0.67 -16.33 -5.14
CA ARG A 506 -1.25 -17.26 -4.20
C ARG A 506 -0.42 -18.47 -4.05
N CYS A 507 0.15 -18.91 -5.16
CA CYS A 507 0.90 -20.14 -5.16
C CYS A 507 2.26 -19.86 -4.53
N GLY A 508 2.46 -18.62 -4.11
CA GLY A 508 3.72 -18.25 -3.47
C GLY A 508 4.79 -17.62 -4.37
N PHE A 509 4.43 -17.28 -5.61
CA PHE A 509 5.43 -16.67 -6.49
C PHE A 509 5.70 -15.21 -6.18
N VAL A 510 6.90 -14.77 -6.52
CA VAL A 510 7.34 -13.41 -6.29
C VAL A 510 7.69 -12.79 -7.64
N LEU A 511 7.04 -11.69 -7.96
CA LEU A 511 7.25 -11.00 -9.23
C LEU A 511 8.65 -10.44 -9.30
N VAL A 512 9.39 -10.75 -10.37
CA VAL A 512 10.76 -10.25 -10.46
C VAL A 512 11.02 -9.42 -11.71
N ARG A 513 10.07 -9.42 -12.63
CA ARG A 513 10.25 -8.66 -13.85
C ARG A 513 8.95 -8.39 -14.64
N GLY A 515 8.03 -6.99 -18.53
CA GLY A 515 8.59 -6.63 -19.83
C GLY A 515 8.08 -5.31 -20.34
N ASN A 516 8.52 -4.94 -21.53
CA ASN A 516 8.15 -3.68 -22.14
C ASN A 516 7.62 -3.92 -23.55
N HIS A 517 7.57 -5.20 -23.93
CA HIS A 517 7.16 -5.65 -25.24
C HIS A 517 5.79 -6.38 -25.21
N ARG A 518 4.72 -5.73 -25.63
CA ARG A 518 3.41 -6.41 -25.62
C ARG A 518 3.36 -7.63 -26.56
N GLU A 519 2.96 -8.77 -26.01
CA GLU A 519 2.84 -10.00 -26.78
C GLU A 519 1.82 -9.75 -27.90
N ALA A 520 2.20 -10.06 -29.13
CA ALA A 520 1.36 -9.83 -30.29
C ALA A 520 -0.01 -10.50 -30.19
N SER A 521 -0.05 -11.69 -29.63
CA SER A 521 -1.28 -12.46 -29.51
C SER A 521 -2.16 -12.07 -28.35
N SER A 522 -1.58 -11.96 -27.16
CA SER A 522 -2.35 -11.62 -25.98
C SER A 522 -2.43 -10.11 -25.71
N GLY A 523 -1.49 -9.37 -26.29
CA GLY A 523 -1.46 -7.93 -26.05
C GLY A 523 -0.91 -7.59 -24.67
N CYS A 524 -0.44 -8.59 -23.95
CA CYS A 524 0.08 -8.36 -22.61
C CYS A 524 1.59 -8.28 -22.53
N TYR A 525 2.07 -7.54 -21.54
CA TYR A 525 3.51 -7.46 -21.33
C TYR A 525 3.88 -8.81 -20.69
N THR A 526 5.12 -9.26 -20.87
CA THR A 526 5.51 -10.52 -20.25
C THR A 526 6.04 -10.31 -18.84
N ALA A 527 5.48 -11.05 -17.89
CA ALA A 527 5.91 -10.97 -16.50
C ALA A 527 6.66 -12.27 -16.15
N ALA A 529 8.10 -14.54 -12.65
CA ALA A 529 7.98 -14.67 -11.21
C ALA A 529 8.75 -15.87 -10.74
N LEU A 530 9.07 -15.87 -9.46
CA LEU A 530 9.83 -16.95 -8.85
C LEU A 530 9.24 -17.38 -7.52
N LEU A 531 9.29 -18.69 -7.31
CA LEU A 531 8.81 -19.33 -6.08
C LEU A 531 10.14 -19.93 -5.63
N PRO A 532 10.87 -19.23 -4.75
CA PRO A 532 12.16 -19.65 -4.22
C PRO A 532 12.14 -20.85 -3.29
N SER A 534 15.62 -22.30 -2.24
CA SER A 534 16.90 -22.33 -1.53
C SER A 534 17.19 -20.91 -1.06
N ASP A 535 18.11 -20.78 -0.11
CA ASP A 535 18.49 -19.47 0.41
C ASP A 535 19.02 -18.63 -0.77
N ALA A 536 19.69 -19.28 -1.72
CA ALA A 536 20.19 -18.52 -2.89
C ALA A 536 19.02 -18.06 -3.76
N GLY A 537 18.02 -18.93 -3.93
CA GLY A 537 16.89 -18.58 -4.74
C GLY A 537 16.04 -17.52 -4.09
N LYS A 538 15.87 -17.64 -2.77
CA LYS A 538 15.10 -16.69 -1.99
C LYS A 538 15.70 -15.30 -2.10
N GLN A 539 17.02 -15.24 -2.08
CA GLN A 539 17.70 -13.96 -2.19
C GLN A 539 17.61 -13.38 -3.59
N LEU A 540 17.69 -14.23 -4.60
CA LEU A 540 17.56 -13.75 -5.98
C LEU A 540 16.19 -13.07 -6.14
N ALA A 541 15.16 -13.77 -5.67
CA ALA A 541 13.77 -13.29 -5.77
C ALA A 541 13.48 -11.98 -5.02
N GLU A 542 13.88 -11.91 -3.74
CA GLU A 542 13.64 -10.70 -2.94
C GLU A 542 14.41 -9.53 -3.53
N ARG A 543 15.67 -9.77 -3.82
CA ARG A 543 16.56 -8.77 -4.41
C ARG A 543 15.99 -8.24 -5.73
N GLU A 544 15.53 -9.16 -6.57
CA GLU A 544 14.99 -8.77 -7.86
C GLU A 544 13.65 -8.06 -7.67
N HIS A 545 12.90 -8.48 -6.65
CA HIS A 545 11.62 -7.85 -6.40
C HIS A 545 11.83 -6.44 -5.86
N TYR A 546 12.86 -6.27 -5.05
CA TYR A 546 13.17 -4.97 -4.49
C TYR A 546 13.53 -4.04 -5.63
N ARG A 547 14.34 -4.54 -6.55
CA ARG A 547 14.75 -3.77 -7.73
C ARG A 547 13.52 -3.36 -8.58
N LEU A 548 12.58 -4.29 -8.77
CA LEU A 548 11.39 -3.98 -9.55
C LEU A 548 10.61 -2.83 -8.85
N ARG A 549 10.56 -2.85 -7.53
CA ARG A 549 9.86 -1.81 -6.78
C ARG A 549 10.52 -0.46 -6.98
N ARG A 550 11.83 -0.44 -7.18
CA ARG A 550 12.49 0.83 -7.42
C ARG A 550 12.27 1.30 -8.85
N ASP A 551 12.05 0.35 -9.75
CA ASP A 551 11.84 0.67 -11.17
C ASP A 551 10.37 0.80 -11.57
N ALA A 552 9.47 0.49 -10.64
CA ALA A 552 8.04 0.51 -10.91
C ALA A 552 7.55 1.78 -11.57
N GLN A 553 7.87 2.92 -10.99
CA GLN A 553 7.44 4.20 -11.55
C GLN A 553 7.91 4.38 -12.99
N ALA A 554 9.18 4.09 -13.26
CA ALA A 554 9.68 4.23 -14.62
C ALA A 554 8.98 3.24 -15.56
N LEU A 555 8.81 2.00 -15.11
CA LEU A 555 8.18 0.98 -15.92
C LEU A 555 6.72 1.34 -16.26
N ALA A 556 5.94 1.68 -15.23
CA ALA A 556 4.54 2.03 -15.42
C ALA A 556 4.37 3.15 -16.43
N GLN A 557 5.22 4.17 -16.32
CA GLN A 557 5.21 5.33 -17.19
C GLN A 557 5.50 4.99 -18.65
N TRP A 558 6.47 4.09 -18.84
CA TRP A 558 6.85 3.65 -20.17
C TRP A 558 5.85 2.67 -20.78
N ASN A 559 5.39 1.70 -19.98
CA ASN A 559 4.46 0.67 -20.43
C ASN A 559 3.02 1.12 -20.52
N GLY A 560 2.69 2.18 -19.78
CA GLY A 560 1.32 2.66 -19.78
C GLY A 560 0.43 1.85 -18.86
N GLU A 561 1.04 0.98 -18.06
CA GLU A 561 0.32 0.15 -17.10
C GLU A 561 1.07 0.14 -15.76
N THR A 562 0.35 0.38 -14.69
CA THR A 562 0.99 0.37 -13.38
C THR A 562 1.31 -1.07 -13.02
N LEU A 563 2.40 -1.26 -12.27
CA LEU A 563 2.78 -2.58 -11.84
C LEU A 563 2.16 -2.80 -10.47
N PRO A 564 1.88 -4.06 -10.12
CA PRO A 564 1.29 -4.34 -8.83
C PRO A 564 2.30 -4.59 -7.71
N VAL A 565 3.02 -3.55 -7.33
CA VAL A 565 4.02 -3.64 -6.26
C VAL A 565 4.04 -2.29 -5.57
N ASP A 566 4.54 -2.24 -4.34
CA ASP A 566 4.63 -0.97 -3.64
C ASP A 566 5.84 -0.30 -4.24
N PRO A 567 5.63 0.76 -5.01
CA PRO A 567 6.73 1.49 -5.64
C PRO A 567 7.62 2.23 -4.65
N LEU A 568 8.92 2.21 -4.92
CA LEU A 568 9.92 2.89 -4.11
C LEU A 568 10.52 4.01 -4.97
N ASN A 569 10.00 5.21 -4.82
CA ASN A 569 10.47 6.34 -5.62
C ASN A 569 11.81 6.94 -5.17
N ASP A 570 12.56 6.15 -4.41
CA ASP A 570 13.87 6.57 -3.94
C ASP A 570 14.79 6.69 -5.13
N ALA A 571 15.01 7.92 -5.58
CA ALA A 571 15.91 8.15 -6.70
C ALA A 571 17.25 8.46 -6.03
N VAL A 572 18.09 7.43 -5.97
CA VAL A 572 19.40 7.51 -5.37
C VAL A 572 20.12 6.30 -5.97
N LEU A 573 21.26 6.55 -6.61
CA LEU A 573 22.02 5.48 -7.24
C LEU A 573 22.61 4.51 -6.22
N SER A 574 22.35 3.23 -6.41
CA SER A 574 22.86 2.22 -5.49
C SER A 574 24.08 1.52 -6.08
N ASP A 575 24.64 0.57 -5.34
CA ASP A 575 25.78 -0.17 -5.85
C ASP A 575 25.20 -1.02 -6.96
N ASP A 576 23.97 -1.49 -6.74
CA ASP A 576 23.27 -2.30 -7.73
C ASP A 576 23.11 -1.47 -8.99
N ASP A 577 22.68 -0.22 -8.83
CA ASP A 577 22.49 0.64 -10.00
C ASP A 577 23.79 0.78 -10.80
N TRP A 578 24.89 1.12 -10.11
CA TRP A 578 26.16 1.32 -10.76
C TRP A 578 26.59 0.14 -11.60
N LEU A 579 26.39 -1.08 -11.08
CA LEU A 579 26.78 -2.26 -11.83
C LEU A 579 25.98 -2.33 -13.15
N GLU A 580 24.67 -2.17 -13.07
CA GLU A 580 23.83 -2.21 -14.27
C GLU A 580 24.17 -1.09 -15.25
N LEU A 581 24.30 0.14 -14.74
CA LEU A 581 24.66 1.26 -15.60
C LEU A 581 25.98 0.94 -16.31
N ALA A 582 26.93 0.32 -15.61
CA ALA A 582 28.21 0.00 -16.22
C ALA A 582 27.97 -1.06 -17.29
N GLY A 583 27.07 -2.00 -16.99
CA GLY A 583 26.75 -3.03 -17.96
C GLY A 583 26.16 -2.39 -19.21
N PHE A 584 25.35 -1.36 -19.03
CA PHE A 584 24.76 -0.69 -20.18
C PHE A 584 25.80 0.12 -20.93
N ALA A 585 26.61 0.85 -20.18
CA ALA A 585 27.61 1.70 -20.77
C ALA A 585 28.74 0.98 -21.50
N PHE A 586 29.21 -0.12 -20.92
CA PHE A 586 30.38 -0.80 -21.46
C PHE A 586 30.16 -2.22 -21.95
N ALA A 587 28.91 -2.63 -22.03
CA ALA A 587 28.59 -3.96 -22.49
C ALA A 587 27.26 -3.91 -23.24
N HIS A 588 26.49 -4.99 -23.27
CA HIS A 588 25.24 -4.93 -24.09
C HIS A 588 23.93 -5.13 -23.36
N ARG A 589 23.82 -4.51 -22.19
CA ARG A 589 22.57 -4.56 -21.46
C ARG A 589 21.61 -3.73 -22.31
N PRO A 590 20.39 -4.24 -22.52
CA PRO A 590 19.42 -3.50 -23.33
C PRO A 590 18.99 -2.19 -22.67
N LEU A 591 18.66 -1.20 -23.48
CA LEU A 591 18.21 0.10 -22.98
C LEU A 591 17.04 -0.01 -21.97
N LEU A 592 15.98 -0.72 -22.38
CA LEU A 592 14.78 -0.87 -21.55
C LEU A 592 15.00 -1.68 -20.27
N THR A 593 15.92 -2.63 -20.31
CA THR A 593 16.25 -3.42 -19.13
C THR A 593 16.89 -2.47 -18.09
N SER A 594 17.58 -1.45 -18.58
CA SER A 594 18.26 -0.45 -17.74
C SER A 594 17.40 0.79 -17.54
N LEU A 595 16.12 0.74 -17.92
CA LEU A 595 15.28 1.92 -17.77
C LEU A 595 15.29 2.61 -16.40
N GLY A 596 15.00 1.87 -15.34
CA GLY A 596 14.95 2.48 -14.00
C GLY A 596 16.26 3.13 -13.56
N CYS A 597 17.35 2.41 -13.78
CA CYS A 597 18.69 2.89 -13.42
C CYS A 597 19.09 4.09 -14.24
N LEU A 598 18.85 4.03 -15.54
CA LEU A 598 19.19 5.13 -16.43
C LEU A 598 18.44 6.41 -16.01
N LEU A 599 17.17 6.26 -15.66
CA LEU A 599 16.37 7.41 -15.25
C LEU A 599 16.92 8.01 -13.95
N ARG A 600 17.40 7.16 -13.05
CA ARG A 600 17.95 7.66 -11.81
C ARG A 600 19.28 8.36 -12.08
N LEU A 601 20.02 7.85 -13.06
CA LEU A 601 21.29 8.44 -13.43
C LEU A 601 21.02 9.83 -14.02
N LEU A 602 20.03 9.91 -14.90
CA LEU A 602 19.65 11.16 -15.54
C LEU A 602 19.14 12.21 -14.54
N GLN A 603 18.49 11.78 -13.47
CA GLN A 603 18.01 12.76 -12.50
C GLN A 603 19.15 13.40 -11.70
N THR A 604 20.19 12.61 -11.43
CA THR A 604 21.36 13.09 -10.67
C THR A 604 22.40 13.80 -11.55
N SER A 605 22.63 13.27 -12.75
CA SER A 605 23.62 13.86 -13.65
C SER A 605 23.31 15.27 -14.12
N GLU A 606 24.36 16.08 -14.25
CA GLU A 606 24.22 17.46 -14.72
C GLU A 606 24.46 17.53 -16.22
N LEU A 607 24.89 16.42 -16.82
CA LEU A 607 25.18 16.40 -18.26
C LEU A 607 23.97 16.46 -19.19
N ALA A 608 24.18 16.99 -20.39
CA ALA A 608 23.11 17.13 -21.38
C ALA A 608 22.51 15.76 -21.77
N LEU A 609 23.35 14.81 -22.19
CA LEU A 609 22.93 13.45 -22.54
C LEU A 609 21.65 13.48 -23.42
N PRO A 610 21.72 14.18 -24.56
CA PRO A 610 20.56 14.30 -25.45
C PRO A 610 19.93 13.03 -25.97
N ALA A 611 20.73 12.04 -26.31
CA ALA A 611 20.19 10.77 -26.83
C ALA A 611 19.41 10.04 -25.74
N LEU A 612 19.96 10.00 -24.52
CA LEU A 612 19.26 9.34 -23.41
C LEU A 612 18.07 10.18 -22.92
N ARG A 613 18.29 11.49 -22.74
CA ARG A 613 17.24 12.36 -22.26
C ARG A 613 16.11 12.48 -23.27
N GLY A 614 16.45 12.63 -24.54
CA GLY A 614 15.41 12.73 -25.55
C GLY A 614 14.51 11.51 -25.56
N ARG A 615 15.11 10.32 -25.54
CA ARG A 615 14.35 9.09 -25.56
C ARG A 615 13.59 8.75 -24.27
N LEU A 616 14.27 8.93 -23.13
CA LEU A 616 13.67 8.56 -21.85
C LEU A 616 12.90 9.62 -21.12
N GLN A 617 13.22 10.88 -21.35
CA GLN A 617 12.50 11.95 -20.66
C GLN A 617 11.65 12.86 -21.52
N LYS A 618 11.96 12.98 -22.81
CA LYS A 618 11.20 13.87 -23.67
C LYS A 618 10.35 13.22 -24.76
N ASN A 619 10.18 11.91 -24.69
CA ASN A 619 9.35 11.21 -25.67
C ASN A 619 9.75 11.38 -27.14
N ALA A 620 11.04 11.56 -27.39
CA ALA A 620 11.50 11.70 -28.76
C ALA A 620 11.51 10.29 -29.37
N SER A 621 11.38 10.19 -30.69
CA SER A 621 11.41 8.87 -31.35
C SER A 621 12.85 8.60 -31.77
N ASP A 622 13.15 7.36 -32.11
CA ASP A 622 14.51 7.05 -32.52
C ASP A 622 14.88 7.82 -33.77
N ALA A 623 13.94 7.87 -34.72
CA ALA A 623 14.18 8.58 -35.97
C ALA A 623 14.50 10.05 -35.72
N GLN A 624 13.70 10.72 -34.89
CA GLN A 624 13.93 12.13 -34.59
C GLN A 624 15.31 12.37 -33.95
N LEU A 625 15.65 11.54 -32.97
CA LEU A 625 16.93 11.63 -32.28
C LEU A 625 18.07 11.48 -33.29
N CYS A 626 17.97 10.48 -34.15
CA CYS A 626 19.00 10.25 -35.15
C CYS A 626 19.21 11.49 -36.01
N THR A 627 18.12 12.16 -36.38
CA THR A 627 18.26 13.34 -37.20
C THR A 627 18.88 14.50 -36.41
N THR A 628 18.29 14.84 -35.26
CA THR A 628 18.84 15.90 -34.43
C THR A 628 20.31 15.68 -34.05
N LEU A 629 20.67 14.44 -33.73
CA LEU A 629 22.05 14.16 -33.36
C LEU A 629 22.90 13.70 -34.55
N LYS A 630 22.27 13.66 -35.72
CA LYS A 630 22.96 13.28 -36.94
C LYS A 630 23.66 11.92 -36.90
N LEU A 631 22.88 10.89 -36.56
CA LEU A 631 23.39 9.52 -36.51
C LEU A 631 22.79 8.75 -37.68
N SER A 632 23.51 7.74 -38.17
CA SER A 632 23.06 6.95 -39.31
C SER A 632 21.80 6.12 -39.07
N GLY A 633 21.51 5.77 -37.82
CA GLY A 633 20.33 4.96 -37.54
C GLY A 633 20.26 4.43 -36.13
N ARG A 634 19.32 3.51 -35.89
CA ARG A 634 19.12 2.94 -34.56
C ARG A 634 20.36 2.33 -33.92
N LYS A 635 21.19 1.67 -34.71
CA LYS A 635 22.38 1.07 -34.17
C LYS A 635 23.29 2.11 -33.51
N LEU A 637 22.47 5.09 -32.68
CA LEU A 637 21.75 5.84 -31.65
C LEU A 637 22.04 5.14 -30.32
N LEU A 638 21.92 3.81 -30.34
CA LEU A 638 22.16 2.99 -29.15
C LEU A 638 23.61 3.10 -28.70
N VAL A 639 24.55 3.11 -29.65
CA VAL A 639 25.98 3.24 -29.28
C VAL A 639 26.18 4.59 -28.60
N ARG A 640 25.56 5.64 -29.14
CA ARG A 640 25.68 6.96 -28.56
C ARG A 640 25.10 7.00 -27.16
N GLN A 641 24.00 6.29 -26.95
CA GLN A 641 23.38 6.26 -25.63
C GLN A 641 24.29 5.59 -24.62
N ARG A 642 25.03 4.57 -25.07
CA ARG A 642 25.98 3.89 -24.19
C ARG A 642 27.14 4.83 -23.88
N GLU A 643 27.61 5.57 -24.86
CA GLU A 643 28.69 6.51 -24.64
C GLU A 643 28.21 7.62 -23.69
N GLU A 644 26.95 8.04 -23.80
CA GLU A 644 26.43 9.08 -22.89
C GLU A 644 26.39 8.57 -21.45
N ALA A 645 26.00 7.30 -21.28
CA ALA A 645 25.94 6.72 -19.96
C ALA A 645 27.35 6.71 -19.37
N ALA A 646 28.33 6.31 -20.17
CA ALA A 646 29.72 6.28 -19.72
C ALA A 646 30.16 7.65 -19.25
N GLN A 647 29.87 8.68 -20.04
CA GLN A 647 30.23 10.03 -19.67
C GLN A 647 29.61 10.37 -18.31
N ALA A 648 28.31 10.16 -18.17
CA ALA A 648 27.64 10.49 -16.92
C ALA A 648 28.29 9.83 -15.70
N LEU A 649 28.71 8.56 -15.85
CA LEU A 649 29.34 7.81 -14.77
C LEU A 649 30.72 8.38 -14.45
N PHE A 650 31.49 8.66 -15.49
CA PHE A 650 32.82 9.22 -15.32
C PHE A 650 32.73 10.59 -14.63
N ALA A 651 31.75 11.40 -15.02
CA ALA A 651 31.54 12.73 -14.45
C ALA A 651 31.10 12.69 -12.99
N LEU A 652 30.74 11.50 -12.52
CA LEU A 652 30.24 11.33 -11.15
C LEU A 652 31.37 10.73 -10.32
N ASN A 653 32.05 9.73 -10.88
CA ASN A 653 33.13 9.08 -10.17
C ASN A 653 34.04 8.28 -11.10
N ASP A 654 35.11 8.93 -11.57
CA ASP A 654 36.07 8.33 -12.49
C ASP A 654 36.62 6.95 -12.11
N VAL A 655 37.24 6.85 -10.93
CA VAL A 655 37.83 5.58 -10.53
C VAL A 655 36.85 4.43 -10.40
N ARG A 656 35.68 4.68 -9.81
CA ARG A 656 34.66 3.62 -9.68
C ARG A 656 34.26 3.13 -11.09
N THR A 657 34.07 4.07 -12.00
CA THR A 657 33.68 3.72 -13.37
C THR A 657 34.74 2.86 -14.05
N GLU A 658 36.00 3.30 -13.99
CA GLU A 658 37.10 2.54 -14.60
C GLU A 658 37.19 1.11 -14.06
N ARG A 659 36.96 0.93 -12.77
CA ARG A 659 37.02 -0.41 -12.15
C ARG A 659 35.86 -1.26 -12.62
N LEU A 660 34.72 -0.62 -12.83
CA LEU A 660 33.53 -1.32 -13.28
C LEU A 660 33.70 -1.70 -14.73
N ARG A 661 34.23 -0.79 -15.53
CA ARG A 661 34.47 -1.09 -16.93
C ARG A 661 35.43 -2.28 -17.04
N ASP A 662 36.52 -2.22 -16.28
CA ASP A 662 37.53 -3.29 -16.37
C ASP A 662 36.97 -4.64 -16.02
N ARG A 663 36.11 -4.65 -15.02
CA ARG A 663 35.50 -5.87 -14.52
C ARG A 663 34.51 -6.51 -15.50
N ILE A 664 33.60 -5.72 -16.03
CA ILE A 664 32.62 -6.22 -16.97
C ILE A 664 33.26 -6.54 -18.32
N THR A 665 34.26 -5.76 -18.72
CA THR A 665 34.95 -5.96 -20.00
C THR A 665 35.51 -7.38 -20.15
N GLN A 666 36.00 -7.93 -19.06
CA GLN A 666 36.58 -9.26 -19.07
C GLN A 666 35.55 -10.39 -19.22
N TRP A 667 34.31 -10.12 -18.85
CA TRP A 667 33.29 -11.14 -18.96
C TRP A 667 33.00 -11.56 -20.39
N GLN A 668 33.63 -10.93 -21.37
CA GLN A 668 33.38 -11.31 -22.74
C GLN A 668 34.17 -12.57 -23.07
N LEU A 669 33.46 -13.67 -23.28
CA LEU A 669 34.09 -14.94 -23.58
C LEU A 669 34.37 -15.15 -25.07
N PHE A 670 35.66 -15.31 -25.40
CA PHE A 670 36.15 -15.55 -26.77
C PHE A 670 36.41 -14.26 -27.56
N ALA B 2 -12.84 -13.55 -0.70
CA ALA B 2 -14.11 -12.84 -0.57
C ALA B 2 -14.01 -11.51 0.18
N GLU B 3 -13.65 -11.57 1.46
CA GLU B 3 -13.54 -10.37 2.29
C GLU B 3 -12.67 -9.30 1.66
N LEU B 4 -11.52 -9.70 1.13
CA LEU B 4 -10.58 -8.78 0.50
C LEU B 4 -11.08 -8.18 -0.82
N THR B 5 -11.71 -9.00 -1.64
CA THR B 5 -12.25 -8.54 -2.92
C THR B 5 -13.36 -7.53 -2.64
N ALA B 6 -14.10 -7.79 -1.56
CA ALA B 6 -15.20 -6.92 -1.17
C ALA B 6 -14.67 -5.64 -0.54
N LEU B 7 -13.51 -5.72 0.12
CA LEU B 7 -12.94 -4.52 0.72
C LEU B 7 -12.33 -3.68 -0.39
N HIS B 8 -11.82 -4.35 -1.40
CA HIS B 8 -11.19 -3.66 -2.52
C HIS B 8 -12.14 -2.75 -3.27
N THR B 9 -13.31 -3.27 -3.63
CA THR B 9 -14.26 -2.45 -4.36
C THR B 9 -14.83 -1.38 -3.47
N LEU B 10 -15.13 -1.73 -2.21
CA LEU B 10 -15.65 -0.72 -1.30
C LEU B 10 -14.65 0.44 -1.18
N THR B 11 -13.37 0.13 -1.33
CA THR B 11 -12.34 1.16 -1.23
C THR B 11 -12.39 2.15 -2.38
N ALA B 12 -12.84 1.67 -3.52
CA ALA B 12 -12.93 2.51 -4.71
C ALA B 12 -14.10 3.48 -4.50
N GLN B 13 -15.15 3.00 -3.85
CA GLN B 13 -16.30 3.83 -3.59
C GLN B 13 -15.90 4.95 -2.64
N LYS B 15 -12.92 6.36 -2.02
CA LYS B 15 -12.09 7.37 -2.66
C LYS B 15 -12.92 8.23 -3.60
N ARG B 16 -13.99 7.67 -4.11
CA ARG B 16 -14.82 8.42 -5.05
C ARG B 16 -15.78 9.36 -4.37
N GLU B 17 -16.05 9.12 -3.09
CA GLU B 17 -16.95 9.98 -2.34
C GLU B 17 -16.14 10.86 -1.39
N GLY B 18 -14.82 10.77 -1.53
CA GLY B 18 -13.90 11.54 -0.71
C GLY B 18 -13.89 11.28 0.78
N ILE B 19 -14.27 10.06 1.19
CA ILE B 19 -14.29 9.73 2.61
C ILE B 19 -13.27 8.65 3.03
N ARG B 20 -13.24 8.35 4.31
CA ARG B 20 -12.34 7.34 4.86
C ARG B 20 -13.13 6.52 5.85
N ARG B 21 -12.69 5.29 6.13
CA ARG B 21 -13.40 4.43 7.06
C ARG B 21 -12.47 3.76 8.06
N LEU B 22 -13.05 3.37 9.20
CA LEU B 22 -12.32 2.69 10.27
C LEU B 22 -12.50 1.18 10.11
N LEU B 23 -11.39 0.45 10.00
CA LEU B 23 -11.44 -1.00 9.92
C LEU B 23 -10.83 -1.48 11.23
N VAL B 24 -11.64 -2.11 12.06
CA VAL B 24 -11.15 -2.62 13.33
C VAL B 24 -10.82 -4.11 13.29
N LEU B 25 -9.58 -4.44 13.61
CA LEU B 25 -9.13 -5.82 13.67
C LEU B 25 -9.01 -6.14 15.15
N SER B 26 -9.91 -6.99 15.66
CA SER B 26 -9.92 -7.38 17.06
C SER B 26 -9.70 -8.87 17.23
N GLY B 27 -8.64 -9.23 17.96
CA GLY B 27 -8.33 -10.63 18.17
C GLY B 27 -6.91 -10.86 18.66
N GLU B 28 -6.40 -12.04 18.42
CA GLU B 28 -5.04 -12.39 18.82
C GLU B 28 -4.00 -11.51 18.11
N GLU B 29 -2.94 -11.19 18.83
CA GLU B 29 -1.86 -10.36 18.31
C GLU B 29 -1.38 -10.82 16.93
N GLY B 30 -1.16 -12.13 16.80
CA GLY B 30 -0.70 -12.67 15.53
C GLY B 30 -1.77 -12.62 14.47
N TRP B 31 -2.99 -13.00 14.84
CA TRP B 31 -4.11 -12.98 13.93
C TRP B 31 -4.26 -11.57 13.36
N CYS B 32 -4.12 -10.55 14.22
CA CYS B 32 -4.21 -9.16 13.77
C CYS B 32 -3.11 -8.82 12.74
N PHE B 33 -1.87 -9.16 13.05
CA PHE B 33 -0.78 -8.84 12.15
C PHE B 33 -0.93 -9.53 10.80
N GLU B 34 -1.35 -10.80 10.79
CA GLU B 34 -1.52 -11.51 9.51
C GLU B 34 -2.53 -10.77 8.62
N HIS B 35 -3.60 -10.27 9.22
CA HIS B 35 -4.58 -9.56 8.42
C HIS B 35 -4.04 -8.25 7.88
N THR B 36 -3.18 -7.54 8.64
CA THR B 36 -2.62 -6.28 8.14
C THR B 36 -1.76 -6.59 6.90
N LEU B 37 -1.17 -7.77 6.86
CA LEU B 37 -0.35 -8.19 5.73
C LEU B 37 -1.22 -8.42 4.48
N LYS B 38 -2.38 -9.03 4.66
CA LYS B 38 -3.28 -9.29 3.54
C LYS B 38 -3.88 -7.99 3.05
N LEU B 39 -4.27 -7.16 4.01
CA LEU B 39 -4.84 -5.85 3.72
C LEU B 39 -3.90 -4.99 2.86
N ARG B 40 -2.60 -4.98 3.22
CA ARG B 40 -1.63 -4.20 2.47
C ARG B 40 -1.47 -4.69 1.04
N ASP B 41 -1.51 -6.00 0.87
CA ASP B 41 -1.38 -6.58 -0.46
C ASP B 41 -2.64 -6.36 -1.32
N ALA B 42 -3.80 -6.26 -0.68
CA ALA B 42 -5.05 -6.06 -1.42
C ALA B 42 -5.33 -4.60 -1.77
N LEU B 43 -5.06 -3.67 -0.85
CA LEU B 43 -5.30 -2.26 -1.10
C LEU B 43 -3.98 -1.53 -1.07
N PRO B 44 -3.31 -1.42 -2.23
CA PRO B 44 -2.03 -0.73 -2.19
C PRO B 44 -2.14 0.69 -1.65
N GLY B 45 -1.07 1.13 -1.00
CA GLY B 45 -1.04 2.45 -0.42
C GLY B 45 0.27 2.63 0.32
N ASP B 46 0.35 3.71 1.08
CA ASP B 46 1.55 4.01 1.85
C ASP B 46 1.57 3.19 3.12
N TRP B 47 0.41 3.05 3.75
CA TRP B 47 0.27 2.29 4.98
C TRP B 47 1.23 2.70 6.09
N LEU B 48 1.23 3.97 6.48
CA LEU B 48 2.11 4.33 7.58
C LEU B 48 1.44 3.81 8.84
N TRP B 49 2.26 3.31 9.76
CA TRP B 49 2.24 2.27 10.75
C TRP B 49 2.56 3.12 11.98
N ILE B 50 1.56 3.32 12.83
CA ILE B 50 1.75 4.09 14.04
C ILE B 50 1.62 3.15 15.20
N SER B 51 2.70 2.96 15.93
CA SER B 51 2.66 2.08 17.07
C SER B 51 3.57 2.60 18.15
N PRO B 52 3.15 2.49 19.42
CA PRO B 52 4.07 3.00 20.44
C PRO B 52 5.32 2.10 20.35
N ARG B 53 6.18 2.38 19.38
CA ARG B 53 7.40 1.58 19.17
C ARG B 53 8.55 2.13 20.01
N PRO B 54 8.83 3.45 19.93
CA PRO B 54 9.92 3.95 20.78
C PRO B 54 9.16 4.02 22.11
N ASP B 55 9.76 3.67 23.24
CA ASP B 55 8.96 3.68 24.46
C ASP B 55 9.21 4.63 25.62
N ALA B 56 8.12 5.20 26.10
CA ALA B 56 8.11 6.14 27.21
C ALA B 56 6.76 6.01 27.95
N LEU B 65 6.09 10.66 17.93
CA LEU B 65 5.16 10.07 16.97
C LEU B 65 4.49 11.13 16.10
N GLN B 66 5.06 12.32 15.96
CA GLN B 66 4.36 13.33 15.17
C GLN B 66 5.13 14.38 14.35
N THR B 67 6.08 13.97 13.54
CA THR B 67 6.79 14.96 12.72
C THR B 67 6.28 14.84 11.29
N LEU B 68 5.13 14.19 11.14
CA LEU B 68 4.58 13.98 9.81
C LEU B 68 3.17 14.50 9.56
N LEU B 69 2.90 15.77 9.83
CA LEU B 69 1.55 16.25 9.58
C LEU B 69 1.35 17.04 8.29
N GLY B 70 2.43 17.61 7.76
CA GLY B 70 2.30 18.34 6.52
C GLY B 70 1.97 17.34 5.44
N ARG B 71 2.30 16.07 5.71
CA ARG B 71 2.07 15.00 4.76
C ARG B 71 0.76 14.23 4.95
N GLU B 72 0.43 13.46 3.94
CA GLU B 72 -0.78 12.65 3.92
C GLU B 72 -0.41 11.26 3.43
N PHE B 73 -1.22 10.28 3.79
CA PHE B 73 -0.93 8.91 3.39
C PHE B 73 -2.20 8.17 3.03
N ARG B 74 -2.07 7.24 2.10
CA ARG B 74 -3.18 6.41 1.71
C ARG B 74 -3.06 5.15 2.59
N HIS B 75 -3.94 5.05 3.58
CA HIS B 75 -3.99 3.94 4.52
C HIS B 75 -2.93 4.00 5.60
N ALA B 76 -3.29 3.46 6.76
CA ALA B 76 -2.40 3.44 7.92
C ALA B 76 -2.90 2.41 8.90
N VAL B 77 -2.08 2.12 9.90
CA VAL B 77 -2.40 1.16 10.92
C VAL B 77 -2.13 1.79 12.29
N PHE B 78 -3.07 1.65 13.22
CA PHE B 78 -2.89 2.14 14.57
C PHE B 78 -2.85 0.96 15.49
N ASP B 79 -1.67 0.64 16.02
CA ASP B 79 -1.47 -0.51 16.91
C ASP B 79 -1.85 -0.27 18.36
N ALA B 80 -3.07 -0.66 18.72
CA ALA B 80 -3.53 -0.44 20.11
C ALA B 80 -3.51 -1.73 20.90
N ARG B 81 -2.97 -2.79 20.30
CA ARG B 81 -2.95 -4.10 20.90
C ARG B 81 -2.49 -4.10 22.35
N HIS B 82 -1.70 -3.10 22.73
CA HIS B 82 -1.22 -3.05 24.10
C HIS B 82 -1.44 -1.68 24.73
N GLY B 83 -1.72 -0.69 23.89
CA GLY B 83 -1.94 0.66 24.40
C GLY B 83 -2.69 1.51 23.41
N PHE B 84 -3.41 2.51 23.93
CA PHE B 84 -4.17 3.42 23.08
C PHE B 84 -3.85 4.88 23.39
N ASP B 85 -3.00 5.47 22.57
CA ASP B 85 -2.61 6.87 22.70
C ASP B 85 -3.68 7.63 21.90
N ALA B 86 -4.71 8.10 22.61
CA ALA B 86 -5.83 8.79 21.98
C ALA B 86 -5.39 9.91 21.04
N ALA B 87 -4.51 10.77 21.54
CA ALA B 87 -4.01 11.90 20.75
C ALA B 87 -3.39 11.45 19.43
N ALA B 88 -2.58 10.40 19.47
CA ALA B 88 -1.95 9.90 18.25
C ALA B 88 -3.01 9.39 17.29
N PHE B 89 -3.99 8.65 17.81
CA PHE B 89 -5.07 8.12 16.99
C PHE B 89 -5.70 9.28 16.21
N ALA B 90 -6.21 10.27 16.93
CA ALA B 90 -6.83 11.45 16.31
C ALA B 90 -5.89 12.12 15.29
N ALA B 91 -4.64 12.35 15.68
CA ALA B 91 -3.68 12.98 14.77
C ALA B 91 -3.52 12.13 13.52
N LEU B 92 -3.39 10.82 13.68
CA LEU B 92 -3.21 9.94 12.52
C LEU B 92 -4.36 10.06 11.53
N SER B 93 -5.59 10.05 12.05
CA SER B 93 -6.73 10.15 11.16
C SER B 93 -6.62 11.39 10.29
N GLY B 94 -6.43 12.55 10.93
CA GLY B 94 -6.35 13.81 10.21
C GLY B 94 -5.35 13.87 9.07
N THR B 95 -4.50 12.86 8.98
CA THR B 95 -3.47 12.82 7.95
C THR B 95 -3.83 11.87 6.83
N LEU B 96 -4.99 11.25 6.91
CA LEU B 96 -5.42 10.27 5.95
C LEU B 96 -6.18 10.77 4.72
N LYS B 97 -5.60 10.52 3.55
CA LYS B 97 -6.17 10.94 2.28
C LYS B 97 -7.54 10.32 2.01
N ALA B 98 -8.29 10.93 1.09
CA ALA B 98 -9.62 10.44 0.75
C ALA B 98 -9.50 9.06 0.15
N GLY B 99 -10.33 8.14 0.63
CA GLY B 99 -10.31 6.77 0.13
C GLY B 99 -9.43 5.87 0.98
N SER B 100 -8.96 6.40 2.10
CA SER B 100 -8.09 5.66 2.99
C SER B 100 -8.81 4.94 4.12
N TRP B 101 -8.19 3.88 4.55
CA TRP B 101 -8.65 3.07 5.65
C TRP B 101 -7.74 3.32 6.82
N LEU B 102 -8.27 3.43 8.00
CA LEU B 102 -7.51 3.50 9.18
C LEU B 102 -7.78 2.12 9.72
N VAL B 103 -6.77 1.28 9.82
CA VAL B 103 -6.97 -0.06 10.40
C VAL B 103 -6.55 0.00 11.85
N LEU B 104 -7.49 -0.20 12.77
CA LEU B 104 -7.20 -0.16 14.20
C LEU B 104 -6.98 -1.54 14.79
N LEU B 105 -5.79 -1.77 15.32
CA LEU B 105 -5.46 -3.06 15.93
C LEU B 105 -5.87 -3.08 17.39
N LEU B 106 -6.65 -4.08 17.76
CA LEU B 106 -7.15 -4.17 19.12
C LEU B 106 -6.96 -5.57 19.68
N PRO B 107 -6.95 -5.71 21.00
CA PRO B 107 -6.80 -7.05 21.58
C PRO B 107 -8.11 -7.83 21.42
N VAL B 108 -8.13 -9.09 21.83
CA VAL B 108 -9.35 -9.89 21.74
C VAL B 108 -10.53 -9.12 22.35
N TRP B 109 -11.58 -8.95 21.56
CA TRP B 109 -12.75 -8.21 21.98
C TRP B 109 -13.25 -8.45 23.41
N GLU B 110 -13.44 -9.71 23.77
CA GLU B 110 -13.96 -10.03 25.10
C GLU B 110 -13.06 -9.66 26.27
N GLU B 111 -11.77 -9.53 26.02
CA GLU B 111 -10.85 -9.18 27.11
C GLU B 111 -10.22 -7.80 26.95
N TRP B 112 -10.78 -7.01 26.04
CA TRP B 112 -10.26 -5.68 25.82
C TRP B 112 -10.48 -4.77 27.02
N GLU B 113 -11.70 -4.76 27.55
CA GLU B 113 -12.02 -3.91 28.69
C GLU B 113 -11.07 -3.98 29.89
N ASN B 114 -10.55 -5.15 30.22
CA ASN B 114 -9.66 -5.24 31.38
C ASN B 114 -8.18 -5.40 31.10
N GLN B 115 -7.79 -5.28 29.84
CA GLN B 115 -6.38 -5.39 29.52
C GLN B 115 -5.71 -4.03 29.76
N PRO B 116 -4.62 -4.02 30.57
CA PRO B 116 -3.92 -2.75 30.84
C PRO B 116 -3.45 -2.02 29.59
N ASP B 117 -3.46 -0.69 29.68
CA ASP B 117 -3.08 0.21 28.58
C ASP B 117 -1.68 0.78 28.85
N ALA B 118 -0.70 0.37 28.06
CA ALA B 118 0.66 0.85 28.24
C ALA B 118 0.73 2.36 28.16
N ASP B 119 -0.18 2.96 27.40
CA ASP B 119 -0.18 4.40 27.24
C ASP B 119 -0.68 5.15 28.46
N SER B 120 -1.35 4.45 29.37
CA SER B 120 -1.89 5.07 30.57
C SER B 120 -0.84 5.69 31.50
N LEU B 121 0.43 5.27 31.38
CA LEU B 121 1.49 5.82 32.22
C LEU B 121 1.66 7.33 32.03
N ARG B 122 1.20 7.84 30.89
CA ARG B 122 1.33 9.26 30.59
C ARG B 122 0.30 10.15 31.30
N TRP B 123 -0.75 9.56 31.87
CA TRP B 123 -1.78 10.38 32.49
C TRP B 123 -2.47 9.85 33.73
N SER B 124 -2.15 8.63 34.14
CA SER B 124 -2.77 8.02 35.31
C SER B 124 -2.02 8.33 36.61
N ASP B 125 -0.78 8.77 36.48
CA ASP B 125 0.03 9.07 37.67
C ASP B 125 0.18 7.81 38.52
N CYS B 126 0.13 6.65 37.86
CA CYS B 126 0.31 5.37 38.54
C CYS B 126 1.68 4.83 38.10
N PRO B 127 2.33 4.02 38.94
CA PRO B 127 3.64 3.47 38.59
C PRO B 127 3.61 2.53 37.38
N ASP B 128 2.57 1.70 37.29
CA ASP B 128 2.41 0.77 36.18
C ASP B 128 1.11 0.97 35.40
N PRO B 129 1.01 0.40 34.19
CA PRO B 129 -0.19 0.52 33.36
C PRO B 129 -1.46 0.07 34.07
N ILE B 130 -2.60 0.61 33.65
CA ILE B 130 -3.88 0.25 34.25
C ILE B 130 -4.86 -0.11 33.16
N ALA B 131 -5.99 -0.71 33.53
CA ALA B 131 -6.98 -1.17 32.57
C ALA B 131 -7.81 -0.21 31.71
N THR B 132 -8.33 0.87 32.30
CA THR B 132 -9.18 1.83 31.57
C THR B 132 -10.39 1.21 30.84
N PRO B 133 -11.29 0.55 31.60
CA PRO B 133 -12.48 -0.08 31.03
C PRO B 133 -13.60 0.87 30.60
N HIS B 134 -13.67 2.05 31.21
CA HIS B 134 -14.70 3.02 30.84
C HIS B 134 -14.42 3.53 29.44
N PHE B 135 -13.13 3.72 29.14
CA PHE B 135 -12.76 4.20 27.81
C PHE B 135 -13.05 3.11 26.78
N VAL B 136 -12.84 1.86 27.17
CA VAL B 136 -13.10 0.76 26.24
C VAL B 136 -14.61 0.70 25.99
N GLN B 137 -15.40 0.87 27.06
CA GLN B 137 -16.86 0.85 26.96
C GLN B 137 -17.34 1.93 26.00
N HIS B 138 -16.81 3.14 26.17
CA HIS B 138 -17.17 4.24 25.30
C HIS B 138 -16.87 3.89 23.86
N LEU B 139 -15.67 3.36 23.60
CA LEU B 139 -15.32 2.98 22.25
C LEU B 139 -16.27 1.92 21.69
N LYS B 140 -16.64 0.93 22.49
CA LYS B 140 -17.57 -0.07 21.99
C LYS B 140 -18.89 0.58 21.58
N ARG B 141 -19.34 1.56 22.37
CA ARG B 141 -20.58 2.28 22.08
C ARG B 141 -20.60 2.99 20.73
N VAL B 142 -19.64 3.88 20.50
CA VAL B 142 -19.65 4.62 19.24
C VAL B 142 -19.41 3.67 18.07
N LEU B 143 -18.61 2.63 18.28
CA LEU B 143 -18.32 1.68 17.21
C LEU B 143 -19.57 0.87 16.87
N THR B 144 -20.33 0.47 17.88
CA THR B 144 -21.52 -0.33 17.65
C THR B 144 -22.77 0.48 17.36
N ALA B 145 -22.72 1.78 17.56
CA ALA B 145 -23.86 2.64 17.29
C ALA B 145 -24.39 2.43 15.87
N ASP B 146 -23.57 2.77 14.87
CA ASP B 146 -23.98 2.62 13.47
C ASP B 146 -23.07 1.66 12.69
N ASN B 147 -23.42 1.40 11.43
CA ASN B 147 -22.64 0.48 10.60
C ASN B 147 -21.48 1.12 9.85
N GLU B 148 -21.15 2.37 10.18
CA GLU B 148 -20.08 3.07 9.47
C GLU B 148 -18.69 2.46 9.65
N ALA B 149 -18.44 1.82 10.77
CA ALA B 149 -17.15 1.21 11.03
C ALA B 149 -17.22 -0.30 10.81
N ILE B 150 -16.24 -0.84 10.08
CA ILE B 150 -16.15 -2.26 9.81
C ILE B 150 -15.48 -2.99 10.98
N LEU B 151 -16.20 -3.90 11.62
CA LEU B 151 -15.67 -4.66 12.75
C LEU B 151 -15.33 -6.09 12.32
N TRP B 152 -14.04 -6.41 12.35
CA TRP B 152 -13.58 -7.74 11.97
C TRP B 152 -12.97 -8.40 13.20
N ARG B 153 -13.74 -9.26 13.85
CA ARG B 153 -13.29 -9.99 15.04
C ARG B 153 -12.92 -11.44 14.71
N GLN B 154 -11.79 -11.88 15.28
CA GLN B 154 -11.29 -13.24 15.04
C GLN B 154 -12.30 -14.32 15.36
N ASN B 155 -12.54 -15.20 14.39
CA ASN B 155 -13.48 -16.31 14.54
C ASN B 155 -14.95 -15.89 14.58
N GLN B 156 -15.24 -14.77 13.95
CA GLN B 156 -16.60 -14.25 13.84
C GLN B 156 -16.79 -14.14 12.34
N PRO B 157 -17.83 -14.77 11.79
CA PRO B 157 -17.97 -14.65 10.34
C PRO B 157 -17.92 -13.18 9.92
N PHE B 158 -17.17 -12.89 8.86
CA PHE B 158 -17.06 -11.52 8.41
C PHE B 158 -17.99 -11.21 7.25
N SER B 159 -18.60 -10.03 7.32
CA SER B 159 -19.50 -9.59 6.27
C SER B 159 -19.24 -8.11 6.07
N LEU B 160 -19.12 -7.66 4.85
CA LEU B 160 -18.96 -6.27 4.65
C LEU B 160 -20.25 -5.71 4.07
N ALA B 161 -20.91 -4.94 4.97
CA ALA B 161 -22.18 -4.28 4.74
C ALA B 161 -22.06 -3.30 3.58
N HIS B 162 -23.19 -2.93 3.01
CA HIS B 162 -23.26 -1.99 1.90
C HIS B 162 -23.58 -0.61 2.38
N PHE B 163 -23.13 0.41 1.66
CA PHE B 163 -23.36 1.78 2.08
C PHE B 163 -24.03 2.69 1.05
N THR B 164 -24.98 3.48 1.51
CA THR B 164 -25.69 4.42 0.65
C THR B 164 -24.72 5.41 0.03
N PRO B 165 -24.54 5.32 -1.30
CA PRO B 165 -23.67 6.14 -2.14
C PRO B 165 -23.76 7.65 -1.97
N ARG B 166 -22.61 8.28 -1.75
CA ARG B 166 -22.51 9.71 -1.56
C ARG B 166 -22.10 10.41 -2.85
N THR B 167 -22.28 11.73 -2.87
CA THR B 167 -21.94 12.51 -4.06
C THR B 167 -20.45 12.45 -4.32
N ASP B 168 -20.08 12.60 -5.58
CA ASP B 168 -18.66 12.58 -5.95
C ASP B 168 -17.93 13.74 -5.29
N TRP B 169 -16.79 13.45 -4.68
CA TRP B 169 -15.99 14.47 -4.02
C TRP B 169 -14.72 14.77 -4.82
N TYR B 170 -14.23 16.00 -4.72
CA TYR B 170 -13.02 16.39 -5.47
C TYR B 170 -12.04 17.28 -4.70
N PRO B 171 -10.70 17.08 -5.04
CA PRO B 171 -9.54 17.84 -4.48
C PRO B 171 -9.50 19.35 -4.49
N ALA B 172 -8.56 19.87 -3.77
CA ALA B 172 -8.34 21.28 -3.86
C ALA B 172 -7.36 21.46 -5.02
N THR B 173 -7.80 22.20 -6.04
CA THR B 173 -6.99 22.36 -7.24
C THR B 173 -5.70 23.12 -6.95
N GLY B 174 -5.48 23.53 -5.72
CA GLY B 174 -4.28 24.29 -5.42
C GLY B 174 -4.67 25.75 -5.34
N ALA B 175 -5.98 25.98 -5.32
CA ALA B 175 -6.50 27.30 -5.22
C ALA B 175 -7.30 27.34 -3.92
N PRO B 176 -7.91 28.48 -3.56
CA PRO B 176 -8.85 28.45 -2.44
C PRO B 176 -10.17 27.81 -2.81
N GLN B 177 -10.85 27.23 -1.83
CA GLN B 177 -12.15 26.64 -2.06
C GLN B 177 -13.14 27.78 -1.89
N PRO B 178 -14.41 27.58 -2.26
CA PRO B 178 -15.38 28.67 -2.12
C PRO B 178 -15.58 29.26 -0.73
N GLU B 179 -15.28 28.54 0.33
CA GLU B 179 -15.46 29.11 1.66
C GLU B 179 -14.24 29.95 1.97
N GLN B 180 -13.10 29.58 1.38
CA GLN B 180 -11.86 30.32 1.57
C GLN B 180 -11.90 31.56 0.70
N GLN B 181 -12.06 31.37 -0.60
CA GLN B 181 -12.12 32.49 -1.52
C GLN B 181 -13.15 33.48 -0.99
N GLN B 182 -14.28 32.97 -0.53
CA GLN B 182 -15.31 33.83 0.03
C GLN B 182 -14.67 34.76 1.05
N LEU B 183 -13.65 34.22 1.97
CA LEU B 183 -12.96 35.02 2.99
C LEU B 183 -11.47 35.49 2.68
N LEU B 184 -10.83 35.19 1.48
CA LEU B 184 -9.35 35.61 1.32
C LEU B 184 -9.15 37.14 1.61
N LYS B 185 -9.29 37.88 0.64
CA LYS B 185 -9.45 39.16 1.09
C LYS B 185 -10.88 39.45 0.87
N GLN B 186 -11.80 38.51 1.29
CA GLN B 186 -13.09 38.95 0.90
C GLN B 186 -14.22 39.10 1.84
N LEU B 187 -14.03 38.95 3.04
CA LEU B 187 -15.04 39.56 3.89
C LEU B 187 -13.91 40.18 4.66
N THR B 189 -11.58 42.63 3.01
CA THR B 189 -11.10 43.90 2.44
C THR B 189 -11.06 44.71 3.70
N PRO B 191 -10.66 47.20 7.12
CA PRO B 191 -10.28 48.35 7.80
C PRO B 191 -8.92 47.92 8.40
N PRO B 192 -8.19 48.83 8.99
CA PRO B 192 -7.35 48.25 10.04
C PRO B 192 -8.17 47.72 11.22
N GLY B 193 -7.93 46.44 11.55
CA GLY B 193 -8.64 45.81 12.64
C GLY B 193 -8.07 44.42 12.86
N VAL B 194 -8.70 43.66 13.76
CA VAL B 194 -8.25 42.31 14.04
C VAL B 194 -9.26 41.31 13.55
N ALA B 195 -8.80 40.38 12.75
CA ALA B 195 -9.68 39.35 12.22
C ALA B 195 -9.37 38.08 12.99
N ALA B 196 -10.41 37.30 13.29
CA ALA B 196 -10.22 36.06 14.03
C ALA B 196 -10.96 34.89 13.37
N VAL B 197 -10.24 34.09 12.60
CA VAL B 197 -10.83 32.93 11.93
C VAL B 197 -10.58 31.67 12.76
N THR B 198 -11.68 31.01 13.12
CA THR B 198 -11.62 29.80 13.93
C THR B 198 -12.25 28.63 13.18
N ALA B 199 -11.76 27.42 13.44
CA ALA B 199 -12.29 26.22 12.80
C ALA B 199 -11.65 24.97 13.37
N ALA B 200 -12.25 23.83 13.03
CA ALA B 200 -11.74 22.54 13.46
C ALA B 200 -10.46 22.35 12.67
N ARG B 201 -9.77 21.24 12.88
CA ARG B 201 -8.54 20.99 12.15
C ARG B 201 -8.89 20.56 10.73
N GLY B 202 -7.94 20.74 9.83
CA GLY B 202 -8.17 20.37 8.44
C GLY B 202 -9.24 21.18 7.72
N ARG B 203 -9.48 22.42 8.15
CA ARG B 203 -10.49 23.25 7.51
C ARG B 203 -9.88 24.32 6.61
N GLY B 204 -8.58 24.50 6.73
CA GLY B 204 -7.90 25.47 5.90
C GLY B 204 -7.42 26.74 6.58
N LYS B 205 -7.59 26.85 7.90
CA LYS B 205 -7.15 28.04 8.62
C LYS B 205 -5.79 28.50 8.12
N SER B 206 -4.79 27.65 8.26
CA SER B 206 -3.46 28.00 7.80
C SER B 206 -3.51 28.39 6.33
N ALA B 207 -3.94 27.46 5.49
CA ALA B 207 -4.04 27.74 4.05
C ALA B 207 -4.68 29.10 3.81
N LEU B 208 -5.79 29.37 4.51
CA LEU B 208 -6.46 30.65 4.44
C LEU B 208 -5.41 31.77 4.66
N ALA B 209 -4.78 31.71 5.86
CA ALA B 209 -3.81 32.66 6.41
C ALA B 209 -2.46 32.72 5.69
N GLY B 210 -2.29 31.82 4.72
CA GLY B 210 -1.09 31.85 3.90
C GLY B 210 -1.40 32.74 2.69
N GLN B 211 -2.60 32.57 2.18
CA GLN B 211 -3.06 33.29 1.04
C GLN B 211 -2.74 34.81 1.11
N LEU B 212 -3.23 35.47 2.17
CA LEU B 212 -2.96 36.88 2.32
C LEU B 212 -1.47 37.08 2.61
N ILE B 213 -0.63 36.04 2.43
CA ILE B 213 0.74 36.45 2.60
C ILE B 213 1.09 37.15 1.29
N SER B 214 1.55 36.68 0.18
CA SER B 214 1.65 37.86 -0.70
C SER B 214 0.36 38.25 -1.49
N ARG B 215 -0.90 37.64 -1.47
CA ARG B 215 -2.12 38.20 -2.17
C ARG B 215 -2.13 39.53 -1.59
N ILE B 216 -1.26 40.03 -0.82
CA ILE B 216 -1.32 41.35 -0.27
C ILE B 216 -0.23 42.18 -0.98
N ALA B 217 -0.54 43.46 -1.30
CA ALA B 217 0.42 44.32 -1.98
C ALA B 217 1.28 45.09 -0.99
N GLY B 218 1.32 44.60 0.25
CA GLY B 218 2.13 45.21 1.30
C GLY B 218 2.84 44.03 1.94
N ARG B 219 3.62 44.25 3.00
CA ARG B 219 4.32 43.12 3.63
C ARG B 219 3.67 42.72 4.95
N ALA B 220 3.51 41.41 5.14
CA ALA B 220 2.88 40.90 6.33
C ALA B 220 3.84 40.63 7.49
N ILE B 221 3.54 39.57 8.24
CA ILE B 221 4.29 39.21 9.43
C ILE B 221 3.62 37.95 10.00
N VAL B 222 4.24 37.28 10.97
CA VAL B 222 3.63 36.09 11.58
C VAL B 222 4.30 35.60 12.85
N THR B 223 3.48 35.19 13.82
CA THR B 223 3.93 34.71 15.12
C THR B 223 3.07 33.53 15.63
N ALA B 224 3.57 32.80 16.62
CA ALA B 224 2.84 31.66 17.18
C ALA B 224 3.52 31.15 18.44
N PRO B 225 2.76 30.43 19.30
CA PRO B 225 3.22 29.85 20.58
C PRO B 225 4.41 28.92 20.36
N ALA B 226 4.77 28.15 21.39
CA ALA B 226 5.83 27.15 21.20
C ALA B 226 5.19 26.51 19.99
N LYS B 227 5.80 26.76 18.83
CA LYS B 227 5.31 26.34 17.53
C LYS B 227 4.35 25.19 17.28
N ALA B 228 3.53 25.47 16.28
CA ALA B 228 2.57 24.59 15.66
C ALA B 228 3.17 24.54 14.30
N SER B 229 2.64 23.73 13.38
CA SER B 229 3.23 23.71 12.05
C SER B 229 3.16 25.08 11.34
N THR B 230 4.23 25.83 11.42
CA THR B 230 4.18 27.09 10.72
C THR B 230 4.35 26.81 9.16
N ASP B 231 4.49 25.47 8.80
CA ASP B 231 4.81 24.90 7.42
C ASP B 231 3.81 25.16 6.33
N VAL B 232 2.60 24.91 6.66
CA VAL B 232 1.53 25.14 5.71
C VAL B 232 1.55 26.57 5.25
N LEU B 233 0.96 27.33 6.18
CA LEU B 233 0.80 28.76 6.12
C LEU B 233 1.85 29.36 5.23
N ALA B 234 3.10 29.28 5.68
CA ALA B 234 4.24 29.84 4.96
C ALA B 234 4.38 29.27 3.55
N GLN B 235 4.31 27.95 3.47
CA GLN B 235 4.41 27.25 2.20
C GLN B 235 3.22 27.59 1.31
N PHE B 236 2.25 28.31 1.88
CA PHE B 236 1.06 28.72 1.15
C PHE B 236 1.08 30.23 1.04
N ALA B 237 2.29 30.77 1.02
CA ALA B 237 2.55 32.19 0.96
C ALA B 237 3.92 32.36 0.30
N GLY B 238 4.65 31.26 0.14
CA GLY B 238 5.96 31.35 -0.47
C GLY B 238 7.00 31.86 0.49
N GLU B 239 7.60 33.00 0.17
CA GLU B 239 8.65 33.57 1.02
C GLU B 239 8.30 34.88 1.71
N LYS B 240 7.22 35.54 1.31
CA LYS B 240 6.83 36.80 1.95
C LYS B 240 6.64 36.49 3.43
N PHE B 241 6.49 35.20 3.72
CA PHE B 241 6.34 34.73 5.09
C PHE B 241 7.70 34.94 5.75
N ARG B 242 7.67 35.26 7.03
CA ARG B 242 8.87 35.47 7.82
C ARG B 242 8.38 35.24 9.24
N PHE B 243 9.25 34.95 10.19
CA PHE B 243 8.70 34.66 11.51
C PHE B 243 9.52 34.92 12.76
N ILE B 244 9.05 35.84 13.60
CA ILE B 244 9.71 36.04 14.87
C ILE B 244 8.66 35.76 15.92
N ALA B 245 8.91 34.73 16.72
CA ALA B 245 7.98 34.32 17.77
C ALA B 245 7.56 35.49 18.65
N PRO B 246 6.38 35.40 19.28
CA PRO B 246 5.84 36.43 20.15
C PRO B 246 6.81 37.23 21.03
N ASP B 247 7.46 36.58 21.98
CA ASP B 247 8.38 37.28 22.86
C ASP B 247 9.57 37.95 22.18
N ALA B 248 10.23 37.23 21.30
CA ALA B 248 11.37 37.81 20.60
C ALA B 248 10.77 38.77 19.56
N LEU B 249 9.47 38.65 19.35
CA LEU B 249 8.74 39.53 18.43
C LEU B 249 8.50 40.89 19.09
N LEU B 250 8.28 40.88 20.38
CA LEU B 250 8.17 42.14 21.06
C LEU B 250 9.56 42.60 21.46
N ALA B 251 10.47 42.49 20.49
CA ALA B 251 11.85 42.92 20.67
C ALA B 251 11.96 44.32 20.06
N SER B 252 10.81 44.98 20.01
CA SER B 252 10.63 46.35 19.52
C SER B 252 11.10 46.77 18.13
N ASP B 253 10.55 46.16 17.09
CA ASP B 253 10.90 46.55 15.73
C ASP B 253 9.66 46.44 14.84
N GLU B 254 8.79 47.43 14.97
CA GLU B 254 7.53 47.50 14.22
C GLU B 254 7.80 47.78 12.75
N GLN B 255 7.23 46.95 11.86
CA GLN B 255 7.47 47.18 10.41
C GLN B 255 6.46 46.55 9.45
N ALA B 256 5.30 46.08 9.91
CA ALA B 256 4.34 45.47 8.98
C ALA B 256 2.92 46.05 9.04
N ASP B 257 2.18 45.87 7.93
CA ASP B 257 0.81 46.36 7.77
C ASP B 257 -0.31 45.37 8.09
N TRP B 258 0.04 44.10 8.23
CA TRP B 258 -0.94 43.07 8.55
C TRP B 258 -0.28 41.89 9.25
N LEU B 259 -0.51 41.78 10.55
CA LEU B 259 0.07 40.70 11.37
C LEU B 259 -0.82 39.47 11.36
N VAL B 260 -0.19 38.30 11.45
CA VAL B 260 -0.92 37.04 11.48
C VAL B 260 -0.30 36.20 12.60
N VAL B 261 -1.14 35.75 13.52
CA VAL B 261 -0.69 34.93 14.63
C VAL B 261 -1.44 33.60 14.65
N ASP B 262 -0.69 32.51 14.51
CA ASP B 262 -1.27 31.17 14.47
C ASP B 262 -1.60 30.63 15.84
N GLU B 263 -2.88 30.35 16.07
CA GLU B 263 -3.34 29.80 17.34
C GLU B 263 -2.96 30.73 18.49
N ALA B 264 -3.43 31.98 18.43
CA ALA B 264 -3.11 32.95 19.47
C ALA B 264 -3.71 32.66 20.82
N ALA B 265 -4.82 31.93 20.82
CA ALA B 265 -5.48 31.60 22.08
C ALA B 265 -4.50 30.99 23.08
N ALA B 266 -3.42 30.40 22.57
CA ALA B 266 -2.42 29.77 23.42
C ALA B 266 -1.31 30.73 23.87
N ILE B 267 -1.42 31.99 23.48
CA ILE B 267 -0.46 33.01 23.86
C ILE B 267 -1.08 33.90 24.93
N PRO B 268 -0.23 34.43 25.83
CA PRO B 268 -0.69 35.31 26.92
C PRO B 268 -1.53 36.45 26.50
N ALA B 269 -2.59 36.73 27.15
CA ALA B 269 -3.36 37.85 26.69
C ALA B 269 -2.56 39.15 26.81
N PRO B 270 -1.66 39.24 27.79
CA PRO B 270 -0.92 40.53 27.95
C PRO B 270 -0.26 40.90 26.72
N LEU B 271 0.63 39.90 26.47
CA LEU B 271 1.56 39.80 25.37
C LEU B 271 0.91 39.89 24.04
N LEU B 272 -0.14 39.08 23.88
CA LEU B 272 -0.91 39.14 22.64
C LEU B 272 -1.42 40.57 22.46
N HIS B 273 -2.03 41.16 23.48
CA HIS B 273 -2.65 42.50 23.32
C HIS B 273 -1.73 43.64 22.91
N GLN B 274 -0.55 43.72 23.49
CA GLN B 274 0.36 44.79 23.13
C GLN B 274 0.56 44.71 21.62
N LEU B 275 0.98 43.52 21.18
CA LEU B 275 1.26 43.25 19.77
C LEU B 275 0.16 43.60 18.77
N VAL B 276 -1.08 43.22 19.04
CA VAL B 276 -2.15 43.50 18.10
C VAL B 276 -2.49 44.99 18.03
N SER B 277 -1.76 45.80 18.79
CA SER B 277 -2.01 47.23 18.79
C SER B 277 -0.98 47.97 17.93
N ARG B 278 0.28 47.56 18.04
CA ARG B 278 1.38 48.16 17.32
C ARG B 278 1.14 48.35 15.81
N PHE B 279 0.49 47.37 15.18
CA PHE B 279 0.21 47.43 13.75
C PHE B 279 -1.25 47.77 13.42
N PRO B 280 -1.63 47.65 12.15
CA PRO B 280 -3.02 47.94 11.78
C PRO B 280 -3.99 46.78 11.54
N ARG B 281 -3.52 45.63 11.05
CA ARG B 281 -4.46 44.54 10.77
C ARG B 281 -3.97 43.08 10.99
N THR B 282 -4.61 42.35 11.91
CA THR B 282 -4.22 40.94 12.21
C THR B 282 -5.22 39.88 11.80
N LEU B 283 -4.68 38.69 11.52
CA LEU B 283 -5.51 37.55 11.21
C LEU B 283 -5.25 36.69 12.43
N LEU B 284 -6.31 36.40 13.16
CA LEU B 284 -6.18 35.59 14.34
C LEU B 284 -6.75 34.22 14.02
N THR B 285 -5.88 33.22 14.04
CA THR B 285 -6.31 31.85 13.76
C THR B 285 -6.38 31.05 15.05
N THR B 286 -7.26 30.06 15.06
CA THR B 286 -7.43 29.23 16.24
C THR B 286 -8.18 27.92 15.94
N THR B 287 -7.58 26.79 16.33
CA THR B 287 -8.16 25.48 16.11
C THR B 287 -9.09 25.12 17.27
N VAL B 288 -10.25 24.56 16.94
CA VAL B 288 -11.25 24.15 17.93
C VAL B 288 -11.81 22.78 17.55
N GLN B 289 -12.49 22.12 18.49
CA GLN B 289 -13.08 20.81 18.21
C GLN B 289 -12.11 19.74 17.69
N GLY B 290 -11.04 19.51 18.43
CA GLY B 290 -10.07 18.52 18.02
C GLY B 290 -9.03 18.31 19.11
N TYR B 291 -8.03 17.49 18.85
CA TYR B 291 -7.00 17.28 19.85
C TYR B 291 -6.14 18.54 19.83
N GLU B 292 -5.67 18.95 20.99
CA GLU B 292 -4.83 20.14 21.09
C GLU B 292 -5.47 21.40 20.53
N GLY B 293 -6.78 21.51 20.70
CA GLY B 293 -7.51 22.68 20.24
C GLY B 293 -7.80 23.54 21.44
N THR B 294 -8.56 24.62 21.26
CA THR B 294 -8.90 25.47 22.37
C THR B 294 -10.40 25.39 22.63
N GLY B 295 -10.77 25.33 23.91
CA GLY B 295 -12.17 25.24 24.27
C GLY B 295 -12.94 26.43 23.76
N ARG B 296 -14.06 26.19 23.09
CA ARG B 296 -14.83 27.29 22.54
C ARG B 296 -15.53 28.17 23.57
N GLY B 297 -15.56 27.75 24.82
CA GLY B 297 -16.16 28.59 25.84
C GLY B 297 -15.09 29.61 26.21
N PHE B 298 -13.86 29.12 26.32
CA PHE B 298 -12.73 29.97 26.65
C PHE B 298 -12.42 30.91 25.50
N LEU B 299 -12.77 30.50 24.28
CA LEU B 299 -12.50 31.30 23.10
C LEU B 299 -13.44 32.49 22.98
N LEU B 300 -14.60 32.42 23.61
CA LEU B 300 -15.54 33.53 23.55
C LEU B 300 -15.16 34.59 24.57
N LYS B 301 -14.57 34.15 25.67
CA LYS B 301 -14.12 35.07 26.71
C LYS B 301 -12.80 35.68 26.24
N PHE B 302 -12.18 35.02 25.27
CA PHE B 302 -10.91 35.47 24.71
C PHE B 302 -11.17 36.56 23.68
N CYS B 303 -12.13 36.31 22.81
CA CYS B 303 -12.49 37.27 21.78
C CYS B 303 -12.97 38.54 22.48
N ALA B 304 -13.77 38.35 23.53
CA ALA B 304 -14.34 39.44 24.30
C ALA B 304 -13.31 40.53 24.63
N ARG B 305 -12.05 40.14 24.70
CA ARG B 305 -10.98 41.07 25.02
C ARG B 305 -10.65 41.97 23.82
N PHE B 306 -11.39 41.83 22.74
CA PHE B 306 -11.12 42.61 21.55
C PHE B 306 -12.32 43.35 20.98
N PRO B 307 -12.43 44.65 21.28
CA PRO B 307 -13.55 45.43 20.76
C PRO B 307 -13.41 45.53 19.25
N HIS B 308 -14.50 45.31 18.54
CA HIS B 308 -14.48 45.36 17.08
C HIS B 308 -13.64 44.25 16.46
N LEU B 309 -13.83 43.02 16.95
CA LEU B 309 -13.10 41.90 16.40
C LEU B 309 -13.92 41.34 15.26
N HIS B 310 -13.26 41.07 14.14
CA HIS B 310 -13.93 40.51 12.98
C HIS B 310 -13.67 39.02 13.02
N ARG B 311 -14.60 38.28 13.59
CA ARG B 311 -14.48 36.84 13.73
C ARG B 311 -15.22 36.09 12.62
N PHE B 312 -14.52 35.16 11.98
CA PHE B 312 -15.11 34.38 10.89
C PHE B 312 -14.83 32.89 11.11
N GLU B 313 -15.61 32.05 10.44
CA GLU B 313 -15.45 30.61 10.60
C GLU B 313 -15.52 29.79 9.31
N LEU B 314 -14.61 28.83 9.19
CA LEU B 314 -14.57 27.91 8.04
C LEU B 314 -15.13 26.58 8.55
N GLN B 315 -15.92 25.91 7.72
CA GLN B 315 -16.58 24.68 8.13
C GLN B 315 -16.29 23.41 7.32
N GLN B 316 -15.77 23.55 6.10
CA GLN B 316 -15.49 22.38 5.29
C GLN B 316 -14.04 22.00 5.17
N PRO B 317 -13.72 20.72 5.40
CA PRO B 317 -12.37 20.18 5.32
C PRO B 317 -11.91 20.12 3.88
N ILE B 318 -10.67 20.52 3.63
CA ILE B 318 -10.13 20.54 2.29
C ILE B 318 -9.67 19.15 1.84
N ARG B 319 -9.19 18.36 2.78
CA ARG B 319 -8.67 17.03 2.47
C ARG B 319 -9.69 15.93 2.23
N TRP B 320 -10.92 16.11 2.71
CA TRP B 320 -11.94 15.09 2.51
C TRP B 320 -13.35 15.67 2.59
N ALA B 321 -14.34 14.87 2.21
CA ALA B 321 -15.71 15.34 2.22
C ALA B 321 -16.33 15.43 3.60
N GLN B 322 -17.13 16.47 3.81
CA GLN B 322 -17.82 16.66 5.08
C GLN B 322 -18.72 15.45 5.20
N GLY B 323 -18.93 14.98 6.42
CA GLY B 323 -19.77 13.81 6.59
C GLY B 323 -18.94 12.53 6.68
N CYS B 324 -17.62 12.67 6.55
CA CYS B 324 -16.72 11.53 6.64
C CYS B 324 -16.98 10.71 7.90
N PRO B 325 -17.24 9.41 7.75
CA PRO B 325 -17.50 8.55 8.91
C PRO B 325 -16.28 8.35 9.82
N LEU B 326 -15.08 8.48 9.27
CA LEU B 326 -13.88 8.33 10.10
C LEU B 326 -13.77 9.51 11.05
N GLU B 327 -13.91 10.70 10.48
CA GLU B 327 -13.87 11.93 11.25
C GLU B 327 -14.97 11.92 12.30
N LYS B 328 -16.15 11.48 11.91
CA LYS B 328 -17.27 11.41 12.84
C LYS B 328 -16.90 10.51 14.02
N VAL B 330 -13.95 9.52 15.19
CA VAL B 330 -12.90 10.13 16.01
C VAL B 330 -13.48 11.19 16.94
N SER B 331 -14.23 12.12 16.36
CA SER B 331 -14.85 13.19 17.12
C SER B 331 -15.70 12.61 18.23
N GLU B 332 -16.49 11.60 17.90
CA GLU B 332 -17.37 10.99 18.91
C GLU B 332 -16.60 10.21 19.95
N ALA B 333 -15.56 9.52 19.51
CA ALA B 333 -14.71 8.72 20.39
C ALA B 333 -13.96 9.58 21.40
N LEU B 334 -13.51 10.75 20.98
CA LEU B 334 -12.75 11.60 21.88
C LEU B 334 -13.53 12.83 22.39
N VAL B 335 -14.82 12.88 22.05
CA VAL B 335 -15.72 13.96 22.45
C VAL B 335 -15.24 15.35 22.06
N PHE B 336 -15.16 15.60 20.76
CA PHE B 336 -14.72 16.90 20.28
C PHE B 336 -15.86 17.91 20.18
N ASP B 337 -17.10 17.42 20.11
CA ASP B 337 -18.26 18.28 20.00
C ASP B 337 -18.41 19.15 21.25
N ASP B 338 -18.77 20.42 21.04
CA ASP B 338 -18.92 21.39 22.12
C ASP B 338 -20.18 22.27 21.99
N GLU B 339 -21.28 21.68 21.54
CA GLU B 339 -22.53 22.42 21.36
C GLU B 339 -23.25 22.85 22.64
N ASN B 340 -22.58 22.69 23.78
CA ASN B 340 -23.13 23.07 25.08
C ASN B 340 -23.24 24.59 25.19
N PHE B 341 -22.16 25.26 24.81
CA PHE B 341 -22.01 26.72 24.83
C PHE B 341 -23.14 27.55 24.18
N THR B 342 -23.85 26.95 23.23
CA THR B 342 -24.92 27.65 22.53
C THR B 342 -26.21 27.76 23.33
N HIS B 343 -26.63 26.64 23.92
CA HIS B 343 -27.87 26.64 24.69
C HIS B 343 -27.66 27.06 26.13
N THR B 344 -28.60 27.85 26.63
CA THR B 344 -28.66 28.54 27.87
C THR B 344 -29.40 27.59 28.82
N PRO B 345 -28.71 27.06 29.84
CA PRO B 345 -29.35 26.15 30.79
C PRO B 345 -30.35 26.89 31.66
N GLN B 346 -31.60 26.45 31.63
CA GLN B 346 -32.67 27.10 32.37
C GLN B 346 -33.22 26.32 33.57
N GLY B 347 -33.80 27.04 34.52
CA GLY B 347 -34.37 26.42 35.72
C GLY B 347 -33.55 26.65 36.98
N ASN B 348 -33.98 26.07 38.09
CA ASN B 348 -33.28 26.19 39.37
C ASN B 348 -32.04 25.32 39.27
N ILE B 349 -30.88 25.78 39.71
CA ILE B 349 -29.72 24.92 39.62
C ILE B 349 -29.62 23.94 40.79
N VAL B 350 -29.40 22.66 40.46
CA VAL B 350 -29.29 21.61 41.47
C VAL B 350 -27.90 20.99 41.52
N ILE B 351 -27.32 20.99 42.71
CA ILE B 351 -25.99 20.43 42.91
C ILE B 351 -26.10 18.96 43.33
N SER B 352 -25.19 18.14 42.82
CA SER B 352 -25.17 16.71 43.13
C SER B 352 -23.80 16.14 42.78
N ALA B 353 -23.41 15.08 43.48
CA ALA B 353 -22.12 14.46 43.24
C ALA B 353 -22.33 13.10 42.58
N PHE B 354 -21.28 12.60 41.95
CA PHE B 354 -21.30 11.30 41.28
C PHE B 354 -19.87 10.82 41.07
N GLU B 355 -19.69 9.51 40.99
CA GLU B 355 -18.36 8.92 40.82
C GLU B 355 -18.09 8.40 39.40
N GLN B 356 -16.87 7.93 39.18
CA GLN B 356 -16.47 7.40 37.87
C GLN B 356 -17.36 6.25 37.46
N THR B 357 -17.91 5.55 38.45
CA THR B 357 -18.80 4.42 38.18
C THR B 357 -19.89 4.85 37.22
N LEU B 358 -20.30 6.11 37.33
CA LEU B 358 -21.36 6.66 36.49
C LEU B 358 -21.08 6.47 35.00
N TRP B 359 -19.80 6.41 34.62
CA TRP B 359 -19.46 6.24 33.21
C TRP B 359 -20.07 5.02 32.55
N GLN B 360 -20.52 4.06 33.37
CA GLN B 360 -20.74 2.68 32.97
C GLN B 360 -22.27 2.65 32.94
N SER B 361 -22.89 3.04 34.05
CA SER B 361 -24.35 3.05 34.17
C SER B 361 -25.04 4.16 33.40
N ASP B 362 -24.55 5.39 33.54
CA ASP B 362 -25.14 6.52 32.84
C ASP B 362 -24.09 7.43 32.22
N PRO B 363 -23.58 7.06 31.03
CA PRO B 363 -22.56 7.85 30.33
C PRO B 363 -22.89 9.31 29.99
N GLU B 364 -24.15 9.61 29.69
CA GLU B 364 -24.52 10.97 29.32
C GLU B 364 -24.15 12.01 30.37
N THR B 365 -24.29 11.67 31.65
CA THR B 365 -23.96 12.62 32.71
C THR B 365 -22.50 13.03 32.62
N PRO B 366 -21.57 12.06 32.74
CA PRO B 366 -20.13 12.38 32.67
C PRO B 366 -19.76 13.04 31.35
N LEU B 367 -20.35 12.56 30.25
CA LEU B 367 -20.08 13.13 28.93
C LEU B 367 -20.39 14.62 28.95
N LYS B 368 -21.61 14.97 29.38
CA LYS B 368 -22.02 16.36 29.47
C LYS B 368 -21.07 17.16 30.38
N VAL B 369 -20.72 16.60 31.54
CA VAL B 369 -19.81 17.32 32.42
C VAL B 369 -18.48 17.56 31.72
N TYR B 370 -17.94 16.53 31.05
CA TYR B 370 -16.66 16.70 30.36
C TYR B 370 -16.73 17.81 29.30
N GLN B 371 -17.82 17.81 28.53
CA GLN B 371 -18.01 18.81 27.49
C GLN B 371 -17.93 20.22 28.04
N LEU B 372 -18.58 20.45 29.17
CA LEU B 372 -18.58 21.75 29.81
C LEU B 372 -17.18 22.09 30.32
N LEU B 373 -16.61 21.20 31.12
CA LEU B 373 -15.28 21.39 31.69
C LEU B 373 -14.19 21.61 30.64
N SER B 374 -14.19 20.79 29.58
CA SER B 374 -13.16 20.92 28.56
C SER B 374 -13.44 22.14 27.71
N GLY B 375 -14.73 22.44 27.54
CA GLY B 375 -15.12 23.58 26.73
C GLY B 375 -14.68 24.92 27.32
N ALA B 376 -14.48 24.97 28.63
CA ALA B 376 -14.10 26.22 29.25
C ALA B 376 -12.60 26.31 29.49
N HIS B 377 -11.86 25.29 29.08
CA HIS B 377 -10.42 25.30 29.29
C HIS B 377 -9.74 25.91 28.07
N TYR B 378 -8.55 26.47 28.26
CA TYR B 378 -7.84 27.09 27.15
C TYR B 378 -7.35 26.01 26.17
N ARG B 379 -7.08 24.82 26.68
CA ARG B 379 -6.63 23.73 25.83
C ARG B 379 -7.45 22.46 26.04
N THR B 380 -7.84 21.83 24.94
CA THR B 380 -8.58 20.58 25.03
C THR B 380 -7.57 19.47 24.75
N SER B 381 -7.79 18.30 25.34
CA SER B 381 -6.89 17.17 25.15
C SER B 381 -7.55 15.88 25.59
N PRO B 382 -7.46 14.83 24.75
CA PRO B 382 -8.06 13.55 25.13
C PRO B 382 -7.43 12.97 26.41
N LEU B 383 -6.26 13.48 26.79
CA LEU B 383 -5.59 13.02 28.01
C LEU B 383 -6.50 13.28 29.20
N ASP B 384 -7.13 14.45 29.20
CA ASP B 384 -8.05 14.80 30.25
C ASP B 384 -9.23 13.84 30.23
N LEU B 385 -9.78 13.57 29.06
CA LEU B 385 -10.89 12.64 28.97
C LEU B 385 -10.49 11.27 29.53
N ARG B 386 -9.30 10.77 29.15
CA ARG B 386 -8.83 9.47 29.66
C ARG B 386 -8.73 9.49 31.18
N ARG B 387 -8.23 10.59 31.72
CA ARG B 387 -8.06 10.70 33.15
C ARG B 387 -9.40 10.70 33.85
N ASP B 390 -10.89 6.88 33.47
CA ASP B 390 -10.30 5.74 34.18
C ASP B 390 -9.26 6.01 35.28
N ALA B 391 -8.71 7.21 35.35
CA ALA B 391 -7.71 7.49 36.38
C ALA B 391 -8.34 7.33 37.76
N PRO B 392 -7.57 6.82 38.73
CA PRO B 392 -8.08 6.63 40.09
C PRO B 392 -8.07 7.94 40.85
N GLY B 393 -8.89 8.03 41.89
CA GLY B 393 -8.95 9.22 42.71
C GLY B 393 -9.68 10.43 42.14
N GLN B 394 -10.48 10.23 41.10
CA GLN B 394 -11.21 11.33 40.48
C GLN B 394 -12.63 11.45 41.05
N HIS B 395 -13.08 12.66 41.39
CA HIS B 395 -14.43 12.86 41.90
C HIS B 395 -15.10 14.07 41.26
N PHE B 396 -16.40 13.94 40.99
CA PHE B 396 -17.15 15.01 40.36
C PHE B 396 -18.37 15.52 41.11
N LEU B 397 -18.78 16.72 40.71
CA LEU B 397 -19.95 17.41 41.25
C LEU B 397 -20.50 18.16 40.05
N GLN B 398 -21.80 18.13 39.85
CA GLN B 398 -22.39 18.86 38.73
C GLN B 398 -23.52 19.77 39.24
N ALA B 399 -23.78 20.84 38.49
CA ALA B 399 -24.85 21.79 38.80
C ALA B 399 -25.75 21.67 37.59
N ALA B 400 -26.91 21.05 37.76
CA ALA B 400 -27.79 20.86 36.61
C ALA B 400 -29.02 21.75 36.57
N GLY B 401 -29.34 22.18 35.36
CA GLY B 401 -30.49 23.01 35.13
C GLY B 401 -31.65 22.07 34.89
N GLU B 402 -32.56 22.47 34.00
CA GLU B 402 -33.72 21.64 33.71
C GLU B 402 -33.36 20.54 32.72
N ASN B 403 -32.72 20.92 31.62
CA ASN B 403 -32.33 19.95 30.59
C ASN B 403 -30.84 19.94 30.27
N GLU B 404 -30.06 20.75 30.99
CA GLU B 404 -28.61 20.82 30.74
C GLU B 404 -27.85 21.23 31.99
N ILE B 405 -26.53 21.01 31.96
CA ILE B 405 -25.68 21.37 33.09
C ILE B 405 -25.29 22.83 33.04
N ALA B 406 -25.16 23.43 34.20
CA ALA B 406 -24.79 24.84 34.27
C ALA B 406 -23.42 24.98 34.92
N GLY B 407 -22.90 23.88 35.42
CA GLY B 407 -21.60 23.90 36.09
C GLY B 407 -21.10 22.51 36.38
N ALA B 408 -19.83 22.42 36.78
CA ALA B 408 -19.19 21.15 37.10
C ALA B 408 -17.96 21.43 37.99
N LEU B 409 -17.58 20.41 38.69
CA LEU B 409 -16.41 20.47 39.54
C LEU B 409 -15.71 19.11 39.44
N TRP B 410 -14.39 19.15 39.30
CA TRP B 410 -13.60 17.93 39.14
C TRP B 410 -12.53 17.93 40.22
N LEU B 411 -12.60 16.98 41.15
CA LEU B 411 -11.60 16.89 42.22
C LEU B 411 -10.71 15.68 42.00
N VAL B 412 -9.55 15.69 42.64
CA VAL B 412 -8.62 14.59 42.57
C VAL B 412 -8.05 14.42 43.97
N ASP B 413 -8.02 13.19 44.46
CA ASP B 413 -7.48 12.92 45.79
C ASP B 413 -5.98 13.15 45.85
N GLU B 414 -5.50 13.65 46.97
CA GLU B 414 -4.08 13.91 47.15
C GLU B 414 -3.69 13.75 48.61
N GLY B 415 -2.39 13.63 48.85
CA GLY B 415 -1.87 13.49 50.20
C GLY B 415 -1.85 12.08 50.72
N GLY B 416 -1.79 11.94 52.03
CA GLY B 416 -1.76 10.62 52.62
C GLY B 416 -0.38 10.00 52.54
N LEU B 417 0.61 10.82 52.20
CA LEU B 417 1.97 10.32 52.11
C LEU B 417 2.48 9.97 53.50
N SER B 418 3.36 8.97 53.56
CA SER B 418 3.94 8.53 54.82
C SER B 418 4.80 9.67 55.36
N GLN B 419 5.13 9.59 56.65
CA GLN B 419 5.95 10.62 57.26
C GLN B 419 7.34 10.73 56.60
N GLN B 420 8.01 9.59 56.38
CA GLN B 420 9.34 9.60 55.77
C GLN B 420 9.31 10.25 54.38
N LEU B 421 8.38 9.82 53.54
CA LEU B 421 8.32 10.37 52.20
C LEU B 421 8.05 11.88 52.23
N SER B 422 7.15 12.30 53.11
CA SER B 422 6.83 13.73 53.22
C SER B 422 8.09 14.51 53.56
N GLN B 423 8.86 14.02 54.52
CA GLN B 423 10.09 14.68 54.92
C GLN B 423 11.08 14.76 53.78
N ALA B 424 11.18 13.68 53.02
CA ALA B 424 12.09 13.61 51.87
C ALA B 424 11.67 14.60 50.79
N VAL B 425 10.36 14.74 50.61
CA VAL B 425 9.82 15.66 49.62
C VAL B 425 10.15 17.09 50.06
N TRP B 426 9.99 17.34 51.35
CA TRP B 426 10.26 18.66 51.93
C TRP B 426 11.71 19.04 51.72
N ALA B 427 12.59 18.06 51.85
CA ALA B 427 14.02 18.31 51.68
C ALA B 427 14.43 18.32 50.21
N GLY B 428 13.50 17.98 49.33
CA GLY B 428 13.81 17.95 47.92
C GLY B 428 14.62 16.71 47.56
N PHE B 429 14.71 15.76 48.49
CA PHE B 429 15.46 14.52 48.26
C PHE B 429 14.70 13.56 47.34
N ARG B 430 13.40 13.80 47.18
CA ARG B 430 12.56 12.98 46.31
C ARG B 430 11.41 13.81 45.76
N ARG B 431 11.15 13.66 44.48
CA ARG B 431 10.09 14.40 43.80
C ARG B 431 9.35 13.47 42.86
N PRO B 432 8.50 12.60 43.42
CA PRO B 432 7.71 11.65 42.62
C PRO B 432 6.52 12.43 42.12
N ARG B 433 5.53 11.79 41.51
CA ARG B 433 4.42 12.57 41.06
C ARG B 433 3.07 12.14 41.55
N GLY B 434 2.04 12.86 41.09
CA GLY B 434 0.70 12.67 41.58
C GLY B 434 0.75 13.64 42.75
N ASN B 435 -0.34 13.80 43.49
CA ASN B 435 -0.32 14.70 44.65
C ASN B 435 0.38 16.05 44.38
N LEU B 436 -0.05 16.73 43.32
CA LEU B 436 0.51 18.02 42.93
C LEU B 436 0.63 19.00 44.10
N VAL B 437 -0.50 19.35 44.71
CA VAL B 437 -0.53 20.28 45.83
C VAL B 437 0.03 19.72 47.14
N ALA B 438 -0.33 18.46 47.44
CA ALA B 438 0.13 17.82 48.66
C ALA B 438 1.64 17.84 48.78
N GLN B 439 2.34 17.41 47.73
CA GLN B 439 3.79 17.40 47.79
C GLN B 439 4.32 18.83 47.74
N SER B 440 3.59 19.71 47.05
CA SER B 440 4.04 21.10 46.94
C SER B 440 4.03 21.75 48.32
N LEU B 441 3.00 21.44 49.11
CA LEU B 441 2.88 21.97 50.45
C LEU B 441 4.13 21.63 51.24
N ALA B 442 4.71 20.46 50.99
CA ALA B 442 5.91 20.05 51.70
C ALA B 442 7.19 20.61 51.07
N ALA B 443 7.35 20.42 49.76
CA ALA B 443 8.53 20.90 49.06
C ALA B 443 8.72 22.42 49.15
N HIS B 444 7.61 23.16 49.14
CA HIS B 444 7.67 24.62 49.22
C HIS B 444 7.19 25.20 50.54
N GLY B 445 6.55 24.39 51.38
CA GLY B 445 6.06 24.89 52.64
C GLY B 445 7.06 24.76 53.77
N ASN B 446 6.59 24.97 55.00
CA ASN B 446 7.50 24.86 56.14
C ASN B 446 7.32 23.61 56.99
N ASN B 447 6.24 22.88 56.78
CA ASN B 447 6.00 21.67 57.56
C ASN B 447 6.49 20.42 56.81
N PRO B 448 7.58 19.80 57.29
CA PRO B 448 8.11 18.60 56.63
C PRO B 448 7.08 17.48 56.56
N LEU B 449 6.03 17.58 57.38
CA LEU B 449 4.96 16.58 57.42
C LEU B 449 3.69 16.98 56.66
N ALA B 450 3.74 18.12 55.98
CA ALA B 450 2.59 18.64 55.23
C ALA B 450 1.99 17.65 54.22
N ALA B 451 2.83 16.80 53.66
CA ALA B 451 2.35 15.83 52.67
C ALA B 451 1.56 14.68 53.31
N THR B 452 1.67 14.52 54.62
CA THR B 452 0.94 13.45 55.30
C THR B 452 -0.56 13.71 55.35
N LEU B 453 -0.97 14.98 55.32
CA LEU B 453 -2.39 15.30 55.38
C LEU B 453 -3.12 14.94 54.09
N ARG B 454 -4.40 14.59 54.21
CA ARG B 454 -5.19 14.20 53.04
C ARG B 454 -6.06 15.34 52.55
N GLY B 455 -6.28 15.39 51.23
CA GLY B 455 -7.10 16.45 50.67
C GLY B 455 -7.57 16.12 49.26
N ARG B 456 -8.44 16.97 48.72
CA ARG B 456 -8.93 16.80 47.37
C ARG B 456 -8.66 18.11 46.64
N ARG B 457 -7.83 18.03 45.61
CA ARG B 457 -7.48 19.19 44.83
C ARG B 457 -8.53 19.44 43.78
N VAL B 458 -8.83 20.71 43.54
CA VAL B 458 -9.78 21.08 42.50
C VAL B 458 -9.01 21.11 41.19
N SER B 459 -9.25 20.14 40.32
CA SER B 459 -8.56 20.06 39.03
C SER B 459 -9.22 21.01 38.02
N ARG B 460 -10.55 21.02 38.01
CA ARG B 460 -11.30 21.89 37.11
C ARG B 460 -12.65 22.26 37.70
N ILE B 461 -13.11 23.47 37.39
CA ILE B 461 -14.41 23.94 37.85
C ILE B 461 -14.89 24.89 36.75
N ALA B 462 -16.16 24.79 36.39
CA ALA B 462 -16.68 25.66 35.34
C ALA B 462 -18.18 25.85 35.45
N VAL B 463 -18.62 27.09 35.27
CA VAL B 463 -20.02 27.47 35.31
C VAL B 463 -20.38 28.06 33.96
N HIS B 464 -21.44 27.56 33.34
CA HIS B 464 -21.87 28.05 32.05
C HIS B 464 -21.90 29.59 32.09
N PRO B 465 -21.32 30.23 31.08
CA PRO B 465 -21.27 31.69 31.02
C PRO B 465 -22.64 32.36 31.14
N ALA B 466 -23.69 31.70 30.68
CA ALA B 466 -25.03 32.28 30.73
C ALA B 466 -25.67 32.21 32.10
N ARG B 467 -24.99 31.57 33.05
CA ARG B 467 -25.53 31.46 34.39
C ARG B 467 -24.49 31.79 35.43
N GLN B 468 -23.53 32.64 35.08
CA GLN B 468 -22.46 32.99 35.99
C GLN B 468 -22.93 33.95 37.07
N ARG B 469 -22.08 34.12 38.08
CA ARG B 469 -22.36 35.00 39.20
C ARG B 469 -23.70 34.84 39.88
N GLU B 470 -24.13 33.59 40.00
CA GLU B 470 -25.39 33.23 40.66
C GLU B 470 -25.11 32.44 41.94
N GLY B 471 -23.83 32.19 42.23
CA GLY B 471 -23.48 31.44 43.42
C GLY B 471 -23.27 29.95 43.16
N THR B 472 -23.51 29.54 41.93
CA THR B 472 -23.37 28.14 41.53
C THR B 472 -21.94 27.66 41.71
N GLY B 473 -20.99 28.49 41.34
CA GLY B 473 -19.60 28.10 41.49
C GLY B 473 -19.29 27.68 42.91
N ARG B 474 -19.63 28.55 43.86
CA ARG B 474 -19.38 28.28 45.27
C ARG B 474 -20.29 27.18 45.80
N GLN B 475 -21.46 27.02 45.20
CA GLN B 475 -22.39 25.99 45.61
C GLN B 475 -21.79 24.65 45.18
N LEU B 476 -20.93 24.70 44.18
CA LEU B 476 -20.28 23.51 43.67
C LEU B 476 -19.24 23.09 44.69
N ILE B 477 -18.49 24.05 45.20
CA ILE B 477 -17.49 23.78 46.20
C ILE B 477 -18.20 23.30 47.47
N ALA B 478 -19.22 24.04 47.91
CA ALA B 478 -19.95 23.64 49.12
C ALA B 478 -20.42 22.19 49.00
N GLY B 479 -20.84 21.81 47.81
CA GLY B 479 -21.30 20.45 47.61
C GLY B 479 -20.14 19.48 47.81
N ALA B 480 -18.94 19.93 47.43
CA ALA B 480 -17.74 19.12 47.54
C ALA B 480 -17.41 18.89 49.00
N LEU B 481 -17.70 19.89 49.83
CA LEU B 481 -17.44 19.77 51.27
C LEU B 481 -18.58 18.99 51.91
N GLN B 482 -19.77 19.11 51.32
CA GLN B 482 -20.97 18.49 51.88
C GLN B 482 -20.98 17.07 52.41
N TYR B 483 -20.69 16.09 51.58
CA TYR B 483 -20.69 14.73 52.10
C TYR B 483 -19.27 14.22 52.25
N THR B 484 -18.33 15.05 51.85
CA THR B 484 -16.93 14.69 51.95
C THR B 484 -16.49 15.01 53.37
N GLN B 485 -15.80 14.06 53.98
CA GLN B 485 -15.30 14.20 55.33
C GLN B 485 -14.14 13.22 55.35
N ASP B 486 -13.37 13.23 56.42
CA ASP B 486 -12.20 12.34 56.51
C ASP B 486 -11.12 12.92 55.60
N LEU B 487 -11.15 14.23 55.43
CA LEU B 487 -10.18 14.95 54.63
C LEU B 487 -9.64 16.04 55.54
N ASP B 488 -8.48 16.59 55.21
CA ASP B 488 -7.92 17.63 56.02
C ASP B 488 -8.19 18.98 55.35
N TYR B 489 -8.41 18.96 54.04
CA TYR B 489 -8.67 20.18 53.31
C TYR B 489 -8.99 19.99 51.84
N LEU B 490 -9.33 21.11 51.21
CA LEU B 490 -9.63 21.15 49.80
C LEU B 490 -8.54 22.10 49.30
N SER B 491 -8.04 21.89 48.08
CA SER B 491 -6.99 22.75 47.56
C SER B 491 -7.16 23.08 46.09
N VAL B 492 -6.46 24.14 45.65
CA VAL B 492 -6.50 24.56 44.25
C VAL B 492 -5.17 25.19 43.88
N SER B 493 -4.77 24.96 42.63
CA SER B 493 -3.54 25.52 42.08
C SER B 493 -4.05 26.23 40.86
N PHE B 494 -3.74 27.52 40.72
CA PHE B 494 -4.24 28.26 39.58
C PHE B 494 -3.34 29.42 39.14
N GLY B 495 -3.53 29.86 37.90
CA GLY B 495 -2.76 30.99 37.38
C GLY B 495 -3.30 32.21 38.10
N TYR B 496 -2.48 32.84 38.93
CA TYR B 496 -2.93 33.99 39.69
C TYR B 496 -3.50 35.13 38.86
N THR B 497 -4.65 35.62 39.30
CA THR B 497 -5.37 36.72 38.68
C THR B 497 -6.20 37.34 39.80
N GLY B 498 -6.11 38.67 39.94
CA GLY B 498 -6.86 39.35 40.97
C GLY B 498 -8.26 38.80 41.03
N GLU B 499 -8.86 38.66 39.86
CA GLU B 499 -10.20 38.14 39.79
C GLU B 499 -10.30 36.68 40.23
N LEU B 500 -9.67 35.76 39.52
CA LEU B 500 -9.80 34.39 39.95
C LEU B 500 -9.54 34.22 41.45
N TRP B 501 -8.56 34.93 41.98
CA TRP B 501 -8.26 34.80 43.40
C TRP B 501 -9.43 35.08 44.36
N ARG B 502 -10.05 36.26 44.31
CA ARG B 502 -11.09 36.45 45.28
C ARG B 502 -12.35 35.61 45.05
N PHE B 503 -12.39 34.87 43.96
CA PHE B 503 -13.52 33.96 43.76
C PHE B 503 -13.22 32.83 44.75
N TRP B 504 -11.98 32.36 44.73
CA TRP B 504 -11.54 31.31 45.63
C TRP B 504 -11.57 31.81 47.07
N GLN B 505 -11.12 33.03 47.27
CA GLN B 505 -11.10 33.62 48.62
C GLN B 505 -12.52 33.72 49.17
N ARG B 506 -13.46 34.10 48.31
CA ARG B 506 -14.83 34.22 48.77
C ARG B 506 -15.52 32.87 48.82
N CYS B 507 -14.76 31.84 48.50
CA CYS B 507 -15.28 30.49 48.55
C CYS B 507 -14.73 29.87 49.86
N GLY B 508 -13.87 30.63 50.54
CA GLY B 508 -13.33 30.15 51.79
C GLY B 508 -11.88 29.66 51.74
N PHE B 509 -11.23 29.80 50.58
CA PHE B 509 -9.85 29.37 50.46
C PHE B 509 -8.88 30.35 51.07
N VAL B 510 -7.72 29.84 51.46
CA VAL B 510 -6.66 30.64 52.08
C VAL B 510 -5.43 30.58 51.19
N LEU B 511 -4.92 31.75 50.81
CA LEU B 511 -3.74 31.82 49.96
C LEU B 511 -2.54 31.28 50.72
N VAL B 512 -1.87 30.28 50.14
CA VAL B 512 -0.72 29.63 50.77
C VAL B 512 0.62 29.77 50.05
N ARG B 513 0.58 30.02 48.74
CA ARG B 513 1.82 30.16 47.98
C ARG B 513 1.65 30.88 46.65
N GLY B 515 3.95 31.29 43.19
CA GLY B 515 5.15 30.85 42.49
C GLY B 515 5.99 31.98 41.90
N ASN B 516 7.14 31.61 41.35
CA ASN B 516 8.06 32.57 40.76
C ASN B 516 8.31 32.34 39.27
N HIS B 517 7.49 31.51 38.63
CA HIS B 517 7.65 31.24 37.21
C HIS B 517 6.34 31.42 36.47
N ARG B 518 6.33 32.37 35.53
CA ARG B 518 5.13 32.65 34.75
C ARG B 518 4.73 31.48 33.86
N GLU B 519 3.44 31.19 33.86
CA GLU B 519 2.90 30.10 33.07
C GLU B 519 3.06 30.40 31.59
N ALA B 520 3.65 29.44 30.87
CA ALA B 520 3.90 29.57 29.45
C ALA B 520 2.69 30.03 28.64
N SER B 521 1.51 29.52 28.97
CA SER B 521 0.31 29.90 28.23
C SER B 521 -0.40 31.15 28.73
N SER B 522 -0.67 31.20 30.04
CA SER B 522 -1.39 32.32 30.63
C SER B 522 -0.52 33.53 30.93
N GLY B 523 0.73 33.28 31.31
CA GLY B 523 1.62 34.36 31.66
C GLY B 523 1.47 34.74 33.13
N CYS B 524 0.71 33.94 33.87
CA CYS B 524 0.49 34.18 35.30
C CYS B 524 1.35 33.30 36.20
N TYR B 525 1.66 33.81 37.39
CA TYR B 525 2.44 33.05 38.34
C TYR B 525 1.42 32.08 38.93
N THR B 526 1.88 30.91 39.37
CA THR B 526 0.97 29.93 39.93
C THR B 526 0.77 30.13 41.42
N ALA B 527 -0.47 30.27 41.84
CA ALA B 527 -0.78 30.43 43.25
C ALA B 527 -1.49 29.18 43.76
N ALA B 529 -4.04 27.62 47.00
CA ALA B 529 -4.92 27.95 48.09
C ALA B 529 -5.59 26.72 48.72
N LEU B 530 -5.81 26.79 50.02
CA LEU B 530 -6.42 25.71 50.79
C LEU B 530 -7.72 26.11 51.48
N LEU B 531 -8.66 25.18 51.53
CA LEU B 531 -9.93 25.37 52.23
C LEU B 531 -9.85 24.30 53.31
N PRO B 532 -9.45 24.67 54.53
CA PRO B 532 -9.33 23.70 55.63
C PRO B 532 -10.61 22.97 56.03
N SER B 534 -10.13 20.30 58.54
CA SER B 534 -9.77 19.69 59.81
C SER B 534 -8.91 20.64 60.59
N ASP B 535 -8.64 20.30 61.84
CA ASP B 535 -7.79 21.14 62.67
C ASP B 535 -6.38 21.18 62.09
N ALA B 536 -5.90 20.02 61.63
CA ALA B 536 -4.58 19.96 61.05
C ALA B 536 -4.58 20.84 59.81
N GLY B 537 -5.61 20.69 59.00
CA GLY B 537 -5.72 21.49 57.80
C GLY B 537 -5.81 22.98 58.09
N LYS B 538 -6.50 23.34 59.16
CA LYS B 538 -6.65 24.75 59.51
C LYS B 538 -5.32 25.30 59.98
N GLN B 539 -4.61 24.52 60.79
CA GLN B 539 -3.33 24.94 61.30
C GLN B 539 -2.30 25.08 60.19
N LEU B 540 -2.37 24.18 59.21
CA LEU B 540 -1.41 24.22 58.10
C LEU B 540 -1.65 25.46 57.24
N ALA B 541 -2.91 25.73 56.91
CA ALA B 541 -3.24 26.88 56.07
C ALA B 541 -2.88 28.21 56.70
N GLU B 542 -3.21 28.35 57.98
CA GLU B 542 -2.92 29.60 58.69
C GLU B 542 -1.42 29.80 58.78
N ARG B 543 -0.69 28.76 59.16
CA ARG B 543 0.75 28.88 59.30
C ARG B 543 1.40 29.26 57.99
N GLU B 544 1.08 28.55 56.93
CA GLU B 544 1.65 28.86 55.63
C GLU B 544 1.22 30.24 55.18
N HIS B 545 -0.02 30.63 55.47
CA HIS B 545 -0.51 31.96 55.08
C HIS B 545 0.30 33.03 55.80
N TYR B 546 0.61 32.77 57.06
CA TYR B 546 1.39 33.70 57.86
C TYR B 546 2.79 33.82 57.23
N ARG B 547 3.33 32.68 56.82
CA ARG B 547 4.64 32.60 56.19
C ARG B 547 4.66 33.47 54.92
N LEU B 548 3.63 33.30 54.11
CA LEU B 548 3.51 34.05 52.86
C LEU B 548 3.48 35.56 53.15
N ARG B 549 2.88 35.95 54.27
CA ARG B 549 2.83 37.37 54.61
C ARG B 549 4.22 37.90 54.95
N ARG B 550 5.06 37.05 55.52
CA ARG B 550 6.42 37.46 55.86
C ARG B 550 7.35 37.52 54.65
N ASP B 551 6.99 36.79 53.59
CA ASP B 551 7.81 36.77 52.38
C ASP B 551 7.24 37.66 51.29
N ALA B 552 6.03 38.16 51.52
CA ALA B 552 5.35 39.02 50.56
C ALA B 552 6.22 40.09 49.91
N GLN B 553 7.02 40.80 50.69
CA GLN B 553 7.86 41.84 50.12
C GLN B 553 8.90 41.24 49.17
N ALA B 554 9.70 40.31 49.66
CA ALA B 554 10.72 39.67 48.85
C ALA B 554 10.10 39.08 47.57
N LEU B 555 8.95 38.46 47.71
CA LEU B 555 8.28 37.87 46.56
C LEU B 555 7.84 38.92 45.54
N ALA B 556 7.06 39.90 45.98
CA ALA B 556 6.59 40.94 45.08
C ALA B 556 7.73 41.61 44.30
N GLN B 557 8.88 41.80 44.95
CA GLN B 557 10.02 42.43 44.29
C GLN B 557 10.65 41.49 43.27
N TRP B 558 10.62 40.19 43.56
CA TRP B 558 11.20 39.24 42.64
C TRP B 558 10.32 38.97 41.44
N ASN B 559 9.00 38.94 41.64
CA ASN B 559 8.10 38.67 40.52
C ASN B 559 7.69 39.90 39.73
N GLY B 560 7.69 41.06 40.39
CA GLY B 560 7.29 42.29 39.73
C GLY B 560 5.79 42.50 39.87
N GLU B 561 5.17 41.82 40.83
CA GLU B 561 3.74 41.93 41.09
C GLU B 561 3.51 41.76 42.58
N THR B 562 2.74 42.67 43.16
CA THR B 562 2.49 42.60 44.58
C THR B 562 1.49 41.49 44.89
N LEU B 563 1.66 40.87 46.05
CA LEU B 563 0.78 39.80 46.50
C LEU B 563 -0.37 40.45 47.29
N PRO B 564 -1.58 39.90 47.15
CA PRO B 564 -2.76 40.43 47.85
C PRO B 564 -2.90 39.99 49.30
N VAL B 565 -1.87 40.23 50.09
CA VAL B 565 -1.88 39.87 51.49
C VAL B 565 -1.21 41.03 52.21
N ASP B 566 -1.41 41.13 53.51
CA ASP B 566 -0.78 42.21 54.24
C ASP B 566 0.58 41.77 54.73
N PRO B 567 1.64 42.29 54.10
CA PRO B 567 3.03 41.98 54.42
C PRO B 567 3.54 42.32 55.81
N LEU B 568 4.34 41.41 56.32
CA LEU B 568 4.97 41.56 57.60
C LEU B 568 6.45 41.70 57.26
N ASN B 569 7.07 42.87 57.45
CA ASN B 569 8.47 43.04 57.05
C ASN B 569 9.57 42.80 58.11
N ASP B 570 9.22 42.33 59.30
CA ASP B 570 10.30 42.05 60.27
C ASP B 570 11.35 41.10 59.70
N ALA B 571 12.61 41.54 59.67
CA ALA B 571 13.69 40.75 59.13
C ALA B 571 14.30 39.79 60.16
N VAL B 572 13.66 39.66 61.32
CA VAL B 572 14.19 38.79 62.35
C VAL B 572 14.00 37.31 61.97
N LEU B 573 15.01 36.50 62.29
CA LEU B 573 14.98 35.09 61.98
C LEU B 573 14.06 34.28 62.89
N SER B 574 13.06 33.67 62.30
CA SER B 574 12.11 32.84 63.02
C SER B 574 12.69 31.45 63.23
N ASP B 575 12.03 30.65 64.06
CA ASP B 575 12.49 29.29 64.28
C ASP B 575 12.16 28.49 63.02
N ASP B 576 11.08 28.88 62.35
CA ASP B 576 10.69 28.22 61.12
C ASP B 576 11.70 28.59 60.05
N ASP B 577 12.22 29.82 60.12
CA ASP B 577 13.22 30.27 59.15
C ASP B 577 14.45 29.38 59.24
N TRP B 578 14.90 29.13 60.46
CA TRP B 578 16.08 28.31 60.69
C TRP B 578 15.96 26.91 60.12
N LEU B 579 14.76 26.35 60.20
CA LEU B 579 14.52 25.01 59.68
C LEU B 579 14.65 25.06 58.16
N GLU B 580 13.99 26.03 57.53
CA GLU B 580 14.02 26.20 56.09
C GLU B 580 15.44 26.44 55.62
N LEU B 581 16.10 27.37 56.29
CA LEU B 581 17.46 27.74 55.97
C LEU B 581 18.36 26.51 55.97
N ALA B 582 18.19 25.66 56.98
CA ALA B 582 18.99 24.44 57.08
C ALA B 582 18.64 23.50 55.91
N GLY B 583 17.38 23.50 55.53
CA GLY B 583 16.94 22.66 54.42
C GLY B 583 17.60 23.11 53.13
N PHE B 584 17.88 24.40 53.01
CA PHE B 584 18.54 24.93 51.83
C PHE B 584 20.04 24.68 51.91
N ALA B 585 20.57 24.80 53.13
CA ALA B 585 21.99 24.62 53.36
C ALA B 585 22.50 23.18 53.33
N PHE B 586 21.70 22.30 53.92
CA PHE B 586 22.14 20.92 54.01
C PHE B 586 21.34 19.93 53.24
N ALA B 587 20.41 20.39 52.43
CA ALA B 587 19.53 19.54 51.63
C ALA B 587 19.34 20.20 50.27
N HIS B 588 18.26 19.92 49.58
CA HIS B 588 18.06 20.46 48.24
C HIS B 588 16.83 21.31 48.05
N ARG B 589 16.51 22.14 49.04
CA ARG B 589 15.39 23.04 48.88
C ARG B 589 15.83 24.06 47.83
N PRO B 590 14.94 24.40 46.90
CA PRO B 590 15.28 25.36 45.85
C PRO B 590 15.54 26.77 46.41
N LEU B 591 16.31 27.56 45.68
CA LEU B 591 16.66 28.92 46.08
C LEU B 591 15.40 29.81 46.21
N LEU B 592 14.63 29.94 45.13
CA LEU B 592 13.41 30.77 45.13
C LEU B 592 12.39 30.34 46.19
N THR B 593 12.45 29.07 46.55
CA THR B 593 11.56 28.53 47.58
C THR B 593 12.04 29.11 48.91
N SER B 594 13.35 29.36 48.99
CA SER B 594 13.97 29.90 50.18
C SER B 594 14.21 31.41 50.09
N LEU B 595 13.63 32.06 49.09
CA LEU B 595 13.82 33.50 48.88
C LEU B 595 13.59 34.32 50.15
N GLY B 596 12.44 34.15 50.77
CA GLY B 596 12.12 34.88 51.97
C GLY B 596 13.11 34.71 53.10
N CYS B 597 13.25 33.48 53.60
CA CYS B 597 14.17 33.21 54.70
C CYS B 597 15.63 33.54 54.38
N LEU B 598 16.01 33.44 53.12
CA LEU B 598 17.40 33.72 52.71
C LEU B 598 17.72 35.23 52.81
N LEU B 599 16.76 36.07 52.39
CA LEU B 599 16.94 37.51 52.46
C LEU B 599 17.05 37.91 53.92
N ARG B 600 16.22 37.32 54.77
CA ARG B 600 16.25 37.61 56.20
C ARG B 600 17.57 37.19 56.77
N LEU B 601 18.10 36.07 56.31
CA LEU B 601 19.39 35.60 56.81
C LEU B 601 20.49 36.58 56.42
N LEU B 602 20.40 37.15 55.22
CA LEU B 602 21.39 38.09 54.73
C LEU B 602 21.38 39.42 55.49
N GLN B 603 20.18 39.88 55.89
CA GLN B 603 20.09 41.12 56.65
C GLN B 603 20.78 40.98 58.00
N THR B 604 20.73 39.78 58.56
CA THR B 604 21.33 39.53 59.87
C THR B 604 22.74 39.01 59.81
N SER B 605 23.09 38.34 58.71
CA SER B 605 24.43 37.81 58.56
C SER B 605 25.45 38.90 58.27
N GLU B 606 26.61 38.79 58.90
CA GLU B 606 27.68 39.75 58.71
C GLU B 606 28.72 39.26 57.72
N LEU B 607 28.50 38.06 57.17
CA LEU B 607 29.41 37.47 56.20
C LEU B 607 29.20 38.01 54.78
N ALA B 608 30.23 37.96 53.94
CA ALA B 608 30.12 38.46 52.58
C ALA B 608 29.05 37.74 51.76
N LEU B 609 29.11 36.41 51.73
CA LEU B 609 28.15 35.61 50.96
C LEU B 609 27.90 36.23 49.57
N PRO B 610 28.95 36.38 48.76
CA PRO B 610 28.85 36.95 47.42
C PRO B 610 27.88 36.28 46.45
N ALA B 611 27.88 34.95 46.41
CA ALA B 611 27.00 34.21 45.51
C ALA B 611 25.54 34.46 45.87
N LEU B 612 25.27 34.49 47.16
CA LEU B 612 23.91 34.71 47.62
C LEU B 612 23.49 36.18 47.45
N ARG B 613 24.33 37.11 47.93
CA ARG B 613 23.99 38.53 47.83
C ARG B 613 23.90 39.02 46.38
N GLY B 614 24.86 38.60 45.56
CA GLY B 614 24.87 38.99 44.17
C GLY B 614 23.57 38.70 43.44
N ARG B 615 22.97 37.55 43.71
CA ARG B 615 21.73 37.16 43.08
C ARG B 615 20.51 37.68 43.81
N LEU B 616 20.49 37.52 45.13
CA LEU B 616 19.33 37.94 45.92
C LEU B 616 19.31 39.41 46.35
N GLN B 617 20.49 39.99 46.58
CA GLN B 617 20.36 41.56 46.64
C GLN B 617 20.58 42.45 45.41
N LYS B 618 21.56 42.09 44.57
CA LYS B 618 21.90 42.87 43.39
C LYS B 618 21.26 42.42 42.08
N ASN B 619 20.59 41.27 42.11
CA ASN B 619 19.93 40.75 40.91
C ASN B 619 20.93 40.50 39.78
N ALA B 620 22.13 40.03 40.11
CA ALA B 620 23.14 39.71 39.12
C ALA B 620 22.66 38.43 38.44
N SER B 621 23.15 38.16 37.23
CA SER B 621 22.76 36.96 36.50
C SER B 621 23.66 35.80 36.90
N ASP B 622 23.18 34.58 36.74
CA ASP B 622 23.98 33.42 37.10
C ASP B 622 25.29 33.44 36.33
N ALA B 623 25.20 33.73 35.03
CA ALA B 623 26.36 33.80 34.17
C ALA B 623 27.35 34.79 34.77
N GLN B 624 26.81 35.93 35.20
CA GLN B 624 27.61 36.98 35.82
C GLN B 624 28.32 36.42 37.06
N LEU B 625 27.55 35.80 37.96
CA LEU B 625 28.13 35.22 39.19
C LEU B 625 29.17 34.13 38.93
N CYS B 626 28.92 33.30 37.94
CA CYS B 626 29.84 32.20 37.60
C CYS B 626 31.24 32.65 37.20
N THR B 627 31.34 33.70 36.38
CA THR B 627 32.65 34.17 35.97
C THR B 627 33.37 34.86 37.12
N THR B 628 32.67 35.76 37.82
CA THR B 628 33.32 36.45 38.93
C THR B 628 33.77 35.50 40.02
N LEU B 629 32.91 34.54 40.38
CA LEU B 629 33.25 33.56 41.41
C LEU B 629 34.08 32.41 40.85
N LYS B 630 34.15 32.34 39.52
CA LYS B 630 34.94 31.31 38.83
C LYS B 630 34.39 29.92 39.06
N LEU B 631 33.09 29.78 38.87
CA LEU B 631 32.42 28.49 39.04
C LEU B 631 32.06 27.94 37.67
N SER B 632 32.12 26.62 37.55
CA SER B 632 31.85 25.92 36.29
C SER B 632 30.43 25.91 35.79
N GLY B 633 29.56 26.73 36.34
CA GLY B 633 28.19 26.74 35.85
C GLY B 633 27.09 26.72 36.90
N ARG B 634 25.87 27.00 36.44
CA ARG B 634 24.69 27.05 37.29
C ARG B 634 24.62 26.01 38.42
N LYS B 635 25.06 24.80 38.13
CA LYS B 635 25.02 23.75 39.13
C LYS B 635 25.97 24.08 40.25
N LEU B 637 27.13 26.91 41.02
CA LEU B 637 26.74 28.16 41.67
C LEU B 637 25.86 27.83 42.86
N LEU B 638 24.78 27.11 42.58
CA LEU B 638 23.80 26.69 43.59
C LEU B 638 24.50 25.97 44.74
N VAL B 639 25.50 25.15 44.41
CA VAL B 639 26.23 24.45 45.45
C VAL B 639 26.92 25.49 46.32
N ARG B 640 27.50 26.51 45.69
CA ARG B 640 28.20 27.58 46.42
C ARG B 640 27.24 28.31 47.35
N GLN B 641 26.09 28.68 46.79
CA GLN B 641 25.08 29.37 47.56
C GLN B 641 24.68 28.57 48.79
N ARG B 642 24.54 27.25 48.64
CA ARG B 642 24.16 26.40 49.77
C ARG B 642 25.29 26.40 50.77
N GLU B 643 26.52 26.36 50.28
CA GLU B 643 27.67 26.38 51.16
C GLU B 643 27.67 27.69 51.95
N GLU B 644 27.43 28.80 51.26
CA GLU B 644 27.40 30.11 51.93
C GLU B 644 26.32 30.13 53.01
N ALA B 645 25.14 29.63 52.68
CA ALA B 645 24.05 29.62 53.65
C ALA B 645 24.48 28.87 54.90
N ALA B 646 25.19 27.76 54.71
CA ALA B 646 25.65 26.94 55.82
C ALA B 646 26.63 27.71 56.69
N GLN B 647 27.56 28.41 56.04
CA GLN B 647 28.55 29.19 56.77
C GLN B 647 27.89 30.27 57.62
N ALA B 648 26.95 30.99 57.01
CA ALA B 648 26.24 32.05 57.70
C ALA B 648 25.60 31.48 58.95
N LEU B 649 24.86 30.40 58.78
CA LEU B 649 24.18 29.77 59.90
C LEU B 649 25.16 29.41 61.02
N PHE B 650 26.30 28.84 60.65
CA PHE B 650 27.29 28.46 61.66
C PHE B 650 27.83 29.65 62.45
N ALA B 651 28.08 30.76 61.77
CA ALA B 651 28.60 31.96 62.41
C ALA B 651 27.57 32.51 63.39
N LEU B 652 26.30 32.31 63.07
CA LEU B 652 25.21 32.79 63.91
C LEU B 652 25.01 31.92 65.15
N ASN B 653 24.90 30.61 64.94
CA ASN B 653 24.69 29.67 66.04
C ASN B 653 25.28 28.31 65.62
N ASP B 654 26.46 27.99 66.13
CA ASP B 654 27.14 26.75 65.77
C ASP B 654 26.41 25.47 66.21
N VAL B 655 26.04 25.40 67.48
CA VAL B 655 25.35 24.22 67.99
C VAL B 655 23.96 24.03 67.39
N ARG B 656 23.27 25.12 67.12
CA ARG B 656 21.93 24.99 66.56
C ARG B 656 21.99 24.44 65.15
N THR B 657 22.93 24.93 64.35
CA THR B 657 23.05 24.48 62.97
C THR B 657 23.49 23.02 62.89
N GLU B 658 24.40 22.62 63.77
CA GLU B 658 24.87 21.23 63.78
C GLU B 658 23.67 20.28 63.95
N ARG B 659 22.85 20.52 64.96
CA ARG B 659 21.69 19.69 65.20
C ARG B 659 20.75 19.69 64.02
N LEU B 660 20.57 20.86 63.40
CA LEU B 660 19.66 20.96 62.27
C LEU B 660 20.15 20.16 61.06
N ARG B 661 21.45 20.24 60.78
CA ARG B 661 22.06 19.51 59.68
C ARG B 661 21.93 18.01 59.92
N ASP B 662 22.25 17.58 61.15
CA ASP B 662 22.16 16.16 61.48
C ASP B 662 20.75 15.65 61.26
N ARG B 663 19.78 16.41 61.75
CA ARG B 663 18.38 16.07 61.62
C ARG B 663 17.98 15.91 60.17
N ILE B 664 18.22 16.95 59.39
CA ILE B 664 17.85 16.95 57.97
C ILE B 664 18.57 15.92 57.10
N THR B 665 19.88 15.80 57.25
CA THR B 665 20.64 14.84 56.45
C THR B 665 20.10 13.43 56.63
N GLN B 666 19.50 13.14 57.78
CA GLN B 666 18.92 11.82 58.03
C GLN B 666 17.67 11.55 57.19
N TRP B 667 16.93 12.60 56.82
CA TRP B 667 15.74 12.41 56.02
C TRP B 667 16.09 12.06 54.56
N GLN B 668 17.37 12.12 54.24
CA GLN B 668 17.86 11.82 52.90
C GLN B 668 17.90 10.34 52.55
N LEU B 669 17.81 9.50 53.60
CA LEU B 669 17.85 8.05 53.50
C LEU B 669 16.55 7.45 53.12
N PHE B 670 15.79 8.12 52.31
CA PHE B 670 14.55 7.49 51.87
C PHE B 670 14.55 7.43 50.35
#